data_5FYJ
#
_entry.id   5FYJ
#
_cell.length_a   127.160
_cell.length_b   127.160
_cell.length_c   313.650
_cell.angle_alpha   90.00
_cell.angle_beta   90.00
_cell.angle_gamma   120.00
#
_symmetry.space_group_name_H-M   'P 63'
#
loop_
_entity.id
_entity.type
_entity.pdbx_description
1 polymer 'GP41 ENV ECTODOMAIN'
2 polymer 35O22
3 polymer 35O22
4 polymer 'GP120 ENV ECTODOMAIN'
5 polymer PGT122
6 polymer PGT122
7 polymer VRC01
8 branched 2-acetamido-2-deoxy-beta-D-glucopyranose-(1-4)-2-acetamido-2-deoxy-beta-D-glucopyranose
9 branched beta-D-mannopyranose-(1-4)-2-acetamido-2-deoxy-beta-D-glucopyranose-(1-4)-2-acetamido-2-deoxy-beta-D-glucopyranose
10 branched alpha-D-mannopyranose-(1-2)-alpha-D-mannopyranose-(1-3)-[alpha-D-mannopyranose-(1-3)-[alpha-D-mannopyranose-(1-6)]alpha-D-mannopyranose-(1-6)]beta-D-mannopyranose-(1-4)-2-acetamido-2-deoxy-beta-D-glucopyranose-(1-4)-2-acetamido-2-deoxy-beta-D-glucopyranose
11 branched alpha-D-mannopyranose-(1-2)-alpha-D-mannopyranose-(1-2)-alpha-D-mannopyranose-(1-3)-[alpha-D-mannopyranose-(1-2)-alpha-D-mannopyranose-(1-3)-[alpha-D-mannopyranose-(1-2)-alpha-D-mannopyranose-(1-6)]alpha-D-mannopyranose-(1-6)]beta-D-mannopyranose-(1-4)-2-acetamido-2-deoxy-beta-D-glucopyranose-(1-4)-2-acetamido-2-deoxy-beta-D-glucopyranose
12 branched alpha-D-mannopyranose-(1-2)-alpha-D-mannopyranose-(1-2)-alpha-D-mannopyranose-(1-3)-[alpha-D-mannopyranose-(1-2)-alpha-D-mannopyranose-(1-3)-[alpha-D-mannopyranose-(1-6)]alpha-D-mannopyranose-(1-6)]beta-D-mannopyranose-(1-4)-2-acetamido-2-deoxy-beta-D-glucopyranose-(1-4)-2-acetamido-2-deoxy-beta-D-glucopyranose
13 branched alpha-D-mannopyranose-(1-2)-alpha-D-mannopyranose-(1-3)-[alpha-D-mannopyranose-(1-6)]beta-D-mannopyranose-(1-4)-2-acetamido-2-deoxy-beta-D-glucopyranose-(1-4)-2-acetamido-2-deoxy-beta-D-glucopyranose
14 branched alpha-D-mannopyranose-(1-2)-alpha-D-mannopyranose-(1-3)-[alpha-D-mannopyranose-(1-3)-alpha-D-mannopyranose-(1-6)]beta-D-mannopyranose-(1-4)-2-acetamido-2-deoxy-beta-D-glucopyranose-(1-4)-2-acetamido-2-deoxy-beta-D-glucopyranose
15 branched alpha-D-mannopyranose-(1-2)-alpha-D-mannopyranose-(1-2)-alpha-D-mannopyranose-(1-3)-[alpha-D-mannopyranose-(1-2)-alpha-D-mannopyranose-(1-3)-alpha-D-mannopyranose-(1-6)]beta-D-mannopyranose-(1-4)-2-acetamido-2-deoxy-beta-D-glucopyranose-(1-4)-2-acetamido-2-deoxy-beta-D-glucopyranose
16 branched alpha-D-mannopyranose-(1-2)-alpha-D-mannopyranose-(1-6)-[alpha-D-mannopyranose-(1-3)]alpha-D-mannopyranose-(1-6)-[alpha-D-mannopyranose-(1-2)-alpha-D-mannopyranose-(1-3)]beta-D-mannopyranose-(1-4)-2-acetamido-2-deoxy-beta-D-glucopyranose-(1-4)-2-acetamido-2-deoxy-beta-D-glucopyranose
17 branched alpha-D-mannopyranose-(1-6)-alpha-D-mannopyranose-(1-6)-[alpha-D-mannopyranose-(1-3)]beta-D-mannopyranose-(1-4)-2-acetamido-2-deoxy-beta-D-glucopyranose-(1-4)-2-acetamido-2-deoxy-beta-D-glucopyranose
18 branched alpha-D-mannopyranose-(1-2)-alpha-D-mannopyranose-(1-3)-alpha-D-mannopyranose-(1-6)-[alpha-D-mannopyranose-(1-3)]beta-D-mannopyranose-(1-4)-2-acetamido-2-deoxy-beta-D-glucopyranose-(1-4)-2-acetamido-2-deoxy-beta-D-glucopyranose
19 branched alpha-D-mannopyranose-(1-2)-alpha-D-mannopyranose-(1-3)-[alpha-D-mannopyranose-(1-2)-alpha-D-mannopyranose-(1-6)]alpha-D-mannopyranose-(1-6)-[alpha-D-mannopyranose-(1-3)]beta-D-mannopyranose-(1-4)-2-acetamido-2-deoxy-beta-D-glucopyranose-(1-4)-2-acetamido-2-deoxy-beta-D-glucopyranose
20 branched alpha-D-mannopyranose-(1-2)-alpha-D-mannopyranose-(1-3)-[alpha-D-mannopyranose-(1-2)-alpha-D-mannopyranose-(1-6)]alpha-D-mannopyranose-(1-6)-[alpha-D-mannopyranose-(1-2)-alpha-D-mannopyranose-(1-3)]beta-D-mannopyranose-(1-4)-2-acetamido-2-deoxy-beta-D-glucopyranose-(1-4)-2-acetamido-2-deoxy-beta-D-glucopyranose
21 branched alpha-D-mannopyranose-(1-2)-alpha-D-mannopyranose-(1-2)-alpha-D-mannopyranose-(1-3)-[alpha-D-mannopyranose-(1-6)]beta-D-mannopyranose-(1-4)-2-acetamido-2-deoxy-beta-D-glucopyranose-(1-4)-2-acetamido-2-deoxy-beta-D-glucopyranose
22 non-polymer 'CITRIC ACID'
23 non-polymer 1,2-ETHANEDIOL
24 non-polymer 2-acetamido-2-deoxy-beta-D-glucopyranose
25 water water
#
loop_
_entity_poly.entity_id
_entity_poly.type
_entity_poly.pdbx_seq_one_letter_code
_entity_poly.pdbx_strand_id
1 'polypeptide(L)'
;AVGMGAVLLGFLGAAGSTMGAASITLTVQVRQLLSGIVQQQSNLLRAPEAQQHLLQLTVWGIKQLQARVLAVERYLQDQQ
LLGIWGCSGRLICCTNVPWNASWSNKSYSEIWDNLTWVEWEREISNYTQHIYNLLQESQNQQEKNEQDLLALDKGGGLVP
R
;
B
2 'polypeptide(L)'
;QGQLVQSGAELKKPGASVKISCKTSGYRFNFYHINWIRQTAGRGPEWMGWISPYSGDKNLAPAFQDRVIMTTDTEVPVTS
FTSTGAAYMEIRNLKFDDTGTYFCAKGLLRDGSSTWLPYLWGQGTLLTVSSASTKGPSVFPLAPSSKSTSGGTAALGCLV
KDYFPEPVTVSWNSGALTSGVHTFPAVLQSSGLYSLSSVVTVPSSSLGTQTYICNVNHKPSNTKVDKRVEPKSCDKGLEV
LFQ
;
D
3 'polypeptide(L)'
;QSVLTQSASVSGSLGQSVTISCTGPNSVCCSHKSISWYQWPPGRAPTLIIYEDNERAPGISPRFSGYKSYWSAYLTISDL
RPEDETTYYCCSYTHNSGCVFGTGTKVSVLGQSKANPSVTLFPPSSEELQANKATLVCLISDFYPGAVTVAWKADSSPVK
AGVETTTPSKQSNNKYAASSYLSLTPEQWKSHRSYSCQVTHEGSTVEKTVAPTECS
;
E
4 'polypeptide(L)'
;ALAGDLWVTVYYGVPVWEDADTTLFCASDAKAYSTESHNVWATHACVPTDPNPQEIPLKNVTENFNMWKNNMVEQMHEDI
ISLWDESLKPCVKLTPLCVTLICTNVTSNSTNSTNGVTNNSTVDYREQLKNCSFNITTEIRDKQRKEYALFYRLDIVPIN
DNEKNDTYRLINCNVSTIKQACPKVTFDPIPIHYCAPAGFAILKCRDKKFNGTGPCKNVSTVQCTHGIKPVISTQLLLNG
SLAEGDIMIRSENITDNAKTIIVQLKTAVNITCTRPSNNTRKSIRFGPGQAFYATDEIIGDIRQAHCNISKTEWEDMKRN
VSDKLKALFNNKTIIFKSSSGGDLEITTHSFNCRGEFFYCNTSGLFNTSGLFNNNSNDSSGNITLPCKIKQIVRMWQRVG
QAMYAPPIAGNITCRSRITGLLLVRDGCKSNETNGTETFRPAGGDMRDNWRSELYKYKVVKIKPLGVAPTRCRRRVVGRR
RRRR
;
G
5 'polypeptide(L)'
;QVHLQESGPGLVKPSETLSLTCNVSGTLVRDNYWSWIRQPLGKQPEWIGYVHDSGDTNYNPSLKSRVHLSLDKSKNLVSL
RLTGVTAADSAIYYCATTKHGRRIYGVVAFKEWFTYFYMDVWGKGTSVTVSSASTKGPSVFPLAPSSKSTSGGTAALGCL
VKDYFPEPVTVSWNSGALTSGVHTFPAVLQSSGLYSLSSVVTVPSSSLGTQTYICNVNHKPSNTKVDKRVEPKSCDKGLE
VLFQ
;
H
6 'polypeptide(L)'
;APTFVSVAPGQTARITCGEESLGSRSVIWYQQRPGQAPSLIIYNNNDRPSGIPDRFSGSPGSTFGTTATLTITSVEAGDE
ADYYCHIWDSRRPTNWVFGEGTTLIVLSQPKAAPSVTLFPPSSEELQANKATLVCLISDFYPGAVTVAWKADSSPVKAGV
ETTTPSKQSNNKYAASSYLSLTPEQWKSHKSYSCQVTHEGSTVEKTVAPTECS
;
L
7 'polypeptide(L)'
;EIVLTQSPGTLSLSPGETAIISCRTSQYGSLAWYQQRPGQAPRLVIYSGSTRAAGIPDRFSGSRWGPDYNLTISNLESGD
FGVYYCQQYEFFGQGTKVQVGGGGSGGGGSGGGGSQVQLVQSGGQMKKPGESMRISCRASGYEFIDCTLNWIRLAPGKRP
EWMGWLKPRGGAVNYCRPLQGRVTMTRDVYSDTAFLELRSLTVDDTAVYFCTRGKNCDYNWDFEHWGRGTPVIVGGLVPR
;
U,V
#
# COMPACT_ATOMS: atom_id res chain seq x y z
N ALA A 1 33.73 7.49 -26.25
CA ALA A 1 34.40 8.79 -26.25
C ALA A 1 33.56 9.84 -26.96
N VAL A 2 33.23 10.92 -26.24
CA VAL A 2 32.37 11.97 -26.76
C VAL A 2 33.14 13.26 -27.10
N GLY A 3 32.39 14.27 -27.53
CA GLY A 3 32.95 15.52 -28.02
C GLY A 3 33.36 16.51 -26.94
N MET A 4 34.10 17.54 -27.34
CA MET A 4 34.62 18.54 -26.40
C MET A 4 33.50 19.32 -25.71
N GLY A 5 32.39 19.51 -26.43
CA GLY A 5 31.24 20.23 -25.90
C GLY A 5 30.42 19.40 -24.95
N ALA A 6 30.46 18.08 -25.13
CA ALA A 6 29.73 17.15 -24.27
C ALA A 6 30.49 16.93 -22.97
N VAL A 7 31.82 16.89 -23.09
CA VAL A 7 32.71 16.78 -21.93
C VAL A 7 32.33 17.80 -20.88
N LEU A 8 32.02 19.01 -21.33
CA LEU A 8 31.60 20.09 -20.46
C LEU A 8 30.32 19.74 -19.69
N LEU A 9 29.41 19.04 -20.35
CA LEU A 9 28.13 18.70 -19.74
C LEU A 9 28.17 17.45 -18.85
N GLY A 10 29.19 16.62 -19.04
CA GLY A 10 29.23 15.32 -18.39
C GLY A 10 29.87 15.25 -17.01
N PHE A 11 29.25 15.89 -16.03
CA PHE A 11 29.76 15.86 -14.66
C PHE A 11 29.76 14.44 -14.10
N LEU A 12 30.90 14.02 -13.54
CA LEU A 12 31.12 12.65 -13.08
C LEU A 12 30.92 11.64 -14.20
N GLY A 13 31.26 12.06 -15.42
CA GLY A 13 31.01 11.26 -16.61
C GLY A 13 32.07 10.20 -16.88
N ALA A 14 33.23 10.37 -16.25
CA ALA A 14 34.30 9.40 -16.35
C ALA A 14 34.50 8.70 -15.02
N ALA A 15 33.40 8.52 -14.30
CA ALA A 15 33.42 7.92 -12.97
C ALA A 15 33.73 6.43 -13.05
N GLY A 16 33.11 5.76 -14.01
CA GLY A 16 33.36 4.34 -14.22
C GLY A 16 34.39 4.11 -15.29
N SER A 17 34.89 5.19 -15.85
CA SER A 17 35.92 5.13 -16.89
C SER A 17 37.31 5.02 -16.26
N THR A 18 38.29 4.67 -17.08
CA THR A 18 39.64 4.45 -16.58
C THR A 18 40.30 5.77 -16.22
N MET A 19 41.19 5.73 -15.23
CA MET A 19 41.80 6.94 -14.66
C MET A 19 42.44 7.85 -15.69
N GLY A 20 43.04 7.27 -16.72
CA GLY A 20 43.70 8.05 -17.76
C GLY A 20 42.71 8.85 -18.58
N ALA A 21 41.51 8.30 -18.74
CA ALA A 21 40.47 8.92 -19.54
C ALA A 21 39.77 10.06 -18.80
N ALA A 22 39.92 10.09 -17.49
CA ALA A 22 39.22 11.05 -16.64
C ALA A 22 39.79 12.47 -16.72
N SER A 23 40.96 12.60 -17.33
CA SER A 23 41.70 13.85 -17.28
C SER A 23 41.11 14.95 -18.17
N ILE A 24 40.44 14.54 -19.23
CA ILE A 24 39.75 15.49 -20.10
C ILE A 24 38.59 16.15 -19.35
N THR A 25 38.13 15.50 -18.28
CA THR A 25 36.96 15.97 -17.56
C THR A 25 37.27 16.60 -16.20
N LEU A 26 38.51 17.03 -16.01
CA LEU A 26 38.90 17.60 -14.72
C LEU A 26 38.20 18.93 -14.49
N THR A 27 38.17 19.79 -15.50
CA THR A 27 37.56 21.11 -15.38
C THR A 27 36.09 21.04 -15.02
N VAL A 28 35.39 20.07 -15.60
CA VAL A 28 33.94 19.98 -15.43
C VAL A 28 33.58 19.55 -14.01
N GLN A 29 34.44 18.75 -13.38
CA GLN A 29 34.24 18.42 -11.98
C GLN A 29 34.51 19.63 -11.10
N VAL A 30 35.54 20.38 -11.44
CA VAL A 30 35.93 21.58 -10.69
C VAL A 30 34.82 22.63 -10.68
N ARG A 31 34.24 22.88 -11.86
CA ARG A 31 33.21 23.91 -12.00
C ARG A 31 31.99 23.61 -11.13
N GLN A 32 31.74 22.33 -10.89
CA GLN A 32 30.58 21.90 -10.12
C GLN A 32 30.72 22.25 -8.64
N LEU A 33 31.97 22.35 -8.19
CA LEU A 33 32.26 22.55 -6.77
C LEU A 33 31.65 23.81 -6.21
N LEU A 34 31.39 24.78 -7.08
CA LEU A 34 30.82 26.06 -6.66
C LEU A 34 29.46 26.34 -7.29
N SER A 35 29.29 25.90 -8.53
CA SER A 35 28.08 26.24 -9.29
C SER A 35 27.12 25.07 -9.45
N GLY A 36 27.50 23.91 -8.92
CA GLY A 36 26.69 22.72 -9.11
C GLY A 36 26.75 22.25 -10.55
N ILE A 37 25.86 21.34 -10.91
CA ILE A 37 25.85 20.74 -12.24
C ILE A 37 25.46 21.76 -13.31
N VAL A 38 26.16 21.75 -14.44
CA VAL A 38 25.97 22.73 -15.50
C VAL A 38 24.60 22.60 -16.18
N GLN A 39 24.09 23.71 -16.69
CA GLN A 39 22.81 23.75 -17.40
C GLN A 39 23.02 24.16 -18.86
N GLN A 40 22.39 23.42 -19.78
CA GLN A 40 22.62 23.62 -21.21
C GLN A 40 21.47 24.30 -21.94
N GLN A 41 20.42 23.53 -22.24
CA GLN A 41 19.29 24.03 -23.02
C GLN A 41 18.70 25.33 -22.46
N SER A 42 18.75 25.48 -21.15
CA SER A 42 18.20 26.65 -20.48
C SER A 42 19.25 27.31 -19.58
N ASN A 43 19.36 28.63 -19.66
CA ASN A 43 20.28 29.40 -18.82
C ASN A 43 19.61 30.67 -18.33
N LEU A 44 18.86 30.54 -17.24
CA LEU A 44 18.09 31.66 -16.70
C LEU A 44 18.97 32.74 -16.08
N LEU A 45 18.33 33.79 -15.56
CA LEU A 45 19.03 34.94 -14.98
C LEU A 45 19.34 34.70 -13.51
N ARG A 46 20.59 34.36 -13.22
CA ARG A 46 21.01 34.17 -11.83
C ARG A 46 21.77 35.40 -11.35
N ALA A 47 21.01 36.43 -10.99
CA ALA A 47 21.56 37.68 -10.47
C ALA A 47 21.17 37.79 -8.99
N PRO A 48 21.56 38.89 -8.32
CA PRO A 48 21.10 38.97 -6.92
C PRO A 48 19.71 39.60 -6.75
N GLU A 49 19.31 39.68 -5.48
CA GLU A 49 18.05 40.28 -5.04
C GLU A 49 16.80 39.53 -5.50
N ALA A 50 16.53 38.40 -4.85
CA ALA A 50 15.31 37.65 -5.10
C ALA A 50 14.52 37.43 -3.79
N GLN A 51 15.01 38.02 -2.70
CA GLN A 51 14.34 37.93 -1.40
C GLN A 51 13.64 39.24 -1.06
N GLN A 52 12.35 39.32 -1.36
CA GLN A 52 11.60 40.58 -1.24
C GLN A 52 10.81 40.69 0.05
N HIS A 53 10.93 39.72 0.94
CA HIS A 53 10.22 39.74 2.21
C HIS A 53 11.12 39.22 3.33
N LEU A 54 10.51 38.84 4.45
CA LEU A 54 11.25 38.33 5.61
C LEU A 54 11.55 36.82 5.46
N LEU A 55 11.74 36.40 4.22
CA LEU A 55 11.86 34.97 3.88
C LEU A 55 13.28 34.43 4.06
N GLN A 56 14.20 35.28 4.49
CA GLN A 56 15.59 34.87 4.60
C GLN A 56 15.82 34.13 5.91
N LEU A 57 14.82 34.16 6.79
CA LEU A 57 14.92 33.52 8.10
C LEU A 57 14.04 32.28 8.19
N THR A 58 13.46 31.86 7.08
CA THR A 58 12.60 30.69 7.06
C THR A 58 13.42 29.43 6.93
N VAL A 59 12.72 28.28 6.96
CA VAL A 59 13.37 26.99 6.76
C VAL A 59 14.30 27.02 5.57
N TRP A 60 13.75 27.21 4.36
CA TRP A 60 14.56 27.20 3.14
C TRP A 60 15.58 28.33 3.10
N GLY A 61 15.19 29.49 3.61
CA GLY A 61 16.06 30.66 3.65
C GLY A 61 17.37 30.36 4.34
N ILE A 62 17.27 29.81 5.55
CA ILE A 62 18.44 29.44 6.31
C ILE A 62 19.21 28.31 5.62
N LYS A 63 18.46 27.29 5.18
CA LYS A 63 19.03 26.13 4.52
C LYS A 63 19.87 26.52 3.32
N GLN A 64 19.37 27.46 2.53
CA GLN A 64 20.07 27.90 1.33
C GLN A 64 21.37 28.58 1.67
N LEU A 65 21.33 29.45 2.66
CA LEU A 65 22.52 30.17 3.09
C LEU A 65 23.57 29.18 3.57
N GLN A 66 23.14 28.18 4.34
CA GLN A 66 24.03 27.14 4.85
C GLN A 66 24.69 26.38 3.71
N ALA A 67 23.89 26.07 2.69
CA ALA A 67 24.39 25.35 1.54
C ALA A 67 25.30 26.22 0.69
N ARG A 68 24.99 27.51 0.63
CA ARG A 68 25.79 28.45 -0.15
C ARG A 68 27.16 28.62 0.47
N VAL A 69 27.21 28.81 1.78
CA VAL A 69 28.46 29.09 2.46
C VAL A 69 29.33 27.81 2.56
N LEU A 70 28.71 26.69 2.88
CA LEU A 70 29.39 25.40 2.94
C LEU A 70 30.10 25.10 1.63
N ALA A 71 29.44 25.45 0.54
CA ALA A 71 29.97 25.22 -0.81
C ALA A 71 31.29 25.93 -1.04
N VAL A 72 31.40 27.18 -0.57
CA VAL A 72 32.65 27.93 -0.73
C VAL A 72 33.61 27.56 0.38
N GLU A 73 33.06 27.28 1.57
CA GLU A 73 33.84 26.84 2.71
C GLU A 73 34.74 25.70 2.27
N ARG A 74 34.14 24.75 1.59
CA ARG A 74 34.83 23.54 1.15
C ARG A 74 35.78 23.79 -0.02
N TYR A 75 35.34 24.64 -0.95
CA TYR A 75 36.12 24.94 -2.16
C TYR A 75 37.49 25.49 -1.77
N LEU A 76 37.50 26.33 -0.75
CA LEU A 76 38.73 27.01 -0.36
C LEU A 76 39.71 26.06 0.26
N GLN A 77 39.19 25.11 1.03
CA GLN A 77 40.02 24.09 1.67
C GLN A 77 40.82 23.36 0.61
N ASP A 78 40.13 22.94 -0.44
CA ASP A 78 40.77 22.25 -1.56
C ASP A 78 41.80 23.12 -2.25
N GLN A 79 41.54 24.43 -2.31
CA GLN A 79 42.46 25.36 -2.92
C GLN A 79 43.67 25.64 -2.06
N GLN A 80 43.40 26.01 -0.81
CA GLN A 80 44.44 26.29 0.17
C GLN A 80 45.42 25.12 0.27
N LEU A 81 44.89 23.90 0.15
CA LEU A 81 45.70 22.70 0.19
C LEU A 81 46.65 22.64 -0.98
N LEU A 82 46.09 22.70 -2.18
CA LEU A 82 46.86 22.80 -3.41
C LEU A 82 47.88 23.92 -3.33
N GLY A 83 47.49 25.01 -2.69
CA GLY A 83 48.36 26.17 -2.53
C GLY A 83 49.60 25.86 -1.73
N ILE A 84 49.43 25.27 -0.54
CA ILE A 84 50.56 24.94 0.31
C ILE A 84 51.26 23.65 -0.12
N TRP A 85 50.87 23.13 -1.27
CA TRP A 85 51.63 22.07 -1.93
C TRP A 85 52.40 22.66 -3.11
N GLY A 86 52.11 23.93 -3.41
CA GLY A 86 52.74 24.64 -4.51
C GLY A 86 52.12 24.27 -5.84
N CYS A 87 50.83 23.98 -5.81
CA CYS A 87 50.11 23.53 -6.99
C CYS A 87 48.93 24.44 -7.29
N SER A 88 49.04 25.70 -6.89
CA SER A 88 48.00 26.69 -7.14
C SER A 88 47.74 26.87 -8.64
N GLY A 89 46.47 26.83 -9.02
CA GLY A 89 46.06 27.07 -10.39
C GLY A 89 46.45 25.95 -11.34
N ARG A 90 46.69 24.76 -10.79
CA ARG A 90 47.04 23.61 -11.59
C ARG A 90 46.05 22.47 -11.39
N LEU A 91 45.53 21.95 -12.50
CA LEU A 91 44.62 20.82 -12.43
C LEU A 91 45.39 19.52 -12.40
N ILE A 92 46.62 19.57 -12.92
CA ILE A 92 47.58 18.49 -12.80
C ILE A 92 48.90 19.09 -12.37
N CYS A 93 49.36 18.73 -11.18
CA CYS A 93 50.55 19.34 -10.61
C CYS A 93 51.58 18.28 -10.22
N CYS A 94 52.76 18.38 -10.82
CA CYS A 94 53.90 17.53 -10.45
C CYS A 94 54.50 17.99 -9.13
N THR A 95 55.01 17.04 -8.35
CA THR A 95 55.61 17.39 -7.08
C THR A 95 57.04 16.90 -6.98
N ASN A 96 57.63 17.11 -5.82
CA ASN A 96 58.99 16.66 -5.57
C ASN A 96 58.98 15.35 -4.82
N VAL A 97 57.80 15.00 -4.30
CA VAL A 97 57.63 13.80 -3.50
C VAL A 97 57.62 12.54 -4.35
N PRO A 98 58.56 11.62 -4.08
CA PRO A 98 58.65 10.34 -4.77
C PRO A 98 57.54 9.39 -4.33
N TRP A 99 57.05 8.57 -5.24
CA TRP A 99 56.01 7.62 -4.89
C TRP A 99 56.60 6.47 -4.08
N ASN A 100 55.76 5.85 -3.26
CA ASN A 100 56.17 4.78 -2.34
C ASN A 100 55.41 3.51 -2.70
N ALA A 101 56.14 2.41 -2.92
CA ALA A 101 55.52 1.15 -3.28
C ALA A 101 54.52 0.69 -2.22
N SER A 102 54.82 1.02 -0.97
CA SER A 102 53.95 0.69 0.15
C SER A 102 52.58 1.32 -0.06
N TRP A 103 52.56 2.52 -0.61
CA TRP A 103 51.32 3.17 -0.98
C TRP A 103 50.64 2.37 -2.08
N SER A 104 51.41 2.09 -3.14
CA SER A 104 50.95 1.24 -4.23
C SER A 104 52.12 0.89 -5.15
N ASN A 105 52.13 -0.34 -5.63
CA ASN A 105 53.21 -0.80 -6.49
C ASN A 105 52.71 -1.19 -7.87
N LYS A 106 51.68 -0.49 -8.32
CA LYS A 106 51.16 -0.73 -9.65
C LYS A 106 51.91 0.11 -10.66
N SER A 107 52.11 -0.44 -11.87
CA SER A 107 52.73 0.32 -12.95
C SER A 107 51.79 1.43 -13.42
N TYR A 108 52.25 2.21 -14.39
CA TYR A 108 51.41 3.27 -14.97
C TYR A 108 50.10 2.67 -15.46
N SER A 109 50.22 1.72 -16.39
CA SER A 109 49.06 1.15 -17.05
C SER A 109 48.22 0.31 -16.08
N GLU A 110 48.87 -0.25 -15.06
CA GLU A 110 48.17 -1.01 -14.02
C GLU A 110 47.22 -0.11 -13.23
N ILE A 111 47.46 1.20 -13.32
CA ILE A 111 46.62 2.19 -12.68
C ILE A 111 45.75 2.88 -13.70
N TRP A 112 46.42 3.61 -14.59
CA TRP A 112 45.79 4.58 -15.47
C TRP A 112 44.94 3.92 -16.55
N ASP A 113 45.22 2.66 -16.85
CA ASP A 113 44.50 1.97 -17.91
C ASP A 113 43.66 0.82 -17.35
N ASN A 114 43.54 0.79 -16.02
CA ASN A 114 42.95 -0.35 -15.35
C ASN A 114 42.05 0.03 -14.18
N LEU A 115 42.29 1.20 -13.60
CA LEU A 115 41.53 1.62 -12.43
C LEU A 115 40.68 2.86 -12.68
N THR A 116 39.59 2.96 -11.92
CA THR A 116 38.84 4.21 -11.86
C THR A 116 39.37 4.96 -10.64
N TRP A 117 39.15 6.26 -10.60
CA TRP A 117 39.73 7.08 -9.54
C TRP A 117 39.23 6.67 -8.16
N VAL A 118 37.92 6.50 -8.04
CA VAL A 118 37.33 6.12 -6.76
C VAL A 118 37.85 4.74 -6.34
N GLU A 119 38.03 3.87 -7.32
CA GLU A 119 38.62 2.56 -7.11
C GLU A 119 40.03 2.70 -6.54
N TRP A 120 40.81 3.54 -7.18
CA TRP A 120 42.20 3.78 -6.77
C TRP A 120 42.29 4.53 -5.45
N GLU A 121 41.47 5.55 -5.29
CA GLU A 121 41.46 6.32 -4.06
C GLU A 121 41.09 5.46 -2.86
N ARG A 122 40.40 4.36 -3.14
CA ARG A 122 40.03 3.41 -2.10
C ARG A 122 41.23 2.54 -1.72
N GLU A 123 42.13 2.33 -2.68
CA GLU A 123 43.36 1.59 -2.43
C GLU A 123 44.32 2.45 -1.62
N ILE A 124 44.36 3.73 -1.96
CA ILE A 124 45.26 4.69 -1.32
C ILE A 124 44.56 5.34 -0.11
N SER A 125 43.37 4.84 0.20
CA SER A 125 42.56 5.36 1.29
C SER A 125 43.32 5.55 2.58
N ASN A 126 44.15 4.56 2.90
CA ASN A 126 44.90 4.58 4.13
C ASN A 126 46.04 5.60 4.13
N TYR A 127 46.84 5.59 3.06
CA TYR A 127 48.07 6.37 3.03
C TYR A 127 47.91 7.80 2.53
N THR A 128 46.68 8.30 2.51
CA THR A 128 46.40 9.56 1.83
C THR A 128 46.85 10.78 2.62
N GLN A 129 46.33 10.92 3.83
CA GLN A 129 46.64 12.10 4.64
C GLN A 129 48.14 12.19 4.94
N HIS A 130 48.78 11.04 5.08
CA HIS A 130 50.23 11.01 5.28
C HIS A 130 50.96 11.60 4.09
N ILE A 131 50.44 11.30 2.90
CA ILE A 131 50.96 11.88 1.68
C ILE A 131 50.72 13.39 1.72
N TYR A 132 49.50 13.76 2.07
CA TYR A 132 49.12 15.17 2.16
C TYR A 132 50.05 15.94 3.08
N ASN A 133 50.44 15.29 4.16
CA ASN A 133 51.45 15.82 5.08
C ASN A 133 52.78 15.96 4.39
N LEU A 134 53.41 14.83 3.54
CA LEU A 134 54.65 14.92 2.78
C LEU A 134 54.58 16.05 1.75
N LEU A 135 53.45 16.15 1.04
CA LEU A 135 53.28 17.21 0.06
C LEU A 135 53.51 18.58 0.68
N GLN A 136 53.08 18.69 1.83
CA GLN A 136 53.18 19.98 2.50
C GLN A 136 54.58 20.13 3.10
N GLU A 137 55.12 19.04 3.63
CA GLU A 137 56.47 19.05 4.18
C GLU A 137 57.50 19.34 3.09
N SER A 138 57.25 18.85 1.89
CA SER A 138 58.10 19.15 0.74
C SER A 138 58.13 20.65 0.48
N GLN A 139 56.93 21.22 0.33
CA GLN A 139 56.78 22.64 0.02
C GLN A 139 57.58 23.52 0.98
N ASN A 140 57.57 23.16 2.25
CA ASN A 140 58.31 23.89 3.26
C ASN A 140 59.81 23.78 3.06
N GLN A 141 60.27 22.55 2.81
CA GLN A 141 61.68 22.29 2.59
C GLN A 141 62.15 22.99 1.31
N GLN A 142 61.19 23.37 0.48
CA GLN A 142 61.48 24.21 -0.67
C GLN A 142 61.63 25.67 -0.24
N GLU A 143 60.65 26.16 0.52
CA GLU A 143 60.67 27.54 0.98
C GLU A 143 61.90 27.83 1.82
N LYS A 144 62.29 26.83 2.62
CA LYS A 144 63.51 26.89 3.41
C LYS A 144 64.71 27.09 2.50
N ASN A 145 64.78 26.27 1.46
CA ASN A 145 65.88 26.34 0.51
C ASN A 145 65.94 27.67 -0.24
N GLU A 146 64.81 28.35 -0.37
CA GLU A 146 64.81 29.64 -1.05
C GLU A 146 65.45 30.71 -0.16
N GLN A 147 65.05 30.74 1.10
CA GLN A 147 65.64 31.67 2.06
C GLN A 147 67.12 31.39 2.20
N ASP A 148 67.46 30.10 2.19
CA ASP A 148 68.86 29.69 2.16
C ASP A 148 69.56 30.38 1.02
N LEU A 149 68.93 30.35 -0.15
CA LEU A 149 69.49 30.92 -1.37
C LEU A 149 69.58 32.44 -1.30
N LEU A 150 68.63 33.06 -0.61
CA LEU A 150 68.58 34.52 -0.49
C LEU A 150 69.68 35.02 0.44
N ALA A 151 70.18 34.14 1.30
CA ALA A 151 71.25 34.48 2.23
C ALA A 151 72.61 34.55 1.52
N LEU A 152 72.93 33.50 0.76
CA LEU A 152 74.17 33.48 0.00
C LEU A 152 74.10 34.54 -1.09
N ASP A 153 72.92 34.73 -1.67
CA ASP A 153 72.71 35.75 -2.69
C ASP A 153 72.76 37.13 -2.07
N LYS A 154 73.94 37.51 -1.58
CA LYS A 154 74.22 38.82 -0.99
C LYS A 154 73.09 39.35 -0.11
N GLN B 1 42.09 -12.07 -7.03
CA GLN B 1 40.76 -12.33 -6.50
C GLN B 1 39.81 -12.89 -7.57
N GLY B 2 39.99 -12.47 -8.82
CA GLY B 2 39.15 -12.89 -9.93
C GLY B 2 39.09 -14.39 -10.13
N GLN B 3 38.02 -14.88 -10.75
CA GLN B 3 37.82 -16.32 -10.88
C GLN B 3 36.84 -16.73 -11.98
N LEU B 4 37.34 -17.44 -12.98
CA LEU B 4 36.52 -17.94 -14.09
C LEU B 4 36.30 -19.45 -14.00
N VAL B 5 35.06 -19.85 -13.83
CA VAL B 5 34.73 -21.29 -13.72
C VAL B 5 33.95 -21.75 -14.94
N GLN B 6 34.45 -22.81 -15.59
CA GLN B 6 33.82 -23.34 -16.78
C GLN B 6 32.93 -24.54 -16.45
N SER B 7 32.16 -24.99 -17.45
CA SER B 7 31.22 -26.08 -17.27
C SER B 7 31.94 -27.43 -17.20
N GLY B 8 31.16 -28.47 -16.88
CA GLY B 8 31.68 -29.83 -16.81
C GLY B 8 31.90 -30.45 -18.17
N ALA B 9 32.51 -31.64 -18.19
CA ALA B 9 32.88 -32.30 -19.44
C ALA B 9 31.68 -32.89 -20.19
N GLU B 10 31.79 -32.93 -21.52
CA GLU B 10 30.70 -33.43 -22.37
C GLU B 10 31.22 -34.34 -23.48
N LEU B 11 30.45 -35.36 -23.82
CA LEU B 11 30.77 -36.29 -24.89
C LEU B 11 29.75 -36.17 -26.02
N LYS B 12 30.19 -35.75 -27.20
CA LYS B 12 29.26 -35.43 -28.28
C LYS B 12 29.50 -36.22 -29.55
N LYS B 13 28.41 -36.64 -30.20
CA LYS B 13 28.46 -37.31 -31.50
C LYS B 13 29.06 -36.35 -32.54
N PRO B 14 29.91 -36.88 -33.43
CA PRO B 14 30.48 -36.01 -34.47
C PRO B 14 29.41 -35.49 -35.42
N GLY B 15 29.33 -34.17 -35.53
CA GLY B 15 28.28 -33.52 -36.31
C GLY B 15 27.26 -32.84 -35.41
N ALA B 16 27.44 -32.97 -34.10
CA ALA B 16 26.48 -32.43 -33.15
C ALA B 16 26.84 -31.02 -32.69
N SER B 17 25.96 -30.46 -31.87
CA SER B 17 26.15 -29.13 -31.31
C SER B 17 26.51 -29.22 -29.84
N VAL B 18 26.99 -28.12 -29.26
CA VAL B 18 27.34 -28.08 -27.85
C VAL B 18 27.56 -26.63 -27.39
N LYS B 19 27.19 -26.33 -26.15
CA LYS B 19 27.39 -25.00 -25.59
C LYS B 19 28.20 -25.06 -24.30
N ILE B 20 29.35 -24.39 -24.28
CA ILE B 20 30.23 -24.36 -23.11
C ILE B 20 29.99 -23.12 -22.28
N SER B 21 30.00 -23.25 -20.96
CA SER B 21 29.75 -22.13 -20.07
C SER B 21 31.04 -21.57 -19.49
N CYS B 22 30.93 -20.39 -18.88
CA CYS B 22 32.04 -19.75 -18.19
C CYS B 22 31.52 -18.74 -17.18
N LYS B 23 31.34 -19.18 -15.95
CA LYS B 23 30.78 -18.33 -14.90
C LYS B 23 31.86 -17.56 -14.15
N THR B 24 31.83 -16.23 -14.29
CA THR B 24 32.85 -15.38 -13.70
C THR B 24 32.43 -14.86 -12.33
N SER B 25 33.41 -14.39 -11.58
CA SER B 25 33.21 -13.89 -10.23
C SER B 25 34.50 -13.30 -9.69
N GLY B 26 34.37 -12.26 -8.86
CA GLY B 26 35.52 -11.65 -8.22
C GLY B 26 35.94 -10.32 -8.82
N TYR B 27 35.35 -9.98 -9.97
CA TYR B 27 35.69 -8.75 -10.66
C TYR B 27 34.51 -8.25 -11.48
N ARG B 28 34.63 -7.04 -12.01
CA ARG B 28 33.56 -6.46 -12.85
C ARG B 28 33.53 -7.12 -14.22
N PHE B 29 32.41 -7.77 -14.51
CA PHE B 29 32.27 -8.57 -15.72
C PHE B 29 32.45 -7.76 -17.00
N ASN B 30 31.66 -6.70 -17.16
CA ASN B 30 31.66 -5.93 -18.42
C ASN B 30 32.92 -5.13 -18.62
N PHE B 31 33.78 -5.10 -17.62
CA PHE B 31 35.00 -4.33 -17.72
C PHE B 31 36.05 -5.02 -18.61
N TYR B 32 35.90 -6.32 -18.83
CA TYR B 32 36.91 -7.10 -19.54
C TYR B 32 36.36 -8.08 -20.55
N HIS B 33 37.07 -8.24 -21.66
CA HIS B 33 36.71 -9.22 -22.68
C HIS B 33 36.79 -10.62 -22.13
N ILE B 34 36.03 -11.54 -22.69
CA ILE B 34 36.19 -12.96 -22.40
C ILE B 34 36.63 -13.68 -23.68
N ASN B 35 37.76 -14.37 -23.59
CA ASN B 35 38.33 -15.04 -24.74
C ASN B 35 37.92 -16.50 -24.79
N TRP B 36 38.26 -17.16 -25.90
CA TRP B 36 38.03 -18.60 -26.02
C TRP B 36 39.19 -19.24 -26.76
N ILE B 37 39.83 -20.17 -26.08
CA ILE B 37 41.01 -20.85 -26.59
C ILE B 37 40.83 -22.35 -26.41
N ARG B 38 41.35 -23.12 -27.36
CA ARG B 38 41.25 -24.58 -27.25
C ARG B 38 42.60 -25.24 -27.55
N GLN B 39 42.87 -26.33 -26.86
CA GLN B 39 44.07 -27.10 -27.11
C GLN B 39 43.73 -28.26 -28.05
N THR B 40 44.08 -28.11 -29.33
CA THR B 40 43.74 -29.11 -30.34
C THR B 40 44.55 -30.39 -30.13
N ALA B 41 44.12 -31.46 -30.82
CA ALA B 41 44.77 -32.76 -30.72
C ALA B 41 46.24 -32.71 -31.10
N GLY B 42 46.52 -32.20 -32.30
CA GLY B 42 47.88 -32.10 -32.78
C GLY B 42 48.23 -30.72 -33.30
N ARG B 43 47.46 -29.72 -32.90
CA ARG B 43 47.70 -28.35 -33.34
C ARG B 43 47.94 -27.42 -32.15
N GLY B 44 48.27 -28.00 -31.01
CA GLY B 44 48.56 -27.24 -29.80
C GLY B 44 47.44 -26.31 -29.39
N PRO B 45 47.80 -25.10 -28.93
CA PRO B 45 46.83 -24.07 -28.55
C PRO B 45 46.17 -23.43 -29.77
N GLU B 46 45.05 -22.74 -29.55
CA GLU B 46 44.28 -22.16 -30.65
C GLU B 46 43.24 -21.16 -30.16
N TRP B 47 43.57 -19.88 -30.24
CA TRP B 47 42.64 -18.81 -29.90
C TRP B 47 41.49 -18.79 -30.90
N MET B 48 40.26 -18.85 -30.40
CA MET B 48 39.10 -18.93 -31.26
C MET B 48 38.44 -17.56 -31.43
N GLY B 49 38.16 -16.89 -30.33
CA GLY B 49 37.56 -15.57 -30.39
C GLY B 49 37.56 -14.83 -29.07
N TRP B 50 37.15 -13.56 -29.09
CA TRP B 50 36.77 -12.87 -27.86
C TRP B 50 35.51 -12.03 -28.06
N ILE B 51 34.97 -11.55 -26.94
CA ILE B 51 33.71 -10.84 -26.94
C ILE B 51 33.68 -9.85 -25.78
N SER B 52 33.04 -8.72 -25.97
CA SER B 52 32.90 -7.72 -24.92
C SER B 52 31.56 -7.85 -24.25
N PRO B 53 31.55 -8.06 -22.92
CA PRO B 53 30.29 -8.14 -22.17
C PRO B 53 29.60 -6.79 -22.17
N TYR B 54 30.41 -5.75 -22.31
CA TYR B 54 29.94 -4.39 -22.26
C TYR B 54 29.28 -3.97 -23.58
N SER B 55 30.03 -4.08 -24.68
CA SER B 55 29.57 -3.56 -25.96
C SER B 55 28.95 -4.61 -26.87
N GLY B 56 29.27 -5.88 -26.62
CA GLY B 56 28.79 -6.96 -27.45
C GLY B 56 29.65 -7.16 -28.67
N ASP B 57 30.66 -6.31 -28.82
CA ASP B 57 31.61 -6.38 -29.92
C ASP B 57 32.33 -7.72 -29.91
N LYS B 58 32.23 -8.46 -31.01
CA LYS B 58 32.88 -9.76 -31.12
C LYS B 58 34.11 -9.68 -32.00
N ASN B 59 34.98 -10.68 -31.86
CA ASN B 59 36.06 -10.89 -32.81
C ASN B 59 36.35 -12.37 -32.91
N LEU B 60 35.88 -12.96 -34.00
CA LEU B 60 36.03 -14.39 -34.21
C LEU B 60 37.09 -14.65 -35.26
N ALA B 61 37.97 -15.60 -34.97
CA ALA B 61 38.97 -16.03 -35.94
C ALA B 61 38.25 -16.52 -37.20
N PRO B 62 38.84 -16.26 -38.38
CA PRO B 62 38.24 -16.67 -39.66
C PRO B 62 37.87 -18.14 -39.67
N ALA B 63 38.68 -18.96 -39.00
CA ALA B 63 38.45 -20.40 -38.93
C ALA B 63 37.07 -20.75 -38.37
N PHE B 64 36.64 -20.02 -37.34
CA PHE B 64 35.41 -20.37 -36.64
C PHE B 64 34.26 -19.40 -36.91
N GLN B 65 34.52 -18.36 -37.70
CA GLN B 65 33.56 -17.28 -37.91
C GLN B 65 32.15 -17.78 -38.26
N ASP B 66 32.07 -18.99 -38.79
CA ASP B 66 30.79 -19.54 -39.19
C ASP B 66 30.62 -20.93 -38.62
N ARG B 67 31.22 -21.15 -37.46
CA ARG B 67 31.21 -22.44 -36.81
C ARG B 67 30.73 -22.29 -35.37
N VAL B 68 31.36 -21.39 -34.63
CA VAL B 68 31.01 -21.17 -33.23
C VAL B 68 30.18 -19.90 -33.05
N ILE B 69 29.52 -19.80 -31.90
CA ILE B 69 28.63 -18.69 -31.60
C ILE B 69 28.86 -18.15 -30.20
N MET B 70 29.57 -17.03 -30.11
CA MET B 70 29.91 -16.42 -28.82
C MET B 70 28.77 -15.56 -28.30
N THR B 71 28.35 -15.84 -27.06
CA THR B 71 27.26 -15.10 -26.43
C THR B 71 27.56 -14.85 -24.94
N THR B 72 26.86 -13.90 -24.34
CA THR B 72 27.07 -13.56 -22.93
C THR B 72 25.78 -13.22 -22.20
N ASP B 73 25.81 -13.35 -20.88
CA ASP B 73 24.70 -12.92 -20.02
C ASP B 73 24.98 -11.53 -19.46
N THR B 74 23.97 -10.91 -18.88
CA THR B 74 24.15 -9.60 -18.25
C THR B 74 24.76 -9.79 -16.87
N GLU B 75 25.60 -8.85 -16.45
CA GLU B 75 26.27 -8.98 -15.17
C GLU B 75 25.32 -8.72 -14.02
N VAL B 76 25.53 -9.46 -12.92
CA VAL B 76 24.83 -9.21 -11.67
C VAL B 76 25.80 -8.55 -10.70
N PRO B 77 25.52 -7.30 -10.32
CA PRO B 77 26.40 -6.57 -9.41
C PRO B 77 26.43 -7.21 -8.03
N VAL B 78 27.61 -7.46 -7.50
CA VAL B 78 27.75 -7.93 -6.13
C VAL B 78 28.18 -6.77 -5.24
N THR B 79 29.30 -6.16 -5.60
CA THR B 79 29.79 -4.99 -4.89
C THR B 79 30.01 -3.88 -5.90
N SER B 80 30.55 -2.77 -5.42
CA SER B 80 30.82 -1.62 -6.26
C SER B 80 31.76 -1.97 -7.41
N PHE B 81 32.64 -2.94 -7.17
CA PHE B 81 33.63 -3.32 -8.18
C PHE B 81 33.72 -4.82 -8.42
N THR B 82 32.70 -5.56 -7.99
CA THR B 82 32.63 -6.99 -8.30
C THR B 82 31.23 -7.37 -8.81
N SER B 83 31.21 -8.28 -9.77
CA SER B 83 29.95 -8.74 -10.33
C SER B 83 30.08 -10.14 -10.92
N THR B 84 29.01 -10.92 -10.82
CA THR B 84 28.98 -12.24 -11.42
C THR B 84 28.54 -12.12 -12.88
N GLY B 85 28.98 -13.06 -13.70
CA GLY B 85 28.64 -13.05 -15.11
C GLY B 85 28.85 -14.41 -15.74
N ALA B 86 28.25 -14.63 -16.91
CA ALA B 86 28.36 -15.91 -17.59
C ALA B 86 28.61 -15.73 -19.08
N ALA B 87 29.54 -16.50 -19.63
CA ALA B 87 29.89 -16.41 -21.04
C ALA B 87 29.78 -17.79 -21.70
N TYR B 88 29.47 -17.80 -22.99
CA TYR B 88 29.19 -19.06 -23.69
C TYR B 88 29.87 -19.20 -25.05
N MET B 89 29.73 -20.38 -25.63
CA MET B 89 30.36 -20.71 -26.90
C MET B 89 29.73 -21.96 -27.50
N GLU B 90 28.94 -21.79 -28.55
CA GLU B 90 28.28 -22.93 -29.18
C GLU B 90 28.93 -23.31 -30.49
N ILE B 91 29.80 -24.34 -30.44
CA ILE B 91 30.48 -24.80 -31.64
C ILE B 91 29.64 -25.91 -32.30
N ARG B 92 28.89 -25.52 -33.33
CA ARG B 92 27.97 -26.43 -33.99
C ARG B 92 28.68 -27.32 -34.99
N ASN B 93 27.94 -28.29 -35.53
CA ASN B 93 28.43 -29.24 -36.52
C ASN B 93 29.82 -29.78 -36.18
N LEU B 94 29.94 -30.31 -34.96
CA LEU B 94 31.20 -30.80 -34.42
C LEU B 94 31.90 -31.83 -35.30
N LYS B 95 32.95 -31.39 -35.99
CA LYS B 95 33.83 -32.30 -36.70
C LYS B 95 34.71 -33.03 -35.70
N PHE B 96 35.48 -33.99 -36.18
CA PHE B 96 36.50 -34.62 -35.35
C PHE B 96 37.64 -33.64 -35.15
N ASP B 97 38.74 -34.12 -34.58
CA ASP B 97 39.89 -33.30 -34.14
C ASP B 97 39.49 -32.01 -33.40
N ASP B 98 38.24 -31.96 -32.93
CA ASP B 98 37.78 -30.86 -32.11
C ASP B 98 37.89 -31.26 -30.64
N THR B 99 38.22 -32.53 -30.41
CA THR B 99 38.43 -33.04 -29.07
C THR B 99 39.63 -32.35 -28.42
N GLY B 100 39.39 -31.66 -27.32
CA GLY B 100 40.47 -30.97 -26.62
C GLY B 100 40.01 -30.23 -25.39
N THR B 101 40.91 -29.43 -24.82
CA THR B 101 40.61 -28.65 -23.63
C THR B 101 40.22 -27.24 -24.05
N TYR B 102 38.99 -26.84 -23.72
CA TYR B 102 38.49 -25.54 -24.13
C TYR B 102 38.54 -24.56 -22.98
N PHE B 103 39.13 -23.39 -23.24
CA PHE B 103 39.37 -22.40 -22.21
C PHE B 103 38.66 -21.08 -22.51
N CYS B 104 38.15 -20.46 -21.46
CA CYS B 104 37.76 -19.07 -21.52
C CYS B 104 38.79 -18.30 -20.72
N ALA B 105 39.02 -17.04 -21.09
CA ALA B 105 39.99 -16.23 -20.39
C ALA B 105 39.62 -14.74 -20.46
N LYS B 106 39.60 -14.08 -19.31
CA LYS B 106 39.27 -12.65 -19.27
C LYS B 106 40.42 -11.81 -19.80
N GLY B 107 40.10 -10.60 -20.26
CA GLY B 107 41.08 -9.70 -20.83
C GLY B 107 42.09 -9.21 -19.81
N LEU B 108 43.08 -8.48 -20.30
CA LEU B 108 44.14 -7.95 -19.45
C LEU B 108 43.82 -6.57 -18.90
N LEU B 109 43.67 -5.61 -19.82
CA LEU B 109 43.46 -4.21 -19.46
C LEU B 109 42.09 -3.69 -19.89
N ARG B 110 41.85 -2.41 -19.64
CA ARG B 110 40.58 -1.78 -19.99
C ARG B 110 40.75 -0.77 -21.12
N ASP B 111 41.97 -0.26 -21.26
CA ASP B 111 42.30 0.66 -22.34
C ASP B 111 43.77 0.51 -22.72
N GLY B 112 44.02 0.20 -23.99
CA GLY B 112 45.38 0.02 -24.47
C GLY B 112 45.51 -0.99 -25.60
N SER B 113 46.75 -1.23 -26.00
CA SER B 113 47.02 -2.11 -27.13
C SER B 113 46.94 -3.58 -26.74
N SER B 114 46.42 -3.87 -25.55
CA SER B 114 46.39 -5.24 -25.04
C SER B 114 45.19 -5.50 -24.13
N THR B 115 44.09 -4.79 -24.37
CA THR B 115 42.91 -4.88 -23.53
C THR B 115 42.32 -6.29 -23.43
N TRP B 116 42.06 -6.87 -24.60
CA TRP B 116 41.40 -8.17 -24.69
C TRP B 116 42.29 -9.33 -24.26
N LEU B 117 43.60 -9.08 -24.18
CA LEU B 117 44.60 -10.14 -24.01
C LEU B 117 44.29 -11.10 -22.86
N PRO B 118 44.25 -12.41 -23.16
CA PRO B 118 43.91 -13.45 -22.17
C PRO B 118 44.83 -13.39 -20.97
N TYR B 119 44.26 -13.11 -19.80
CA TYR B 119 45.04 -12.97 -18.59
C TYR B 119 44.61 -14.00 -17.55
N LEU B 120 43.33 -14.00 -17.22
CA LEU B 120 42.81 -14.93 -16.22
C LEU B 120 42.05 -16.06 -16.91
N TRP B 121 42.71 -17.21 -17.01
CA TRP B 121 42.13 -18.36 -17.69
C TRP B 121 41.26 -19.14 -16.73
N GLY B 122 40.39 -19.98 -17.28
CA GLY B 122 39.49 -20.77 -16.47
C GLY B 122 40.06 -22.12 -16.07
N GLN B 123 39.19 -23.11 -16.00
CA GLN B 123 39.57 -24.45 -15.59
C GLN B 123 39.92 -25.30 -16.79
N GLY B 124 39.33 -24.93 -17.93
CA GLY B 124 39.32 -25.78 -19.09
C GLY B 124 38.03 -26.57 -19.06
N THR B 125 37.61 -27.06 -20.21
CA THR B 125 36.45 -27.94 -20.29
C THR B 125 36.70 -28.97 -21.38
N LEU B 126 37.13 -30.15 -20.96
CA LEU B 126 37.53 -31.20 -21.89
C LEU B 126 36.38 -31.70 -22.75
N LEU B 127 36.52 -31.49 -24.05
CA LEU B 127 35.52 -31.96 -25.00
C LEU B 127 36.01 -33.24 -25.66
N THR B 128 35.10 -34.20 -25.82
CA THR B 128 35.43 -35.46 -26.48
C THR B 128 34.38 -35.78 -27.55
N VAL B 129 34.62 -35.30 -28.77
CA VAL B 129 33.72 -35.57 -29.87
C VAL B 129 34.01 -36.96 -30.47
N SER B 130 33.04 -37.86 -30.39
CA SER B 130 33.26 -39.25 -30.76
C SER B 130 31.97 -40.05 -30.95
N SER B 131 32.09 -41.16 -31.67
CA SER B 131 31.01 -42.10 -31.87
C SER B 131 30.87 -42.98 -30.64
N ALA B 132 32.02 -43.30 -30.05
CA ALA B 132 32.09 -44.21 -28.91
C ALA B 132 31.16 -43.81 -27.79
N SER B 133 30.45 -44.79 -27.25
CA SER B 133 29.49 -44.55 -26.17
C SER B 133 30.21 -44.17 -24.90
N THR B 134 29.45 -43.98 -23.84
CA THR B 134 30.03 -43.63 -22.54
C THR B 134 30.04 -44.83 -21.60
N LYS B 135 31.01 -44.86 -20.70
CA LYS B 135 31.18 -45.96 -19.78
C LYS B 135 31.65 -45.46 -18.42
N GLY B 136 31.05 -45.99 -17.36
CA GLY B 136 31.36 -45.55 -16.01
C GLY B 136 32.61 -46.18 -15.42
N PRO B 137 33.05 -45.66 -14.26
CA PRO B 137 34.23 -46.16 -13.54
C PRO B 137 33.94 -47.33 -12.59
N SER B 138 34.50 -48.49 -12.88
CA SER B 138 34.37 -49.66 -12.01
C SER B 138 35.30 -49.52 -10.80
N VAL B 139 34.80 -48.93 -9.72
CA VAL B 139 35.63 -48.59 -8.57
C VAL B 139 35.87 -49.75 -7.62
N PHE B 140 37.13 -50.08 -7.40
CA PHE B 140 37.53 -51.07 -6.40
C PHE B 140 38.49 -50.41 -5.40
N PRO B 141 38.60 -50.98 -4.19
CA PRO B 141 39.55 -50.43 -3.21
C PRO B 141 40.91 -51.12 -3.23
N LEU B 142 41.97 -50.37 -2.92
CA LEU B 142 43.33 -50.91 -2.87
C LEU B 142 43.73 -51.21 -1.43
N ALA B 143 44.23 -52.42 -1.19
CA ALA B 143 44.64 -52.86 0.14
C ALA B 143 45.85 -52.06 0.65
N PRO B 144 46.08 -52.04 1.97
CA PRO B 144 47.23 -51.30 2.52
C PRO B 144 48.58 -51.91 2.12
N SER B 145 49.57 -51.05 1.90
CA SER B 145 50.89 -51.50 1.47
C SER B 145 52.01 -50.65 2.07
N SER B 146 52.87 -51.27 2.87
CA SER B 146 53.99 -50.56 3.49
C SER B 146 55.21 -50.53 2.56
N LYS B 147 55.54 -49.34 2.08
CA LYS B 147 56.70 -49.17 1.21
C LYS B 147 57.99 -49.24 2.01
N SER B 148 58.16 -48.28 2.92
CA SER B 148 59.31 -48.28 3.82
C SER B 148 58.91 -48.84 5.17
N THR B 149 58.96 -50.17 5.29
CA THR B 149 58.46 -50.86 6.47
C THR B 149 59.41 -50.72 7.66
N SER B 150 60.65 -50.30 7.40
CA SER B 150 61.63 -50.10 8.46
C SER B 150 61.24 -48.92 9.34
N GLY B 151 60.59 -47.92 8.73
CA GLY B 151 60.11 -46.75 9.45
C GLY B 151 58.68 -46.93 9.91
N GLY B 152 57.87 -47.60 9.09
CA GLY B 152 56.51 -47.93 9.43
C GLY B 152 55.46 -47.27 8.54
N THR B 153 55.92 -46.57 7.49
CA THR B 153 55.01 -45.87 6.60
C THR B 153 54.32 -46.83 5.64
N ALA B 154 53.25 -46.35 4.99
CA ALA B 154 52.48 -47.16 4.07
C ALA B 154 51.65 -46.29 3.12
N ALA B 155 50.76 -46.92 2.35
CA ALA B 155 49.92 -46.20 1.40
C ALA B 155 48.69 -47.01 1.00
N LEU B 156 47.55 -46.33 0.86
CA LEU B 156 46.31 -46.95 0.39
C LEU B 156 45.65 -46.08 -0.68
N GLY B 157 44.66 -46.64 -1.39
CA GLY B 157 43.98 -45.89 -2.43
C GLY B 157 42.82 -46.60 -3.11
N CYS B 158 42.46 -46.10 -4.30
CA CYS B 158 41.34 -46.62 -5.09
C CYS B 158 41.69 -46.73 -6.57
N LEU B 159 41.30 -47.83 -7.20
CA LEU B 159 41.59 -48.08 -8.60
C LEU B 159 40.36 -47.89 -9.50
N VAL B 160 40.47 -46.96 -10.45
CA VAL B 160 39.40 -46.70 -11.40
C VAL B 160 39.65 -47.44 -12.72
N LYS B 161 38.70 -48.27 -13.13
CA LYS B 161 38.89 -49.13 -14.29
C LYS B 161 37.74 -49.12 -15.30
N ASP B 162 38.08 -49.45 -16.55
CA ASP B 162 37.10 -49.64 -17.62
C ASP B 162 36.12 -48.48 -17.77
N TYR B 163 36.61 -47.32 -18.22
CA TYR B 163 35.71 -46.18 -18.42
C TYR B 163 36.10 -45.35 -19.64
N PHE B 164 35.15 -44.55 -20.11
CA PHE B 164 35.35 -43.68 -21.26
C PHE B 164 34.12 -42.77 -21.40
N PRO B 165 34.34 -41.48 -21.74
CA PRO B 165 35.64 -40.83 -21.92
C PRO B 165 36.18 -40.20 -20.64
N GLU B 166 37.33 -39.55 -20.75
CA GLU B 166 37.91 -38.83 -19.61
C GLU B 166 37.11 -37.56 -19.37
N PRO B 167 37.24 -36.94 -18.19
CA PRO B 167 38.08 -37.26 -17.02
C PRO B 167 37.33 -37.82 -15.82
N VAL B 168 38.09 -38.24 -14.81
CA VAL B 168 37.54 -38.71 -13.54
C VAL B 168 38.08 -37.89 -12.37
N THR B 169 37.19 -37.32 -11.58
CA THR B 169 37.61 -36.51 -10.44
C THR B 169 37.43 -37.25 -9.12
N VAL B 170 38.56 -37.58 -8.49
CA VAL B 170 38.57 -38.33 -7.24
C VAL B 170 38.72 -37.39 -6.04
N SER B 171 38.20 -37.81 -4.89
CA SER B 171 38.34 -37.06 -3.65
C SER B 171 38.38 -38.01 -2.46
N TRP B 172 38.88 -37.53 -1.32
CA TRP B 172 39.02 -38.37 -0.15
C TRP B 172 38.27 -37.85 1.07
N ASN B 173 37.63 -38.77 1.80
CA ASN B 173 36.85 -38.45 2.98
C ASN B 173 35.81 -37.38 2.74
N SER B 174 34.89 -37.66 1.81
CA SER B 174 33.79 -36.77 1.46
C SER B 174 34.26 -35.40 0.97
N GLY B 175 35.48 -35.33 0.47
CA GLY B 175 36.03 -34.08 -0.01
C GLY B 175 36.58 -33.22 1.11
N ALA B 176 37.32 -33.85 2.02
CA ALA B 176 37.90 -33.14 3.16
C ALA B 176 39.41 -33.40 3.27
N LEU B 177 39.79 -34.67 3.14
CA LEU B 177 41.20 -35.05 3.26
C LEU B 177 42.02 -34.60 2.06
N THR B 178 43.12 -33.89 2.33
CA THR B 178 43.97 -33.37 1.27
C THR B 178 45.41 -33.82 1.40
N SER B 179 45.85 -34.09 2.63
CA SER B 179 47.24 -34.48 2.88
C SER B 179 47.54 -35.88 2.37
N GLY B 180 48.62 -35.99 1.59
CA GLY B 180 49.09 -37.29 1.13
C GLY B 180 48.39 -37.84 -0.10
N VAL B 181 47.38 -37.12 -0.60
CA VAL B 181 46.63 -37.58 -1.76
C VAL B 181 47.45 -37.39 -3.03
N HIS B 182 47.18 -38.24 -4.03
CA HIS B 182 47.95 -38.21 -5.28
C HIS B 182 47.23 -38.95 -6.40
N THR B 183 46.62 -38.20 -7.32
CA THR B 183 45.89 -38.79 -8.43
C THR B 183 46.76 -38.90 -9.67
N PHE B 184 47.10 -40.14 -10.05
CA PHE B 184 47.91 -40.43 -11.22
C PHE B 184 47.11 -40.26 -12.51
N PRO B 185 47.79 -40.12 -13.66
CA PRO B 185 47.10 -40.06 -14.95
C PRO B 185 46.58 -41.42 -15.43
N ALA B 186 46.44 -41.58 -16.74
CA ALA B 186 45.92 -42.81 -17.33
C ALA B 186 46.25 -42.88 -18.81
N VAL B 187 46.09 -44.06 -19.41
CA VAL B 187 46.37 -44.24 -20.84
C VAL B 187 45.24 -44.89 -21.61
N LEU B 188 45.21 -44.59 -22.91
CA LEU B 188 44.28 -45.18 -23.85
C LEU B 188 44.68 -46.61 -24.16
N GLN B 189 43.88 -47.58 -23.69
CA GLN B 189 44.20 -48.98 -23.90
C GLN B 189 43.91 -49.41 -25.33
N SER B 190 43.97 -50.72 -25.58
CA SER B 190 43.67 -51.25 -26.91
C SER B 190 42.19 -51.06 -27.22
N SER B 191 41.34 -51.39 -26.25
CA SER B 191 39.89 -51.28 -26.40
C SER B 191 39.47 -49.86 -26.71
N GLY B 192 39.99 -48.91 -25.93
CA GLY B 192 39.65 -47.51 -26.08
C GLY B 192 39.34 -46.88 -24.73
N LEU B 193 39.22 -47.71 -23.71
CA LEU B 193 38.84 -47.27 -22.38
C LEU B 193 40.01 -46.64 -21.61
N TYR B 194 39.69 -45.88 -20.57
CA TYR B 194 40.69 -45.25 -19.71
C TYR B 194 40.67 -45.89 -18.33
N SER B 195 41.66 -45.58 -17.50
CA SER B 195 41.78 -46.19 -16.17
C SER B 195 42.86 -45.53 -15.32
N LEU B 196 42.48 -44.84 -14.25
CA LEU B 196 43.47 -44.20 -13.37
C LEU B 196 43.51 -44.83 -11.97
N SER B 197 44.40 -44.33 -11.13
CA SER B 197 44.54 -44.78 -9.75
C SER B 197 44.86 -43.61 -8.83
N SER B 198 44.19 -43.55 -7.68
CA SER B 198 44.40 -42.47 -6.72
C SER B 198 44.92 -43.00 -5.39
N VAL B 199 46.11 -42.55 -5.00
CA VAL B 199 46.74 -43.01 -3.77
C VAL B 199 46.77 -41.91 -2.71
N VAL B 200 46.41 -42.27 -1.49
CA VAL B 200 46.58 -41.37 -0.35
C VAL B 200 47.56 -42.00 0.64
N THR B 201 48.78 -41.46 0.68
CA THR B 201 49.86 -42.05 1.44
C THR B 201 49.71 -41.86 2.95
N VAL B 202 49.23 -42.91 3.62
CA VAL B 202 49.10 -42.93 5.08
C VAL B 202 49.52 -44.30 5.63
N PRO B 203 50.13 -44.32 6.82
CA PRO B 203 50.71 -45.54 7.41
C PRO B 203 49.71 -46.63 7.80
N SER B 204 50.22 -47.69 8.42
CA SER B 204 49.40 -48.85 8.80
C SER B 204 49.04 -48.84 10.29
N SER B 205 49.07 -47.66 10.90
CA SER B 205 48.78 -47.55 12.33
C SER B 205 47.31 -47.24 12.57
N SER B 206 46.81 -46.20 11.92
CA SER B 206 45.42 -45.78 12.11
C SER B 206 44.50 -46.46 11.10
N LEU B 207 44.53 -47.79 11.09
CA LEU B 207 43.73 -48.57 10.15
C LEU B 207 42.33 -48.83 10.68
N GLY B 208 42.25 -49.46 11.85
CA GLY B 208 40.98 -49.85 12.42
C GLY B 208 40.18 -48.72 13.04
N THR B 209 40.80 -47.54 13.13
CA THR B 209 40.14 -46.40 13.77
C THR B 209 39.63 -45.37 12.76
N GLN B 210 40.56 -44.74 12.04
CA GLN B 210 40.21 -43.70 11.09
C GLN B 210 39.60 -44.29 9.80
N THR B 211 38.64 -43.57 9.23
CA THR B 211 37.96 -43.99 8.02
C THR B 211 38.56 -43.34 6.77
N TYR B 212 38.68 -44.11 5.69
CA TYR B 212 39.16 -43.59 4.42
C TYR B 212 38.22 -44.00 3.29
N ILE B 213 37.69 -43.03 2.56
CA ILE B 213 36.74 -43.29 1.48
C ILE B 213 37.04 -42.49 0.22
N CYS B 214 37.12 -43.17 -0.92
CA CYS B 214 37.37 -42.51 -2.18
C CYS B 214 36.06 -42.02 -2.81
N ASN B 215 35.98 -40.72 -3.05
CA ASN B 215 34.79 -40.11 -3.63
C ASN B 215 34.96 -39.85 -5.13
N VAL B 216 34.75 -40.90 -5.91
CA VAL B 216 34.99 -40.86 -7.35
C VAL B 216 33.75 -40.40 -8.12
N ASN B 217 33.96 -39.60 -9.17
CA ASN B 217 32.85 -39.18 -10.01
C ASN B 217 33.22 -39.07 -11.48
N HIS B 218 32.20 -39.19 -12.34
CA HIS B 218 32.38 -39.20 -13.79
C HIS B 218 31.21 -38.49 -14.44
N LYS B 219 31.43 -37.24 -14.86
CA LYS B 219 30.35 -36.41 -15.41
C LYS B 219 29.80 -36.91 -16.76
N PRO B 220 30.65 -37.35 -17.70
CA PRO B 220 30.08 -37.86 -18.95
C PRO B 220 29.12 -39.04 -18.77
N SER B 221 29.50 -40.02 -17.96
CA SER B 221 28.64 -41.17 -17.71
C SER B 221 27.75 -40.92 -16.49
N ASN B 222 27.94 -39.77 -15.85
CA ASN B 222 27.10 -39.31 -14.75
C ASN B 222 27.02 -40.30 -13.58
N THR B 223 28.16 -40.57 -12.95
CA THR B 223 28.19 -41.46 -11.79
C THR B 223 28.92 -40.81 -10.62
N LYS B 224 28.46 -41.12 -9.40
CA LYS B 224 29.09 -40.63 -8.18
C LYS B 224 29.23 -41.80 -7.21
N VAL B 225 30.48 -42.22 -6.97
CA VAL B 225 30.75 -43.44 -6.21
C VAL B 225 31.44 -43.19 -4.86
N ASP B 226 31.01 -43.92 -3.84
CA ASP B 226 31.65 -43.90 -2.53
C ASP B 226 32.07 -45.31 -2.13
N LYS B 227 33.34 -45.47 -1.76
CA LYS B 227 33.88 -46.80 -1.47
C LYS B 227 34.69 -46.84 -0.18
N ARG B 228 34.47 -47.88 0.62
CA ARG B 228 35.22 -48.10 1.85
C ARG B 228 36.45 -48.96 1.58
N VAL B 229 37.62 -48.46 1.93
CA VAL B 229 38.86 -49.20 1.73
C VAL B 229 39.12 -50.15 2.89
N GLU B 230 39.16 -51.45 2.60
CA GLU B 230 39.28 -52.47 3.62
C GLU B 230 40.68 -52.54 4.23
N PRO B 231 40.76 -52.46 5.56
CA PRO B 231 42.03 -52.57 6.28
C PRO B 231 42.44 -54.02 6.49
N LYS B 232 42.92 -54.66 5.42
CA LYS B 232 43.36 -56.05 5.51
C LYS B 232 44.38 -56.34 4.41
N SER B 233 45.33 -57.22 4.72
CA SER B 233 46.41 -57.55 3.78
C SER B 233 47.01 -58.92 4.06
N CYS B 234 46.59 -59.92 3.30
CA CYS B 234 47.12 -61.27 3.43
C CYS B 234 48.29 -61.45 2.46
N ASP B 235 49.42 -60.83 2.78
CA ASP B 235 50.59 -60.84 1.91
C ASP B 235 51.87 -60.56 2.72
N LYS B 236 53.02 -61.03 2.22
CA LYS B 236 54.27 -60.89 2.95
C LYS B 236 54.93 -59.52 2.80
N GLY B 237 54.31 -58.64 2.02
CA GLY B 237 54.85 -57.32 1.78
C GLY B 237 54.64 -56.35 2.93
N LEU B 238 53.44 -56.38 3.52
CA LEU B 238 53.08 -55.47 4.60
C LEU B 238 53.20 -56.15 5.97
N GLU B 239 52.85 -57.44 6.03
CA GLU B 239 52.83 -58.18 7.29
C GLU B 239 54.21 -58.35 7.91
N VAL B 240 54.72 -57.29 8.52
CA VAL B 240 55.99 -57.36 9.23
C VAL B 240 55.87 -56.72 10.61
N LEU B 241 55.17 -55.58 10.66
CA LEU B 241 55.04 -54.80 11.89
C LEU B 241 54.23 -55.51 12.97
N PHE B 242 53.09 -56.07 12.59
CA PHE B 242 52.18 -56.71 13.55
C PHE B 242 52.74 -58.02 14.06
N GLN B 243 52.45 -58.43 15.19
N SER C 2 51.23 -24.09 -35.93
CA SER C 2 51.29 -22.64 -36.03
C SER C 2 52.15 -22.19 -37.21
N VAL C 3 51.94 -20.96 -37.65
CA VAL C 3 52.76 -20.37 -38.71
C VAL C 3 53.93 -19.63 -38.08
N LEU C 4 53.69 -19.05 -36.91
CA LEU C 4 54.70 -18.35 -36.15
C LEU C 4 55.58 -19.36 -35.41
N THR C 5 56.75 -19.63 -35.97
CA THR C 5 57.61 -20.72 -35.48
C THR C 5 58.60 -20.30 -34.40
N GLN C 6 58.44 -20.86 -33.21
CA GLN C 6 59.45 -20.72 -32.18
C GLN C 6 60.27 -22.00 -32.10
N SER C 7 61.37 -21.96 -31.35
CA SER C 7 62.28 -23.10 -31.25
C SER C 7 61.59 -24.34 -30.69
N ALA C 8 62.13 -25.50 -31.02
CA ALA C 8 61.56 -26.76 -30.59
C ALA C 8 61.71 -26.96 -29.09
N SER C 9 62.96 -27.05 -28.64
CA SER C 9 63.25 -27.25 -27.23
C SER C 9 64.62 -26.69 -26.89
N VAL C 10 64.69 -25.97 -25.78
CA VAL C 10 65.92 -25.31 -25.37
C VAL C 10 66.35 -25.82 -24.00
N SER C 11 67.65 -25.76 -23.73
CA SER C 11 68.21 -26.20 -22.46
C SER C 11 68.86 -25.05 -21.71
N GLY C 12 68.55 -24.96 -20.41
CA GLY C 12 69.11 -23.93 -19.57
C GLY C 12 69.78 -24.52 -18.34
N SER C 13 70.68 -23.75 -17.74
CA SER C 13 71.40 -24.21 -16.55
C SER C 13 70.96 -23.45 -15.32
N LEU C 14 70.59 -24.20 -14.28
CA LEU C 14 70.06 -23.66 -13.02
C LEU C 14 70.91 -22.50 -12.48
N GLY C 15 70.27 -21.37 -12.25
CA GLY C 15 70.95 -20.18 -11.77
C GLY C 15 71.24 -19.19 -12.88
N GLN C 16 71.56 -19.71 -14.07
CA GLN C 16 71.85 -18.86 -15.22
C GLN C 16 70.61 -18.65 -16.07
N SER C 17 70.81 -18.14 -17.27
CA SER C 17 69.70 -17.76 -18.14
C SER C 17 69.46 -18.75 -19.26
N VAL C 18 68.44 -18.46 -20.07
CA VAL C 18 68.09 -19.25 -21.25
C VAL C 18 67.10 -18.44 -22.08
N THR C 19 67.25 -18.46 -23.40
CA THR C 19 66.42 -17.65 -24.27
C THR C 19 65.50 -18.49 -25.16
N ILE C 20 64.35 -17.93 -25.51
CA ILE C 20 63.43 -18.57 -26.44
C ILE C 20 63.05 -17.58 -27.55
N SER C 21 63.19 -17.99 -28.80
CA SER C 21 62.95 -17.09 -29.93
C SER C 21 61.59 -17.35 -30.56
N CYS C 22 61.05 -16.33 -31.23
CA CYS C 22 59.81 -16.49 -31.97
C CYS C 22 59.88 -15.71 -33.27
N THR C 23 59.46 -16.35 -34.37
CA THR C 23 59.67 -15.81 -35.71
C THR C 23 58.69 -16.39 -36.74
N GLY C 24 58.37 -15.59 -37.76
CA GLY C 24 57.58 -16.05 -38.90
C GLY C 24 57.70 -15.05 -40.04
N PRO C 25 56.83 -15.18 -41.06
CA PRO C 25 56.82 -14.22 -42.17
C PRO C 25 56.49 -12.80 -41.73
N ASN C 26 56.66 -11.83 -42.63
CA ASN C 26 56.43 -10.41 -42.34
C ASN C 26 55.05 -10.15 -41.74
N SER C 27 54.10 -11.03 -42.07
CA SER C 27 52.74 -10.93 -41.57
C SER C 27 52.67 -11.17 -40.07
N VAL C 28 53.01 -12.39 -39.65
CA VAL C 28 52.86 -12.79 -38.25
C VAL C 28 53.92 -12.16 -37.34
N CYS C 29 54.93 -11.52 -37.93
CA CYS C 29 56.04 -10.97 -37.18
C CYS C 29 56.92 -10.07 -38.05
N CYS C 30 57.55 -9.05 -37.47
CA CYS C 30 57.46 -8.71 -36.06
C CYS C 30 57.11 -7.24 -35.88
N SER C 31 57.59 -6.41 -36.81
CA SER C 31 57.31 -4.99 -36.77
C SER C 31 55.82 -4.75 -36.96
N HIS C 32 55.28 -3.82 -36.17
CA HIS C 32 53.84 -3.53 -36.12
C HIS C 32 53.04 -4.74 -35.62
N LYS C 33 53.69 -5.58 -34.82
CA LYS C 33 53.03 -6.71 -34.17
C LYS C 33 53.53 -6.83 -32.73
N SER C 34 52.60 -6.82 -31.78
CA SER C 34 52.96 -6.93 -30.37
C SER C 34 53.08 -8.40 -29.99
N ILE C 35 54.02 -8.71 -29.10
CA ILE C 35 54.33 -10.10 -28.74
C ILE C 35 54.13 -10.40 -27.24
N SER C 36 53.47 -11.51 -26.95
CA SER C 36 53.28 -11.95 -25.57
C SER C 36 53.90 -13.32 -25.32
N TRP C 37 54.00 -13.71 -24.05
CA TRP C 37 54.56 -15.01 -23.69
C TRP C 37 53.79 -15.68 -22.56
N TYR C 38 53.51 -16.97 -22.74
CA TYR C 38 52.82 -17.76 -21.73
C TYR C 38 53.61 -18.99 -21.37
N GLN C 39 53.73 -19.26 -20.07
CA GLN C 39 54.17 -20.57 -19.67
C GLN C 39 52.90 -21.42 -19.63
N TRP C 40 52.95 -22.58 -20.28
CA TRP C 40 51.76 -23.39 -20.43
C TRP C 40 52.02 -24.82 -19.99
N PRO C 41 52.06 -25.05 -18.67
CA PRO C 41 52.26 -26.39 -18.12
C PRO C 41 51.15 -27.30 -18.61
N PRO C 42 51.49 -28.28 -19.47
CA PRO C 42 50.51 -29.18 -20.07
C PRO C 42 49.64 -29.84 -19.01
N GLY C 43 48.33 -29.71 -19.14
CA GLY C 43 47.40 -30.27 -18.17
C GLY C 43 46.88 -29.20 -17.23
N ARG C 44 47.45 -28.00 -17.33
CA ARG C 44 47.06 -26.89 -16.47
C ARG C 44 46.86 -25.63 -17.30
N ALA C 45 46.13 -24.67 -16.73
CA ALA C 45 45.88 -23.40 -17.38
C ALA C 45 47.16 -22.57 -17.41
N PRO C 46 47.41 -21.88 -18.53
CA PRO C 46 48.67 -21.14 -18.73
C PRO C 46 48.81 -19.92 -17.82
N THR C 47 49.99 -19.31 -17.86
CA THR C 47 50.30 -18.13 -17.07
C THR C 47 50.98 -17.09 -17.95
N LEU C 48 50.41 -15.89 -17.99
CA LEU C 48 50.98 -14.81 -18.79
C LEU C 48 52.23 -14.24 -18.14
N ILE C 49 53.35 -14.38 -18.83
CA ILE C 49 54.61 -13.85 -18.33
C ILE C 49 54.82 -12.43 -18.85
N ILE C 50 54.78 -12.30 -20.17
CA ILE C 50 55.09 -11.07 -20.87
C ILE C 50 53.96 -10.69 -21.83
N TYR C 51 53.66 -9.40 -21.99
CA TYR C 51 52.58 -9.02 -22.90
C TYR C 51 52.92 -7.95 -23.94
N GLU C 52 53.66 -6.91 -23.56
CA GLU C 52 54.05 -5.92 -24.56
C GLU C 52 55.51 -6.05 -24.90
N ASP C 53 55.97 -7.29 -25.07
CA ASP C 53 57.37 -7.62 -25.32
C ASP C 53 58.25 -7.17 -24.16
N ASN C 54 58.34 -5.86 -23.96
CA ASN C 54 59.12 -5.28 -22.88
C ASN C 54 58.43 -5.48 -21.53
N GLU C 55 57.11 -5.42 -21.52
CA GLU C 55 56.33 -5.38 -20.27
C GLU C 55 56.05 -6.75 -19.66
N ARG C 56 56.07 -6.79 -18.33
CA ARG C 56 55.80 -8.01 -17.57
C ARG C 56 54.44 -7.95 -16.89
N ALA C 57 53.78 -9.10 -16.78
CA ALA C 57 52.50 -9.19 -16.08
C ALA C 57 52.68 -8.93 -14.58
N PRO C 58 51.58 -8.64 -13.87
CA PRO C 58 51.70 -8.40 -12.43
C PRO C 58 52.27 -9.59 -11.66
N GLY C 59 53.03 -9.31 -10.62
CA GLY C 59 53.58 -10.35 -9.77
C GLY C 59 54.65 -11.18 -10.42
N ILE C 60 55.03 -10.83 -11.65
CA ILE C 60 56.06 -11.58 -12.38
C ILE C 60 57.44 -11.10 -11.97
N SER C 61 58.37 -12.04 -11.82
CA SER C 61 59.74 -11.74 -11.46
C SER C 61 60.46 -11.03 -12.62
N PRO C 62 61.40 -10.12 -12.29
CA PRO C 62 62.25 -9.49 -13.30
C PRO C 62 63.19 -10.51 -13.98
N ARG C 63 63.30 -11.71 -13.40
CA ARG C 63 63.99 -12.83 -14.04
C ARG C 63 63.65 -12.90 -15.52
N PHE C 64 62.35 -12.93 -15.77
CA PHE C 64 61.80 -13.02 -17.11
C PHE C 64 61.87 -11.67 -17.80
N SER C 65 62.54 -11.61 -18.95
CA SER C 65 62.69 -10.38 -19.69
C SER C 65 62.42 -10.61 -21.18
N GLY C 66 62.06 -9.54 -21.88
CA GLY C 66 61.67 -9.67 -23.28
C GLY C 66 62.33 -8.68 -24.23
N TYR C 67 62.46 -9.10 -25.49
CA TYR C 67 63.03 -8.26 -26.52
C TYR C 67 62.53 -8.68 -27.90
N LYS C 68 62.10 -7.70 -28.69
CA LYS C 68 61.65 -7.96 -30.05
C LYS C 68 62.44 -7.14 -31.06
N SER C 69 63.13 -7.83 -31.97
CA SER C 69 63.81 -7.17 -33.07
C SER C 69 62.85 -7.08 -34.24
N TYR C 70 63.33 -6.56 -35.36
CA TYR C 70 62.46 -6.33 -36.51
C TYR C 70 61.96 -7.64 -37.13
N TRP C 71 62.64 -8.73 -36.82
CA TRP C 71 62.33 -10.02 -37.44
C TRP C 71 62.07 -11.13 -36.41
N SER C 72 62.36 -10.87 -35.14
CA SER C 72 62.23 -11.92 -34.15
C SER C 72 61.89 -11.42 -32.74
N ALA C 73 61.13 -12.23 -32.02
CA ALA C 73 60.83 -11.99 -30.62
C ALA C 73 61.67 -12.92 -29.77
N TYR C 74 62.00 -12.48 -28.55
CA TYR C 74 62.82 -13.29 -27.67
C TYR C 74 62.26 -13.29 -26.25
N LEU C 75 62.76 -14.24 -25.45
CA LEU C 75 62.33 -14.37 -24.06
C LEU C 75 63.45 -14.93 -23.18
N THR C 76 64.13 -14.03 -22.48
CA THR C 76 65.14 -14.45 -21.53
C THR C 76 64.49 -14.80 -20.20
N ILE C 77 64.93 -15.91 -19.61
CA ILE C 77 64.44 -16.33 -18.30
C ILE C 77 65.65 -16.79 -17.48
N SER C 78 65.92 -16.05 -16.40
CA SER C 78 67.17 -16.23 -15.65
C SER C 78 66.92 -16.70 -14.21
N ASP C 79 68.02 -17.03 -13.53
CA ASP C 79 67.99 -17.66 -12.21
C ASP C 79 67.07 -18.87 -12.25
N LEU C 80 67.40 -19.80 -13.14
CA LEU C 80 66.55 -20.95 -13.42
C LEU C 80 66.25 -21.78 -12.18
N ARG C 81 65.02 -22.30 -12.14
CA ARG C 81 64.50 -23.02 -10.98
C ARG C 81 63.90 -24.37 -11.43
N PRO C 82 63.57 -25.26 -10.46
CA PRO C 82 62.96 -26.53 -10.86
C PRO C 82 61.58 -26.38 -11.50
N GLU C 83 60.95 -25.23 -11.30
CA GLU C 83 59.59 -25.00 -11.80
C GLU C 83 59.58 -24.57 -13.26
N ASP C 84 60.76 -24.26 -13.80
CA ASP C 84 60.84 -23.71 -15.15
C ASP C 84 61.05 -24.79 -16.21
N GLU C 85 60.70 -26.02 -15.88
CA GLU C 85 60.91 -27.15 -16.80
C GLU C 85 59.67 -27.42 -17.64
N THR C 86 58.77 -26.45 -17.71
CA THR C 86 57.56 -26.57 -18.51
C THR C 86 57.80 -26.07 -19.93
N THR C 87 56.73 -26.02 -20.71
CA THR C 87 56.81 -25.53 -22.08
C THR C 87 56.15 -24.16 -22.19
N TYR C 88 56.80 -23.27 -22.93
CA TYR C 88 56.35 -21.89 -23.03
C TYR C 88 55.82 -21.58 -24.42
N TYR C 89 55.00 -20.55 -24.53
CA TYR C 89 54.43 -20.15 -25.81
C TYR C 89 54.56 -18.65 -26.05
N CYS C 90 54.76 -18.28 -27.30
CA CYS C 90 54.72 -16.88 -27.68
C CYS C 90 53.46 -16.62 -28.49
N CYS C 91 53.17 -15.35 -28.74
CA CYS C 91 51.99 -14.95 -29.50
C CYS C 91 52.17 -13.59 -30.15
N SER C 92 51.65 -13.45 -31.37
CA SER C 92 51.72 -12.18 -32.08
C SER C 92 50.32 -11.61 -32.30
N TYR C 93 50.12 -10.39 -31.84
CA TYR C 93 48.79 -9.80 -31.83
C TYR C 93 48.85 -8.30 -32.05
N THR C 94 47.69 -7.71 -32.33
CA THR C 94 47.57 -6.27 -32.46
C THR C 94 46.54 -5.75 -31.47
N HIS C 95 46.33 -4.43 -31.47
CA HIS C 95 45.45 -3.81 -30.50
C HIS C 95 43.98 -4.19 -30.68
N ASN C 96 43.68 -4.97 -31.71
CA ASN C 96 42.29 -5.30 -32.05
C ASN C 96 42.17 -6.60 -32.84
N SER C 97 42.96 -7.61 -32.45
CA SER C 97 43.00 -8.86 -33.19
C SER C 97 43.48 -10.01 -32.31
N GLY C 98 42.92 -11.20 -32.53
CA GLY C 98 43.25 -12.37 -31.73
C GLY C 98 44.71 -12.80 -31.77
N CYS C 99 45.09 -13.64 -30.81
CA CYS C 99 46.47 -14.10 -30.68
C CYS C 99 46.83 -15.15 -31.72
N VAL C 100 48.08 -15.06 -32.20
CA VAL C 100 48.60 -16.05 -33.14
C VAL C 100 49.71 -16.82 -32.44
N PHE C 101 49.31 -17.83 -31.66
CA PHE C 101 50.22 -18.59 -30.81
C PHE C 101 51.40 -19.20 -31.56
N GLY C 102 52.55 -19.22 -30.91
CA GLY C 102 53.75 -19.82 -31.46
C GLY C 102 53.65 -21.33 -31.47
N THR C 103 54.69 -21.99 -31.98
CA THR C 103 54.68 -23.44 -32.11
C THR C 103 54.95 -24.15 -30.79
N GLY C 104 55.45 -23.41 -29.80
CA GLY C 104 55.73 -23.95 -28.48
C GLY C 104 57.18 -24.34 -28.28
N THR C 105 57.67 -24.11 -27.07
CA THR C 105 59.06 -24.45 -26.74
C THR C 105 59.14 -25.08 -25.35
N LYS C 106 59.56 -26.34 -25.30
CA LYS C 106 59.71 -27.03 -24.03
C LYS C 106 61.10 -26.76 -23.49
N VAL C 107 61.18 -26.50 -22.18
CA VAL C 107 62.43 -26.07 -21.55
C VAL C 107 62.97 -27.09 -20.56
N SER C 108 64.28 -27.32 -20.60
CA SER C 108 64.96 -28.21 -19.68
C SER C 108 65.90 -27.44 -18.77
N VAL C 109 65.74 -27.62 -17.46
CA VAL C 109 66.61 -26.96 -16.49
C VAL C 109 67.73 -27.90 -16.05
N LEU C 110 68.91 -27.70 -16.65
CA LEU C 110 70.04 -28.60 -16.47
C LEU C 110 70.73 -28.39 -15.13
N GLY C 111 71.39 -29.43 -14.65
CA GLY C 111 72.17 -29.34 -13.43
C GLY C 111 71.34 -29.27 -12.18
N GLN C 112 70.29 -30.09 -12.10
CA GLN C 112 69.48 -30.18 -10.89
C GLN C 112 69.63 -31.57 -10.27
N SER C 113 69.15 -31.71 -9.03
CA SER C 113 69.34 -32.93 -8.26
C SER C 113 68.57 -34.12 -8.84
N LYS C 114 68.69 -35.27 -8.19
CA LYS C 114 68.07 -36.51 -8.66
C LYS C 114 67.21 -37.15 -7.57
N ALA C 115 66.21 -37.92 -7.99
CA ALA C 115 65.34 -38.62 -7.06
C ALA C 115 64.98 -40.01 -7.58
N ASN C 116 64.74 -40.94 -6.67
CA ASN C 116 64.45 -42.32 -7.03
C ASN C 116 62.96 -42.65 -6.98
N PRO C 117 62.47 -43.40 -7.97
CA PRO C 117 61.06 -43.79 -8.11
C PRO C 117 60.52 -44.57 -6.92
N SER C 118 59.57 -44.00 -6.20
CA SER C 118 58.94 -44.67 -5.06
C SER C 118 57.81 -45.59 -5.53
N VAL C 119 58.12 -46.87 -5.63
CA VAL C 119 57.17 -47.86 -6.12
C VAL C 119 56.17 -48.25 -5.03
N THR C 120 54.94 -48.57 -5.44
CA THR C 120 53.93 -49.07 -4.53
C THR C 120 53.00 -50.08 -5.24
N LEU C 121 53.36 -51.34 -5.19
CA LEU C 121 52.62 -52.39 -5.89
C LEU C 121 51.45 -52.92 -5.05
N PHE C 122 50.27 -53.00 -5.66
CA PHE C 122 49.07 -53.51 -5.00
C PHE C 122 48.54 -54.77 -5.66
N PRO C 123 47.84 -55.61 -4.87
CA PRO C 123 47.19 -56.81 -5.42
C PRO C 123 45.77 -56.52 -5.91
N PRO C 124 45.22 -57.39 -6.77
CA PRO C 124 43.82 -57.24 -7.18
C PRO C 124 42.87 -57.59 -6.05
N SER C 125 42.04 -56.63 -5.64
CA SER C 125 41.13 -56.81 -4.51
C SER C 125 40.13 -57.93 -4.75
N SER C 126 39.44 -58.33 -3.69
CA SER C 126 38.46 -59.42 -3.75
C SER C 126 37.37 -59.10 -4.76
N GLU C 127 37.01 -57.82 -4.86
CA GLU C 127 36.01 -57.36 -5.83
C GLU C 127 36.46 -57.65 -7.25
N GLU C 128 37.75 -57.42 -7.53
CA GLU C 128 38.33 -57.75 -8.83
C GLU C 128 38.33 -59.26 -9.03
N LEU C 129 38.72 -59.98 -7.98
CA LEU C 129 38.79 -61.43 -8.02
C LEU C 129 37.39 -62.06 -8.06
N GLN C 130 36.37 -61.25 -7.83
CA GLN C 130 34.98 -61.72 -7.87
C GLN C 130 34.34 -61.52 -9.23
N ALA C 131 35.12 -61.11 -10.23
CA ALA C 131 34.52 -60.68 -11.50
C ALA C 131 34.18 -61.83 -12.48
N ASN C 132 35.10 -62.72 -12.88
CA ASN C 132 36.51 -62.79 -12.47
C ASN C 132 37.46 -62.13 -13.47
N LYS C 133 38.07 -61.03 -13.06
CA LYS C 133 39.05 -60.30 -13.85
C LYS C 133 39.98 -59.55 -12.91
N ALA C 134 41.23 -60.00 -12.81
CA ALA C 134 42.16 -59.44 -11.84
C ALA C 134 43.31 -58.70 -12.51
N THR C 135 43.57 -57.47 -12.07
CA THR C 135 44.64 -56.66 -12.62
C THR C 135 45.58 -56.18 -11.52
N LEU C 136 46.88 -56.10 -11.83
CA LEU C 136 47.88 -55.64 -10.88
C LEU C 136 48.09 -54.14 -11.02
N VAL C 137 48.40 -53.47 -9.92
CA VAL C 137 48.50 -52.00 -9.88
C VAL C 137 49.83 -51.51 -9.30
N CYS C 138 50.72 -51.04 -10.18
CA CYS C 138 52.03 -50.55 -9.78
C CYS C 138 52.14 -49.06 -10.12
N LEU C 139 52.82 -48.28 -9.29
CA LEU C 139 52.95 -46.85 -9.53
C LEU C 139 54.24 -46.23 -8.99
N ILE C 140 55.06 -45.71 -9.89
CA ILE C 140 56.29 -45.01 -9.53
C ILE C 140 56.05 -43.52 -9.40
N SER C 141 56.78 -42.88 -8.49
CA SER C 141 56.61 -41.45 -8.26
C SER C 141 57.86 -40.80 -7.66
N ASP C 142 57.88 -39.47 -7.70
CA ASP C 142 58.98 -38.68 -7.13
C ASP C 142 60.34 -39.05 -7.72
N PHE C 143 60.45 -38.96 -9.04
CA PHE C 143 61.73 -39.24 -9.70
C PHE C 143 62.02 -38.24 -10.81
N TYR C 144 63.29 -37.92 -10.97
CA TYR C 144 63.75 -37.14 -12.12
C TYR C 144 65.24 -37.34 -12.34
N PRO C 145 65.69 -37.32 -13.60
CA PRO C 145 64.95 -37.08 -14.86
C PRO C 145 63.85 -38.10 -15.14
N GLY C 146 62.81 -37.65 -15.86
CA GLY C 146 61.64 -38.47 -16.11
C GLY C 146 61.82 -39.55 -17.16
N ALA C 147 62.94 -39.49 -17.89
CA ALA C 147 63.22 -40.48 -18.91
C ALA C 147 63.43 -41.87 -18.29
N VAL C 148 62.34 -42.59 -18.09
CA VAL C 148 62.40 -43.92 -17.49
C VAL C 148 61.81 -44.97 -18.42
N THR C 149 62.06 -46.24 -18.10
CA THR C 149 61.52 -47.36 -18.88
C THR C 149 61.04 -48.50 -17.98
N VAL C 150 60.10 -49.29 -18.49
CA VAL C 150 59.42 -50.30 -17.70
C VAL C 150 59.83 -51.72 -18.11
N ALA C 151 59.75 -52.67 -17.16
CA ALA C 151 60.04 -54.07 -17.45
C ALA C 151 59.40 -55.00 -16.42
N TRP C 152 58.13 -55.35 -16.64
CA TRP C 152 57.43 -56.32 -15.79
C TRP C 152 58.04 -57.71 -15.94
N LYS C 153 57.94 -58.52 -14.89
CA LYS C 153 58.50 -59.87 -14.91
C LYS C 153 57.70 -60.89 -14.09
N ALA C 154 56.97 -61.76 -14.80
CA ALA C 154 56.34 -62.91 -14.19
C ALA C 154 57.25 -64.10 -14.40
N ASP C 155 57.85 -64.56 -13.31
CA ASP C 155 58.88 -65.62 -13.35
C ASP C 155 60.02 -65.20 -14.25
N SER C 156 60.47 -63.96 -14.09
CA SER C 156 61.63 -63.43 -14.80
C SER C 156 61.49 -63.56 -16.32
N SER C 157 60.33 -63.20 -16.84
CA SER C 157 60.08 -63.26 -18.27
C SER C 157 59.50 -61.95 -18.78
N PRO C 158 59.92 -61.52 -19.98
CA PRO C 158 59.38 -60.29 -20.57
C PRO C 158 57.92 -60.45 -21.00
N VAL C 159 57.02 -59.74 -20.34
CA VAL C 159 55.58 -59.86 -20.60
C VAL C 159 55.17 -58.91 -21.73
N LYS C 160 54.25 -59.38 -22.57
CA LYS C 160 53.84 -58.62 -23.75
C LYS C 160 52.40 -58.10 -23.69
N ALA C 161 51.44 -59.00 -23.91
CA ALA C 161 50.04 -58.61 -24.05
C ALA C 161 49.39 -58.28 -22.71
N GLY C 162 48.63 -57.18 -22.70
CA GLY C 162 47.88 -56.77 -21.52
C GLY C 162 48.62 -55.82 -20.62
N VAL C 163 49.85 -55.46 -21.01
CA VAL C 163 50.69 -54.58 -20.20
C VAL C 163 50.63 -53.14 -20.73
N GLU C 164 49.99 -52.25 -19.97
CA GLU C 164 49.86 -50.86 -20.38
C GLU C 164 50.59 -49.91 -19.42
N THR C 165 51.43 -49.05 -19.98
CA THR C 165 52.20 -48.09 -19.21
C THR C 165 51.75 -46.66 -19.51
N THR C 166 52.05 -45.73 -18.60
CA THR C 166 51.72 -44.32 -18.83
C THR C 166 52.98 -43.47 -18.98
N THR C 167 52.85 -42.37 -19.71
CA THR C 167 53.95 -41.44 -19.91
C THR C 167 54.17 -40.60 -18.64
N PRO C 168 55.43 -40.44 -18.22
CA PRO C 168 55.76 -39.73 -16.97
C PRO C 168 55.32 -38.27 -16.93
N SER C 169 54.61 -37.90 -15.87
CA SER C 169 54.10 -36.54 -15.70
C SER C 169 54.77 -35.82 -14.53
N LYS C 170 54.89 -34.50 -14.65
CA LYS C 170 55.51 -33.69 -13.60
C LYS C 170 54.54 -33.50 -12.43
N GLN C 171 55.08 -33.26 -11.24
CA GLN C 171 54.27 -33.17 -10.03
C GLN C 171 54.43 -31.82 -9.34
N SER C 172 53.69 -31.64 -8.25
CA SER C 172 53.83 -30.45 -7.43
C SER C 172 55.15 -30.50 -6.67
N ASN C 173 55.75 -31.70 -6.65
CA ASN C 173 57.08 -31.88 -6.08
C ASN C 173 58.16 -31.59 -7.11
N ASN C 174 57.73 -31.02 -8.24
CA ASN C 174 58.62 -30.69 -9.37
C ASN C 174 59.29 -31.90 -10.01
N LYS C 175 58.91 -33.09 -9.54
CA LYS C 175 59.49 -34.33 -10.05
C LYS C 175 58.51 -35.04 -10.96
N TYR C 176 59.00 -36.03 -11.72
CA TYR C 176 58.17 -36.74 -12.68
C TYR C 176 57.63 -38.04 -12.10
N ALA C 177 56.46 -38.46 -12.57
CA ALA C 177 55.80 -39.66 -12.06
C ALA C 177 55.05 -40.40 -13.16
N ALA C 178 55.02 -41.73 -13.05
CA ALA C 178 54.33 -42.57 -14.03
C ALA C 178 53.52 -43.68 -13.36
N SER C 179 53.02 -44.62 -14.17
CA SER C 179 52.22 -45.73 -13.68
C SER C 179 52.06 -46.81 -14.76
N SER C 180 52.04 -48.06 -14.35
CA SER C 180 51.89 -49.18 -15.28
C SER C 180 51.06 -50.31 -14.68
N TYR C 181 50.28 -50.98 -15.52
CA TYR C 181 49.38 -52.03 -15.07
C TYR C 181 49.62 -53.37 -15.78
N LEU C 182 48.89 -54.39 -15.33
CA LEU C 182 48.96 -55.72 -15.94
C LEU C 182 47.61 -56.42 -15.80
N SER C 183 46.87 -56.51 -16.90
CA SER C 183 45.54 -57.09 -16.88
C SER C 183 45.53 -58.57 -17.25
N LEU C 184 45.10 -59.40 -16.31
CA LEU C 184 44.99 -60.84 -16.52
C LEU C 184 43.70 -61.36 -15.91
N THR C 185 43.64 -62.67 -15.68
CA THR C 185 42.51 -63.30 -15.02
C THR C 185 42.95 -63.83 -13.66
N PRO C 186 42.00 -64.05 -12.73
CA PRO C 186 42.36 -64.65 -11.43
C PRO C 186 42.88 -66.08 -11.55
N GLU C 187 42.61 -66.74 -12.69
CA GLU C 187 43.12 -68.08 -12.93
C GLU C 187 44.60 -68.03 -13.27
N GLN C 188 45.01 -67.00 -14.01
CA GLN C 188 46.41 -66.78 -14.32
C GLN C 188 47.16 -66.33 -13.08
N TRP C 189 46.49 -65.54 -12.26
CA TRP C 189 47.05 -65.00 -11.02
C TRP C 189 47.31 -66.10 -10.01
N LYS C 190 46.64 -67.25 -10.19
CA LYS C 190 46.81 -68.39 -9.31
C LYS C 190 47.21 -69.66 -10.08
N SER C 191 48.50 -69.83 -10.40
CA SER C 191 49.56 -68.85 -10.13
C SER C 191 50.66 -69.00 -11.17
N HIS C 192 51.46 -67.96 -11.37
CA HIS C 192 52.60 -68.02 -12.27
C HIS C 192 53.90 -67.52 -11.61
N ARG C 193 54.37 -68.28 -10.63
CA ARG C 193 55.61 -67.98 -9.92
C ARG C 193 55.59 -66.59 -9.27
N SER C 194 56.57 -65.77 -9.60
CA SER C 194 56.72 -64.47 -8.96
C SER C 194 56.35 -63.32 -9.90
N TYR C 195 55.35 -62.54 -9.49
CA TYR C 195 54.94 -61.36 -10.25
C TYR C 195 55.70 -60.14 -9.76
N SER C 196 56.72 -59.75 -10.53
CA SER C 196 57.64 -58.69 -10.13
C SER C 196 57.37 -57.38 -10.85
N CYS C 197 57.59 -56.27 -10.15
CA CYS C 197 57.45 -54.94 -10.73
C CYS C 197 58.77 -54.17 -10.64
N GLN C 198 59.57 -54.25 -11.69
CA GLN C 198 60.87 -53.60 -11.71
C GLN C 198 60.93 -52.49 -12.74
N VAL C 199 61.56 -51.38 -12.37
CA VAL C 199 61.62 -50.19 -13.20
C VAL C 199 62.96 -49.50 -13.04
N THR C 200 63.47 -48.89 -14.11
CA THR C 200 64.81 -48.31 -14.08
C THR C 200 64.83 -46.79 -14.18
N HIS C 201 65.95 -46.22 -13.76
CA HIS C 201 66.19 -44.78 -13.80
C HIS C 201 67.65 -44.51 -13.52
N GLU C 202 68.32 -43.82 -14.45
CA GLU C 202 69.77 -43.55 -14.42
C GLU C 202 70.59 -44.70 -13.85
N GLY C 203 70.36 -45.90 -14.37
CA GLY C 203 71.09 -47.08 -13.95
C GLY C 203 70.40 -47.80 -12.80
N SER C 204 69.98 -47.06 -11.79
CA SER C 204 69.32 -47.62 -10.62
C SER C 204 68.00 -48.29 -10.99
N THR C 205 68.00 -49.62 -11.03
CA THR C 205 66.80 -50.37 -11.36
C THR C 205 66.25 -51.07 -10.11
N VAL C 206 65.48 -50.32 -9.33
CA VAL C 206 64.93 -50.81 -8.06
C VAL C 206 63.74 -51.73 -8.32
N GLU C 207 63.49 -52.65 -7.39
CA GLU C 207 62.40 -53.60 -7.52
C GLU C 207 61.54 -53.67 -6.27
N LYS C 208 60.22 -53.71 -6.46
CA LYS C 208 59.27 -53.90 -5.37
C LYS C 208 58.27 -54.98 -5.75
N THR C 209 58.45 -56.18 -5.21
CA THR C 209 57.71 -57.36 -5.66
C THR C 209 56.64 -57.84 -4.68
N VAL C 210 55.57 -58.38 -5.25
CA VAL C 210 54.50 -59.04 -4.48
C VAL C 210 53.91 -60.18 -5.30
N ALA C 211 53.82 -61.37 -4.70
CA ALA C 211 53.32 -62.56 -5.37
C ALA C 211 52.41 -63.37 -4.44
N PRO C 212 51.63 -64.32 -5.00
CA PRO C 212 50.77 -65.10 -4.11
C PRO C 212 51.50 -66.23 -3.39
N THR C 213 52.71 -66.57 -3.85
CA THR C 213 53.47 -67.65 -3.23
C THR C 213 54.87 -67.20 -2.82
N GLU C 214 55.48 -66.31 -3.61
CA GLU C 214 56.82 -65.82 -3.33
C GLU C 214 56.83 -64.29 -3.24
N ALA D 3 66.66 11.21 -7.16
CA ALA D 3 67.14 10.23 -8.13
C ALA D 3 66.17 9.05 -8.22
N GLY D 4 64.94 9.32 -8.63
CA GLY D 4 63.89 8.32 -8.62
C GLY D 4 63.17 8.08 -9.93
N ASP D 5 62.08 7.34 -9.85
CA ASP D 5 61.34 6.89 -11.01
C ASP D 5 59.92 7.45 -11.05
N LEU D 6 59.24 7.37 -9.91
CA LEU D 6 57.83 7.77 -9.80
C LEU D 6 57.64 8.79 -8.70
N TRP D 7 56.76 9.75 -8.97
CA TRP D 7 56.48 10.79 -7.98
C TRP D 7 54.99 11.00 -7.78
N VAL D 8 54.66 11.57 -6.62
CA VAL D 8 53.31 11.93 -6.31
C VAL D 8 52.88 13.03 -7.26
N THR D 9 51.74 12.82 -7.91
CA THR D 9 51.19 13.82 -8.80
C THR D 9 49.76 14.16 -8.41
N VAL D 10 49.48 15.44 -8.32
CA VAL D 10 48.22 15.91 -7.74
C VAL D 10 47.21 16.35 -8.79
N TYR D 11 46.00 15.82 -8.68
CA TYR D 11 44.94 16.10 -9.64
C TYR D 11 43.76 16.76 -8.95
N TYR D 12 43.32 17.87 -9.53
CA TYR D 12 42.15 18.59 -9.02
C TYR D 12 41.00 18.48 -10.03
N GLY D 13 39.84 18.05 -9.55
CA GLY D 13 38.70 17.83 -10.43
C GLY D 13 38.53 16.34 -10.68
N VAL D 14 39.11 15.56 -9.77
CA VAL D 14 39.09 14.11 -9.84
C VAL D 14 37.67 13.59 -9.52
N PRO D 15 37.13 12.71 -10.37
CA PRO D 15 35.74 12.22 -10.28
C PRO D 15 35.51 11.18 -9.19
N VAL D 16 35.53 11.62 -7.94
CA VAL D 16 35.31 10.72 -6.81
C VAL D 16 34.26 11.31 -5.89
N TRP D 17 33.52 10.44 -5.21
CA TRP D 17 32.54 10.86 -4.24
C TRP D 17 32.47 9.90 -3.07
N GLU D 18 32.06 10.40 -1.92
CA GLU D 18 31.77 9.54 -0.79
C GLU D 18 30.37 9.85 -0.29
N ASP D 19 29.74 8.86 0.34
CA ASP D 19 28.43 9.05 0.94
C ASP D 19 28.50 10.22 1.92
N ALA D 20 27.42 10.98 2.01
CA ALA D 20 27.43 12.18 2.83
C ALA D 20 26.04 12.64 3.26
N ASP D 21 25.97 13.21 4.45
CA ASP D 21 24.78 13.92 4.91
C ASP D 21 25.04 15.43 4.86
N THR D 22 24.08 16.18 4.31
CA THR D 22 24.22 17.62 4.20
C THR D 22 22.87 18.32 4.21
N THR D 23 22.89 19.64 4.41
CA THR D 23 21.69 20.46 4.28
C THR D 23 21.23 20.45 2.83
N LEU D 24 19.95 20.25 2.60
CA LEU D 24 19.39 20.34 1.26
C LEU D 24 18.38 21.48 1.16
N PHE D 25 18.57 22.36 0.19
CA PHE D 25 17.62 23.45 -0.02
C PHE D 25 16.56 23.01 -1.01
N CYS D 26 15.53 23.84 -1.17
CA CYS D 26 14.40 23.49 -2.03
C CYS D 26 14.35 24.30 -3.31
N ALA D 27 13.90 23.65 -4.38
CA ALA D 27 13.66 24.31 -5.66
C ALA D 27 12.24 24.00 -6.12
N SER D 28 11.48 25.04 -6.44
CA SER D 28 10.09 24.88 -6.83
C SER D 28 9.87 25.14 -8.31
N ASP D 29 8.82 24.54 -8.87
CA ASP D 29 8.52 24.65 -10.29
C ASP D 29 8.13 26.07 -10.70
N ALA D 30 7.87 26.92 -9.70
CA ALA D 30 7.60 28.34 -9.91
C ALA D 30 6.34 28.60 -10.73
N LYS D 31 5.50 27.58 -10.90
CA LYS D 31 4.31 27.72 -11.72
C LYS D 31 3.14 28.30 -10.94
N ALA D 32 3.32 28.48 -9.63
CA ALA D 32 2.32 29.12 -8.80
C ALA D 32 2.23 30.61 -9.12
N TYR D 33 1.32 30.97 -10.02
CA TYR D 33 1.15 32.36 -10.44
C TYR D 33 0.75 33.25 -9.28
N SER D 34 -0.36 32.89 -8.62
CA SER D 34 -0.92 33.71 -7.55
C SER D 34 0.06 33.85 -6.40
N THR D 35 0.47 35.09 -6.13
CA THR D 35 1.36 35.38 -5.02
C THR D 35 0.53 35.51 -3.75
N GLU D 36 -0.71 35.96 -3.91
CA GLU D 36 -1.64 36.06 -2.80
C GLU D 36 -1.84 34.71 -2.13
N SER D 37 -2.34 33.74 -2.88
CA SER D 37 -2.52 32.38 -2.39
C SER D 37 -1.18 31.64 -2.42
N HIS D 38 -0.36 31.83 -1.38
CA HIS D 38 0.98 31.26 -1.33
C HIS D 38 1.00 29.96 -0.53
N ASN D 39 1.93 29.08 -0.88
CA ASN D 39 1.97 27.72 -0.36
C ASN D 39 2.84 27.59 0.88
N VAL D 40 2.49 26.63 1.74
CA VAL D 40 3.20 26.46 3.00
C VAL D 40 4.54 25.75 2.82
N TRP D 41 4.62 24.90 1.79
CA TRP D 41 5.83 24.14 1.55
C TRP D 41 6.66 24.75 0.44
N ALA D 42 6.01 25.17 -0.64
CA ALA D 42 6.68 25.83 -1.75
C ALA D 42 6.70 27.33 -1.53
N THR D 43 7.47 27.76 -0.53
CA THR D 43 7.53 29.16 -0.15
C THR D 43 8.32 30.00 -1.15
N HIS D 44 8.37 31.30 -0.90
CA HIS D 44 9.11 32.22 -1.76
C HIS D 44 10.62 31.99 -1.69
N ALA D 45 11.06 31.29 -0.63
CA ALA D 45 12.47 31.03 -0.42
C ALA D 45 12.97 29.88 -1.30
N CYS D 46 12.04 29.07 -1.82
CA CYS D 46 12.40 28.04 -2.79
C CYS D 46 12.93 28.69 -4.06
N VAL D 47 14.14 28.31 -4.46
CA VAL D 47 14.73 28.86 -5.67
C VAL D 47 13.98 28.31 -6.90
N PRO D 48 13.91 29.10 -7.97
CA PRO D 48 13.18 28.67 -9.17
C PRO D 48 13.82 27.46 -9.84
N THR D 49 12.99 26.55 -10.32
CA THR D 49 13.44 25.30 -10.92
C THR D 49 14.24 25.52 -12.20
N ASP D 50 14.99 24.50 -12.61
CA ASP D 50 15.58 24.48 -13.93
C ASP D 50 14.54 23.99 -14.92
N PRO D 51 14.36 24.73 -16.02
CA PRO D 51 13.47 24.30 -17.10
C PRO D 51 13.90 22.94 -17.65
N ASN D 52 15.22 22.72 -17.72
CA ASN D 52 15.76 21.44 -18.12
C ASN D 52 16.49 20.77 -16.95
N PRO D 53 15.92 19.69 -16.41
CA PRO D 53 16.60 18.93 -15.36
C PRO D 53 17.66 18.02 -15.98
N GLN D 54 18.92 18.34 -15.77
CA GLN D 54 20.01 17.58 -16.38
C GLN D 54 20.35 16.34 -15.55
N GLU D 55 20.05 15.18 -16.10
CA GLU D 55 20.34 13.91 -15.44
C GLU D 55 21.46 13.19 -16.15
N ILE D 56 22.64 13.20 -15.55
CA ILE D 56 23.83 12.63 -16.17
C ILE D 56 23.96 11.15 -15.87
N PRO D 57 23.86 10.31 -16.91
CA PRO D 57 24.09 8.87 -16.78
C PRO D 57 25.54 8.56 -16.41
N LEU D 58 25.73 7.92 -15.26
CA LEU D 58 27.05 7.50 -14.83
C LEU D 58 27.41 6.15 -15.41
N LYS D 59 28.00 6.16 -16.61
CA LYS D 59 28.34 4.91 -17.29
C LYS D 59 29.38 4.15 -16.47
N ASN D 60 29.24 2.82 -16.48
CA ASN D 60 30.12 1.90 -15.76
C ASN D 60 30.09 2.05 -14.25
N VAL D 61 29.07 2.69 -13.71
CA VAL D 61 29.01 2.90 -12.27
C VAL D 61 27.96 2.02 -11.60
N THR D 62 28.42 1.22 -10.64
CA THR D 62 27.53 0.48 -9.76
C THR D 62 27.62 1.09 -8.36
N GLU D 63 26.47 1.51 -7.83
CA GLU D 63 26.44 2.18 -6.54
C GLU D 63 25.47 1.47 -5.62
N ASN D 64 25.86 1.31 -4.35
CA ASN D 64 24.98 0.68 -3.39
C ASN D 64 24.05 1.67 -2.72
N PHE D 65 22.79 1.27 -2.59
CA PHE D 65 21.79 2.08 -1.89
C PHE D 65 21.30 1.37 -0.65
N ASN D 66 20.53 2.08 0.16
CA ASN D 66 19.83 1.52 1.31
C ASN D 66 18.81 2.52 1.83
N MET D 67 17.60 2.43 1.29
CA MET D 67 16.54 3.40 1.55
C MET D 67 16.20 3.53 3.03
N TRP D 68 16.64 2.56 3.84
CA TRP D 68 16.25 2.49 5.24
C TRP D 68 17.22 3.24 6.13
N LYS D 69 18.37 3.61 5.57
CA LYS D 69 19.31 4.50 6.26
C LYS D 69 19.71 5.62 5.31
N ASN D 70 18.79 6.57 5.17
CA ASN D 70 18.91 7.65 4.21
C ASN D 70 18.49 8.94 4.88
N ASN D 71 19.45 9.83 5.13
CA ASN D 71 19.17 11.08 5.83
C ASN D 71 18.17 11.97 5.09
N MET D 72 18.00 11.73 3.79
CA MET D 72 17.11 12.54 2.98
C MET D 72 15.70 12.58 3.54
N VAL D 73 15.21 11.43 4.00
CA VAL D 73 13.85 11.36 4.51
C VAL D 73 13.75 12.08 5.86
N GLU D 74 14.77 11.97 6.69
CA GLU D 74 14.75 12.68 7.96
C GLU D 74 14.85 14.18 7.69
N GLN D 75 15.66 14.53 6.69
CA GLN D 75 15.75 15.90 6.21
C GLN D 75 14.39 16.37 5.74
N MET D 76 13.83 15.57 4.82
CA MET D 76 12.50 15.86 4.28
C MET D 76 11.46 15.90 5.38
N HIS D 77 11.55 14.99 6.34
CA HIS D 77 10.53 14.91 7.39
C HIS D 77 10.58 16.14 8.29
N GLU D 78 11.78 16.52 8.73
CA GLU D 78 11.88 17.66 9.62
C GLU D 78 11.58 18.97 8.90
N ASP D 79 11.83 19.07 7.63
CA ASP D 79 11.47 20.22 6.82
C ASP D 79 9.97 20.40 6.83
N ILE D 80 9.28 19.32 6.52
CA ILE D 80 7.82 19.29 6.46
C ILE D 80 7.17 19.84 7.73
N ILE D 81 7.58 19.32 8.88
CA ILE D 81 6.94 19.71 10.14
C ILE D 81 7.39 21.09 10.59
N SER D 82 8.46 21.60 10.00
CA SER D 82 8.94 22.94 10.33
C SER D 82 8.23 23.98 9.48
N LEU D 83 7.85 23.58 8.27
CA LEU D 83 7.12 24.45 7.36
C LEU D 83 5.69 24.62 7.84
N TRP D 84 5.13 23.54 8.36
CA TRP D 84 3.78 23.53 8.88
C TRP D 84 3.68 24.42 10.10
N ASP D 85 4.71 24.40 10.95
CA ASP D 85 4.74 25.19 12.16
C ASP D 85 4.90 26.66 11.85
N GLU D 86 5.84 26.95 10.95
CA GLU D 86 6.10 28.32 10.55
C GLU D 86 4.89 28.97 9.89
N SER D 87 4.04 28.15 9.28
CA SER D 87 2.91 28.65 8.52
C SER D 87 1.75 29.14 9.39
N LEU D 88 1.56 28.54 10.55
CA LEU D 88 0.49 29.01 11.44
C LEU D 88 1.03 29.92 12.54
N LYS D 89 2.36 30.02 12.62
CA LYS D 89 3.01 30.98 13.51
C LYS D 89 2.43 32.40 13.41
N PRO D 90 2.16 32.91 12.19
CA PRO D 90 1.56 34.24 12.16
C PRO D 90 0.05 34.29 12.36
N CYS D 91 -0.61 33.13 12.29
CA CYS D 91 -2.07 33.08 12.26
C CYS D 91 -2.73 33.28 13.63
N VAL D 92 -4.05 33.50 13.61
CA VAL D 92 -4.79 33.94 14.80
C VAL D 92 -5.11 32.80 15.78
N LYS D 93 -4.88 33.07 17.07
CA LYS D 93 -5.19 32.12 18.13
C LYS D 93 -6.68 32.09 18.41
N LEU D 94 -7.21 30.90 18.68
CA LEU D 94 -8.65 30.73 18.87
C LEU D 94 -9.04 30.40 20.31
N THR D 95 -8.11 30.62 21.22
CA THR D 95 -8.34 30.32 22.65
C THR D 95 -9.59 30.94 23.31
N PRO D 96 -10.06 32.12 22.85
CA PRO D 96 -11.35 32.57 23.40
C PRO D 96 -12.49 31.58 23.17
N LEU D 97 -12.36 30.69 22.18
CA LEU D 97 -13.35 29.65 21.93
C LEU D 97 -13.31 28.57 23.01
N CYS D 98 -12.21 28.51 23.76
CA CYS D 98 -12.12 27.60 24.91
C CYS D 98 -13.02 28.10 26.03
N VAL D 99 -14.32 27.99 25.79
CA VAL D 99 -15.33 28.36 26.77
C VAL D 99 -16.42 27.29 26.76
N THR D 100 -17.47 27.49 27.56
CA THR D 100 -18.56 26.52 27.60
C THR D 100 -19.37 26.55 26.32
N LEU D 101 -19.80 25.37 25.88
CA LEU D 101 -20.64 25.23 24.70
C LEU D 101 -21.91 24.48 25.04
N ILE D 102 -23.07 25.11 24.85
CA ILE D 102 -24.34 24.41 25.00
C ILE D 102 -24.80 23.93 23.62
N CYS D 103 -24.51 22.67 23.33
CA CYS D 103 -24.75 22.12 22.00
C CYS D 103 -26.00 21.26 21.92
N THR D 104 -26.60 21.23 20.74
CA THR D 104 -27.80 20.46 20.46
C THR D 104 -27.73 19.94 19.04
N ASN D 105 -28.30 18.76 18.77
CA ASN D 105 -28.27 18.25 17.40
C ASN D 105 -29.20 19.10 16.54
N VAL D 106 -28.95 19.11 15.23
CA VAL D 106 -29.44 20.19 14.36
C VAL D 106 -30.87 20.05 13.83
N THR D 107 -31.24 18.88 13.32
CA THR D 107 -32.57 18.69 12.74
C THR D 107 -33.18 17.33 13.08
N SER D 108 -34.49 17.31 13.25
CA SER D 108 -35.22 16.08 13.55
C SER D 108 -35.30 15.17 12.33
N ASN D 109 -35.71 13.92 12.56
CA ASN D 109 -35.78 12.94 11.49
C ASN D 109 -37.02 12.05 11.60
N SER D 110 -37.19 11.19 10.61
CA SER D 110 -38.36 10.32 10.54
C SER D 110 -38.00 8.84 10.67
N THR D 111 -37.02 8.54 11.51
CA THR D 111 -36.57 7.16 11.72
C THR D 111 -37.62 6.32 12.44
N ASN D 112 -38.13 5.30 11.76
CA ASN D 112 -39.12 4.41 12.36
C ASN D 112 -38.97 2.97 11.87
N SER D 113 -40.11 2.30 11.64
CA SER D 113 -40.22 0.91 11.17
C SER D 113 -39.90 -0.11 12.28
N THR D 114 -39.89 -1.39 11.91
CA THR D 114 -39.65 -2.51 12.83
C THR D 114 -38.27 -2.39 13.51
N ASN D 115 -38.12 -2.84 14.76
CA ASN D 115 -39.19 -3.49 15.53
C ASN D 115 -40.00 -2.53 16.41
N GLY D 116 -39.39 -2.06 17.49
CA GLY D 116 -40.06 -1.07 18.33
C GLY D 116 -39.87 -1.21 19.84
N VAL D 117 -39.74 -2.43 20.33
CA VAL D 117 -39.67 -2.67 21.78
C VAL D 117 -38.42 -2.06 22.41
N THR D 118 -37.32 -1.98 21.65
CA THR D 118 -36.09 -1.40 22.14
C THR D 118 -36.19 0.13 22.21
N ASN D 119 -35.20 0.78 22.81
CA ASN D 119 -35.30 2.21 23.07
C ASN D 119 -34.09 3.03 22.62
N ASN D 120 -32.93 2.81 23.23
CA ASN D 120 -31.75 3.62 22.94
C ASN D 120 -30.71 2.91 22.07
N SER D 121 -30.31 3.57 20.99
CA SER D 121 -29.33 3.02 20.06
C SER D 121 -28.00 3.75 20.17
N THR D 122 -26.92 3.05 19.85
CA THR D 122 -25.58 3.64 19.90
C THR D 122 -24.67 3.04 18.83
N VAL D 123 -24.11 3.91 17.99
CA VAL D 123 -23.23 3.50 16.90
C VAL D 123 -22.04 4.45 16.77
N ASP D 124 -20.84 3.88 16.78
CA ASP D 124 -19.61 4.68 16.73
C ASP D 124 -19.36 5.28 15.35
N TYR D 125 -19.89 4.64 14.31
CA TYR D 125 -19.66 5.09 12.93
C TYR D 125 -20.87 5.84 12.39
N ARG D 126 -20.93 7.14 12.70
CA ARG D 126 -21.99 8.01 12.22
C ARG D 126 -21.52 9.46 12.28
N GLU D 127 -21.08 9.98 11.14
CA GLU D 127 -20.60 11.35 11.07
C GLU D 127 -21.73 12.34 11.31
N GLN D 128 -21.64 13.12 12.38
CA GLN D 128 -22.72 14.02 12.70
C GLN D 128 -22.25 15.34 13.31
N LEU D 129 -23.01 16.39 12.99
CA LEU D 129 -22.70 17.74 13.41
C LEU D 129 -23.52 18.11 14.63
N LYS D 130 -23.12 19.18 15.31
CA LYS D 130 -23.89 19.72 16.44
C LYS D 130 -24.17 21.20 16.21
N ASN D 131 -25.04 21.78 17.03
CA ASN D 131 -25.31 23.22 16.96
C ASN D 131 -24.94 23.89 18.27
N CYS D 132 -23.65 24.17 18.42
CA CYS D 132 -23.11 24.68 19.68
C CYS D 132 -23.30 26.19 19.84
N SER D 133 -23.61 26.60 21.07
CA SER D 133 -23.80 28.01 21.38
C SER D 133 -22.85 28.48 22.47
N PHE D 134 -22.44 29.74 22.41
CA PHE D 134 -21.41 30.25 23.31
C PHE D 134 -21.34 31.77 23.37
N ASN D 135 -20.77 32.30 24.44
CA ASN D 135 -20.52 33.72 24.57
C ASN D 135 -19.06 34.04 24.28
N ILE D 136 -18.81 35.02 23.41
CA ILE D 136 -17.44 35.45 23.14
C ILE D 136 -17.31 36.96 23.21
N THR D 137 -16.11 37.43 23.51
CA THR D 137 -15.84 38.84 23.72
C THR D 137 -16.00 39.65 22.43
N THR D 138 -16.54 40.85 22.57
CA THR D 138 -16.69 41.76 21.44
C THR D 138 -15.42 42.61 21.30
N GLU D 139 -15.53 43.73 20.60
CA GLU D 139 -14.37 44.60 20.36
C GLU D 139 -13.74 45.07 21.67
N ILE D 140 -14.57 45.20 22.71
CA ILE D 140 -14.10 45.65 24.00
C ILE D 140 -14.09 44.51 25.01
N ARG D 141 -13.06 44.49 25.84
CA ARG D 141 -12.87 43.46 26.86
C ARG D 141 -14.07 43.34 27.80
N ASP D 142 -14.71 44.47 28.08
CA ASP D 142 -15.74 44.53 29.10
C ASP D 142 -17.08 43.94 28.68
N LYS D 143 -17.25 43.65 27.40
CA LYS D 143 -18.52 43.14 26.91
C LYS D 143 -18.33 41.90 26.05
N GLN D 144 -19.41 41.12 25.89
CA GLN D 144 -19.36 39.91 25.09
C GLN D 144 -20.74 39.55 24.58
N ARG D 145 -20.79 38.72 23.54
CA ARG D 145 -22.05 38.39 22.88
C ARG D 145 -22.19 36.90 22.56
N LYS D 146 -23.44 36.47 22.40
CA LYS D 146 -23.74 35.06 22.18
C LYS D 146 -23.73 34.69 20.70
N GLU D 147 -22.89 33.72 20.36
CA GLU D 147 -22.81 33.24 18.99
C GLU D 147 -23.18 31.77 18.93
N TYR D 148 -23.49 31.29 17.73
CA TYR D 148 -23.70 29.87 17.52
C TYR D 148 -22.88 29.38 16.33
N ALA D 149 -22.37 28.16 16.43
CA ALA D 149 -21.63 27.56 15.34
C ALA D 149 -21.96 26.08 15.26
N LEU D 150 -21.66 25.48 14.12
CA LEU D 150 -21.92 24.08 13.92
C LEU D 150 -20.61 23.32 13.99
N PHE D 151 -20.49 22.43 14.96
CA PHE D 151 -19.24 21.72 15.18
C PHE D 151 -19.39 20.21 15.03
N TYR D 152 -18.43 19.59 14.36
CA TYR D 152 -18.39 18.14 14.24
C TYR D 152 -18.24 17.55 15.63
N ARG D 153 -19.09 16.58 15.95
CA ARG D 153 -19.13 15.96 17.28
C ARG D 153 -17.75 15.52 17.76
N LEU D 154 -16.92 15.08 16.82
CA LEU D 154 -15.56 14.67 17.14
C LEU D 154 -14.77 15.81 17.78
N ASP D 155 -14.97 17.03 17.27
CA ASP D 155 -14.20 18.19 17.71
C ASP D 155 -14.62 18.72 19.07
N ILE D 156 -15.75 18.23 19.59
CA ILE D 156 -16.19 18.66 20.92
C ILE D 156 -16.19 17.50 21.91
N VAL D 157 -16.25 17.84 23.19
CA VAL D 157 -16.21 16.86 24.26
C VAL D 157 -17.03 17.38 25.44
N PRO D 158 -17.87 16.51 26.04
CA PRO D 158 -18.76 16.95 27.10
C PRO D 158 -18.04 17.31 28.39
N ILE D 159 -18.59 18.29 29.10
CA ILE D 159 -18.10 18.69 30.41
C ILE D 159 -19.28 18.64 31.38
N ASN D 160 -19.07 18.07 32.55
CA ASN D 160 -20.17 17.91 33.49
C ASN D 160 -20.39 19.15 34.36
N ASP D 161 -21.27 20.03 33.89
CA ASP D 161 -21.68 21.20 34.65
C ASP D 161 -23.06 20.94 35.25
N ASN D 162 -23.32 21.53 36.41
CA ASN D 162 -24.60 21.36 37.08
C ASN D 162 -25.54 22.53 36.84
N GLU D 163 -24.97 23.71 36.65
CA GLU D 163 -25.74 24.92 36.41
C GLU D 163 -26.46 24.89 35.05
N LYS D 164 -26.01 24.01 34.15
CA LYS D 164 -26.62 23.92 32.82
C LYS D 164 -26.53 22.51 32.23
N ASN D 165 -27.22 22.30 31.11
CA ASN D 165 -27.24 21.01 30.41
C ASN D 165 -26.63 21.11 29.02
N ASP D 166 -26.34 19.94 28.44
CA ASP D 166 -25.80 19.82 27.08
C ASP D 166 -24.50 20.58 26.90
N THR D 167 -23.62 20.53 27.91
CA THR D 167 -22.41 21.33 27.92
C THR D 167 -21.19 20.59 27.36
N TYR D 168 -20.50 21.24 26.41
CA TYR D 168 -19.32 20.67 25.78
C TYR D 168 -18.14 21.64 25.77
N ARG D 169 -16.98 21.13 25.33
CA ARG D 169 -15.80 21.95 25.09
C ARG D 169 -15.00 21.36 23.93
N LEU D 170 -14.23 22.21 23.26
CA LEU D 170 -13.36 21.76 22.18
C LEU D 170 -12.28 20.88 22.77
N ILE D 171 -11.92 19.80 22.08
CA ILE D 171 -11.00 18.81 22.64
C ILE D 171 -9.64 19.36 23.08
N ASN D 172 -9.24 20.52 22.55
CA ASN D 172 -7.89 21.03 22.75
C ASN D 172 -7.67 21.86 24.02
N CYS D 173 -8.70 22.57 24.48
CA CYS D 173 -8.61 23.40 25.70
C CYS D 173 -8.14 22.55 26.87
N ASN D 174 -8.20 21.25 26.64
CA ASN D 174 -7.79 20.19 27.53
C ASN D 174 -6.28 20.02 27.52
N VAL D 175 -5.68 20.32 26.38
CA VAL D 175 -4.28 19.96 26.14
C VAL D 175 -3.41 21.09 25.54
N SER D 176 -3.77 21.58 24.37
CA SER D 176 -2.88 22.51 23.68
C SER D 176 -3.61 23.72 23.10
N THR D 177 -2.84 24.78 22.87
CA THR D 177 -3.35 26.00 22.23
C THR D 177 -3.76 25.68 20.80
N ILE D 178 -4.53 26.57 20.19
CA ILE D 178 -5.00 26.31 18.83
C ILE D 178 -5.09 27.57 17.98
N LYS D 179 -4.63 27.46 16.75
CA LYS D 179 -4.69 28.56 15.78
C LYS D 179 -5.47 28.13 14.54
N GLN D 180 -5.98 29.12 13.81
CA GLN D 180 -6.74 28.85 12.59
C GLN D 180 -5.89 29.13 11.37
N ALA D 181 -5.88 28.21 10.42
CA ALA D 181 -5.12 28.36 9.19
C ALA D 181 -5.50 29.63 8.45
N CYS D 182 -4.50 30.47 8.18
CA CYS D 182 -4.71 31.73 7.46
C CYS D 182 -5.40 31.46 6.13
N PRO D 183 -6.32 32.34 5.73
CA PRO D 183 -7.09 32.14 4.51
C PRO D 183 -6.20 32.16 3.28
N LYS D 184 -5.21 33.05 3.29
CA LYS D 184 -4.32 33.25 2.16
C LYS D 184 -3.43 32.04 1.89
N VAL D 185 -2.98 31.38 2.95
CA VAL D 185 -2.07 30.24 2.78
C VAL D 185 -2.83 28.99 2.36
N THR D 186 -2.11 28.07 1.73
CA THR D 186 -2.70 26.83 1.20
C THR D 186 -1.78 25.65 1.44
N PHE D 187 -2.34 24.54 1.93
CA PHE D 187 -1.53 23.33 2.11
C PHE D 187 -1.67 22.43 0.91
N ASP D 188 -1.62 23.00 -0.29
CA ASP D 188 -1.65 22.20 -1.49
C ASP D 188 -0.27 21.57 -1.70
N PRO D 189 -0.21 20.23 -1.77
CA PRO D 189 1.05 19.53 -2.00
C PRO D 189 1.66 19.87 -3.37
N ILE D 190 2.59 20.80 -3.37
CA ILE D 190 3.30 21.21 -4.59
C ILE D 190 4.57 20.38 -4.74
N PRO D 191 4.91 19.97 -5.96
CA PRO D 191 6.16 19.23 -6.15
C PRO D 191 7.36 20.10 -5.80
N ILE D 192 8.11 19.74 -4.77
CA ILE D 192 9.32 20.47 -4.46
C ILE D 192 10.54 19.60 -4.74
N HIS D 193 11.62 20.25 -5.15
CA HIS D 193 12.84 19.56 -5.51
C HIS D 193 13.87 19.74 -4.41
N TYR D 194 14.37 18.63 -3.87
CA TYR D 194 15.41 18.71 -2.86
C TYR D 194 16.74 18.75 -3.58
N CYS D 195 17.50 19.82 -3.35
CA CYS D 195 18.74 20.04 -4.07
C CYS D 195 19.93 20.05 -3.12
N ALA D 196 21.05 19.48 -3.58
CA ALA D 196 22.26 19.42 -2.80
C ALA D 196 23.08 20.66 -3.04
N PRO D 197 23.95 21.01 -2.07
CA PRO D 197 24.86 22.14 -2.28
C PRO D 197 25.87 21.81 -3.37
N ALA D 198 26.63 22.82 -3.80
CA ALA D 198 27.67 22.59 -4.79
C ALA D 198 28.78 21.78 -4.15
N GLY D 199 29.38 20.89 -4.92
CA GLY D 199 30.40 20.01 -4.40
C GLY D 199 29.74 18.74 -3.88
N PHE D 200 28.43 18.76 -3.81
CA PHE D 200 27.65 17.58 -3.47
C PHE D 200 26.81 17.22 -4.68
N ALA D 201 26.21 16.04 -4.64
CA ALA D 201 25.36 15.60 -5.74
C ALA D 201 24.42 14.51 -5.26
N ILE D 202 23.24 14.49 -5.84
CA ILE D 202 22.29 13.42 -5.60
C ILE D 202 22.47 12.33 -6.66
N LEU D 203 22.37 11.08 -6.25
CA LEU D 203 22.46 9.96 -7.18
C LEU D 203 21.12 9.26 -7.30
N LYS D 204 20.66 9.09 -8.52
CA LYS D 204 19.33 8.53 -8.77
C LYS D 204 19.40 7.12 -9.34
N CYS D 205 18.80 6.17 -8.63
CA CYS D 205 18.80 4.78 -9.09
C CYS D 205 17.76 4.58 -10.17
N ARG D 206 18.21 4.15 -11.34
CA ARG D 206 17.35 4.02 -12.49
C ARG D 206 16.99 2.57 -12.78
N ASP D 207 17.35 1.68 -11.85
CA ASP D 207 16.98 0.28 -11.96
C ASP D 207 15.47 0.13 -11.86
N LYS D 208 14.89 -0.59 -12.81
CA LYS D 208 13.45 -0.68 -12.93
C LYS D 208 12.83 -1.70 -11.98
N LYS D 209 13.67 -2.55 -11.38
CA LYS D 209 13.19 -3.53 -10.41
C LYS D 209 14.06 -3.48 -9.16
N PHE D 210 14.18 -2.28 -8.60
CA PHE D 210 15.02 -1.98 -7.46
C PHE D 210 14.43 -2.49 -6.14
N ASN D 211 15.29 -2.99 -5.24
CA ASN D 211 14.82 -3.54 -3.97
C ASN D 211 14.92 -2.57 -2.78
N GLY D 212 15.65 -1.47 -2.95
CA GLY D 212 15.83 -0.51 -1.89
C GLY D 212 17.25 -0.50 -1.34
N THR D 213 17.79 -1.69 -1.13
CA THR D 213 19.13 -1.84 -0.59
C THR D 213 20.06 -2.41 -1.66
N GLY D 214 21.37 -2.21 -1.47
CA GLY D 214 22.36 -2.85 -2.29
C GLY D 214 22.70 -2.13 -3.59
N PRO D 215 23.48 -2.79 -4.45
CA PRO D 215 23.97 -2.24 -5.72
C PRO D 215 22.88 -1.75 -6.65
N CYS D 216 23.20 -0.72 -7.43
CA CYS D 216 22.34 -0.24 -8.50
C CYS D 216 23.17 -0.27 -9.77
N LYS D 217 22.73 -1.02 -10.76
CA LYS D 217 23.48 -1.18 -12.00
C LYS D 217 23.38 0.07 -12.87
N ASN D 218 22.23 0.71 -12.80
CA ASN D 218 21.92 1.87 -13.62
C ASN D 218 21.70 3.11 -12.76
N VAL D 219 22.76 3.91 -12.63
CA VAL D 219 22.69 5.12 -11.81
C VAL D 219 22.89 6.37 -12.65
N SER D 220 22.40 7.50 -12.15
CA SER D 220 22.58 8.77 -12.81
C SER D 220 22.66 9.88 -11.77
N THR D 221 23.63 10.77 -11.94
CA THR D 221 23.77 11.87 -10.99
C THR D 221 22.85 13.02 -11.37
N VAL D 222 22.27 13.63 -10.34
CA VAL D 222 21.46 14.83 -10.50
C VAL D 222 21.84 15.78 -9.39
N GLN D 223 21.61 17.07 -9.60
CA GLN D 223 21.87 18.05 -8.56
C GLN D 223 20.62 18.23 -7.72
N CYS D 224 19.46 17.99 -8.34
CA CYS D 224 18.17 18.13 -7.68
C CYS D 224 17.28 16.92 -7.85
N THR D 225 16.54 16.63 -6.79
CA THR D 225 15.53 15.60 -6.79
C THR D 225 14.39 16.06 -7.70
N HIS D 226 13.74 15.14 -8.41
CA HIS D 226 12.60 15.51 -9.25
C HIS D 226 11.44 15.99 -8.39
N GLY D 227 10.39 16.51 -9.00
CA GLY D 227 9.29 17.05 -8.23
C GLY D 227 8.63 16.05 -7.29
N ILE D 228 8.74 16.29 -5.98
CA ILE D 228 8.08 15.43 -5.00
C ILE D 228 7.02 16.18 -4.18
N LYS D 229 5.75 15.82 -4.38
CA LYS D 229 4.65 16.41 -3.62
C LYS D 229 4.59 15.84 -2.21
N PRO D 230 4.57 16.72 -1.20
CA PRO D 230 4.47 16.28 0.20
C PRO D 230 3.05 15.87 0.58
N VAL D 231 2.70 14.64 0.28
CA VAL D 231 1.37 14.12 0.61
C VAL D 231 1.36 13.48 2.00
N ILE D 232 0.44 13.94 2.84
CA ILE D 232 0.26 13.36 4.16
C ILE D 232 -0.99 12.52 4.18
N SER D 233 -0.82 11.20 4.17
CA SER D 233 -1.94 10.29 4.19
C SER D 233 -1.59 9.02 4.96
N THR D 234 -2.59 8.21 5.26
CA THR D 234 -2.35 6.98 5.99
C THR D 234 -2.94 5.79 5.27
N GLN D 235 -2.34 4.62 5.51
CA GLN D 235 -2.70 3.35 4.87
C GLN D 235 -2.49 3.39 3.36
N LEU D 236 -3.12 4.36 2.70
CA LEU D 236 -3.01 4.51 1.26
C LEU D 236 -2.05 5.63 0.90
N LEU D 237 -1.13 5.34 -0.01
CA LEU D 237 -0.21 6.36 -0.49
C LEU D 237 -0.78 7.01 -1.74
N LEU D 238 -1.05 8.30 -1.64
CA LEU D 238 -1.78 9.01 -2.68
C LEU D 238 -0.88 9.84 -3.58
N ASN D 239 -1.34 10.05 -4.81
CA ASN D 239 -0.70 10.98 -5.74
C ASN D 239 0.81 10.81 -5.89
N GLY D 240 1.29 9.59 -5.76
CA GLY D 240 2.72 9.35 -5.75
C GLY D 240 3.27 8.78 -7.05
N SER D 241 4.44 8.15 -6.97
CA SER D 241 5.09 7.56 -8.13
C SER D 241 4.88 6.06 -8.16
N LEU D 242 4.36 5.57 -9.29
CA LEU D 242 4.12 4.15 -9.47
C LEU D 242 5.41 3.45 -9.85
N ALA D 243 5.42 2.13 -9.72
CA ALA D 243 6.59 1.35 -10.08
C ALA D 243 6.64 1.13 -11.58
N GLU D 244 7.83 1.23 -12.16
CA GLU D 244 8.02 1.09 -13.60
C GLU D 244 7.83 -0.36 -14.03
N GLY D 245 8.59 -1.27 -13.44
CA GLY D 245 8.54 -2.67 -13.79
C GLY D 245 7.21 -3.33 -13.47
N ASP D 246 7.00 -3.61 -12.19
CA ASP D 246 5.75 -4.16 -11.70
C ASP D 246 5.60 -3.70 -10.27
N ILE D 247 4.46 -3.98 -9.64
CA ILE D 247 4.22 -3.53 -8.28
C ILE D 247 5.29 -4.12 -7.35
N MET D 248 5.72 -3.31 -6.38
CA MET D 248 6.87 -3.67 -5.56
C MET D 248 6.55 -3.66 -4.07
N ILE D 249 7.14 -4.61 -3.34
CA ILE D 249 7.06 -4.62 -1.89
C ILE D 249 8.45 -4.35 -1.31
N ARG D 250 8.53 -3.44 -0.34
CA ARG D 250 9.81 -3.11 0.27
C ARG D 250 9.71 -3.05 1.80
N SER D 251 10.75 -3.55 2.47
CA SER D 251 10.81 -3.55 3.93
C SER D 251 12.26 -3.78 4.36
N GLU D 252 12.68 -3.17 5.46
CA GLU D 252 14.04 -3.32 5.97
C GLU D 252 14.38 -4.80 6.16
N ASN D 253 13.40 -5.54 6.69
CA ASN D 253 13.36 -7.00 6.63
C ASN D 253 11.93 -7.44 6.91
N ILE D 254 11.34 -8.12 5.93
CA ILE D 254 9.94 -8.55 6.03
C ILE D 254 9.71 -9.38 7.28
N THR D 255 10.71 -10.17 7.65
CA THR D 255 10.63 -11.07 8.80
C THR D 255 10.39 -10.31 10.11
N ASP D 256 11.03 -9.17 10.27
CA ASP D 256 10.78 -8.31 11.42
C ASP D 256 9.39 -7.69 11.26
N ASN D 257 8.40 -8.30 11.92
CA ASN D 257 7.01 -7.88 11.78
C ASN D 257 6.78 -6.45 12.25
N ALA D 258 7.76 -5.89 12.96
CA ALA D 258 7.65 -4.56 13.55
C ALA D 258 8.14 -3.47 12.59
N LYS D 259 8.35 -3.82 11.32
CA LYS D 259 8.82 -2.85 10.34
C LYS D 259 7.89 -2.81 9.13
N THR D 260 7.46 -1.60 8.78
CA THR D 260 6.40 -1.36 7.80
C THR D 260 6.71 -1.86 6.40
N ILE D 261 5.75 -2.58 5.81
CA ILE D 261 5.79 -2.97 4.42
C ILE D 261 5.34 -1.80 3.55
N ILE D 262 6.15 -1.43 2.57
CA ILE D 262 5.80 -0.31 1.70
C ILE D 262 5.56 -0.78 0.28
N VAL D 263 4.29 -0.80 -0.11
CA VAL D 263 3.89 -1.28 -1.42
C VAL D 263 3.86 -0.16 -2.45
N GLN D 264 4.34 -0.44 -3.66
CA GLN D 264 4.33 0.53 -4.74
C GLN D 264 3.64 -0.04 -5.96
N LEU D 265 2.45 0.47 -6.26
CA LEU D 265 1.67 -0.03 -7.38
C LEU D 265 2.35 0.28 -8.71
N LYS D 266 1.97 -0.45 -9.76
CA LYS D 266 2.44 -0.16 -11.10
C LYS D 266 1.42 0.71 -11.83
N THR D 267 0.15 0.36 -11.68
CA THR D 267 -0.94 1.15 -12.24
C THR D 267 -1.79 1.71 -11.11
N ALA D 268 -2.04 3.02 -11.17
CA ALA D 268 -2.71 3.72 -10.09
C ALA D 268 -4.19 3.39 -10.03
N VAL D 269 -4.77 3.58 -8.84
CA VAL D 269 -6.18 3.35 -8.63
C VAL D 269 -6.86 4.63 -8.18
N ASN D 270 -7.69 5.19 -9.05
CA ASN D 270 -8.44 6.40 -8.75
C ASN D 270 -9.26 6.25 -7.48
N ILE D 271 -9.17 7.24 -6.59
CA ILE D 271 -10.08 7.29 -5.46
C ILE D 271 -10.67 8.69 -5.36
N THR D 272 -11.99 8.76 -5.40
CA THR D 272 -12.68 10.04 -5.41
C THR D 272 -13.46 10.23 -4.12
N CYS D 273 -13.00 11.15 -3.29
CA CYS D 273 -13.65 11.42 -2.01
C CYS D 273 -14.41 12.74 -2.04
N THR D 274 -15.37 12.89 -1.12
CA THR D 274 -16.23 14.07 -1.14
C THR D 274 -16.99 14.35 0.16
N ARG D 275 -17.20 15.64 0.40
CA ARG D 275 -18.14 16.11 1.42
C ARG D 275 -19.30 16.80 0.72
N PRO D 276 -20.40 16.08 0.52
CA PRO D 276 -21.45 16.48 -0.43
C PRO D 276 -22.37 17.61 0.03
N SER D 277 -22.33 17.97 1.30
CA SER D 277 -23.29 18.96 1.81
C SER D 277 -22.85 20.41 1.53
N ASN D 278 -23.82 21.22 1.12
CA ASN D 278 -23.61 22.64 0.85
C ASN D 278 -23.55 23.43 2.15
N ASN D 279 -22.40 23.37 2.83
CA ASN D 279 -22.26 24.04 4.11
C ASN D 279 -21.93 25.52 3.98
N THR D 280 -22.86 26.36 4.41
CA THR D 280 -22.62 27.80 4.48
C THR D 280 -21.73 28.10 5.67
N ARG D 281 -20.84 29.09 5.53
CA ARG D 281 -19.97 29.44 6.64
C ARG D 281 -20.18 30.89 7.08
N LYS D 282 -19.91 31.14 8.36
CA LYS D 282 -20.07 32.47 8.94
C LYS D 282 -18.78 32.92 9.61
N SER D 283 -18.49 34.22 9.52
CA SER D 283 -17.35 34.79 10.23
C SER D 283 -17.77 35.27 11.61
N ILE D 284 -17.05 34.83 12.63
CA ILE D 284 -17.35 35.21 14.00
C ILE D 284 -16.17 35.98 14.58
N ARG D 285 -16.38 37.26 14.85
CA ARG D 285 -15.31 38.16 15.27
C ARG D 285 -15.24 38.33 16.78
N PHE D 286 -14.02 38.45 17.31
CA PHE D 286 -13.84 38.64 18.74
C PHE D 286 -12.86 39.74 19.14
N GLY D 287 -12.39 40.51 18.16
CA GLY D 287 -11.61 41.70 18.43
C GLY D 287 -10.12 41.42 18.50
N PRO D 288 -9.28 42.39 18.07
CA PRO D 288 -9.71 43.68 17.50
C PRO D 288 -10.45 43.52 16.18
N GLY D 289 -9.84 42.77 15.27
CA GLY D 289 -10.50 42.36 14.05
C GLY D 289 -10.39 40.86 13.93
N GLN D 290 -9.85 40.24 14.97
CA GLN D 290 -9.63 38.79 15.00
C GLN D 290 -10.94 38.04 14.82
N ALA D 291 -10.97 37.18 13.80
CA ALA D 291 -12.19 36.47 13.42
C ALA D 291 -11.91 35.04 13.01
N PHE D 292 -12.86 34.15 13.25
CA PHE D 292 -12.72 32.76 12.83
C PHE D 292 -13.96 32.30 12.06
N TYR D 293 -13.72 31.60 10.96
CA TYR D 293 -14.79 31.09 10.13
C TYR D 293 -15.37 29.84 10.75
N ALA D 294 -16.69 29.83 10.94
CA ALA D 294 -17.38 28.64 11.42
C ALA D 294 -18.46 28.24 10.42
N THR D 295 -18.82 26.96 10.41
CA THR D 295 -19.88 26.51 9.52
C THR D 295 -21.22 27.02 10.05
N ASP D 296 -22.00 27.61 9.14
CA ASP D 296 -23.18 28.37 9.51
C ASP D 296 -24.48 27.56 9.37
N GLU D 297 -24.66 26.94 8.22
CA GLU D 297 -25.90 26.24 7.92
C GLU D 297 -25.65 25.09 6.94
N ILE D 298 -26.62 24.19 6.81
CA ILE D 298 -26.55 23.12 5.84
C ILE D 298 -27.66 23.33 4.81
N ILE D 299 -27.30 23.90 3.66
CA ILE D 299 -28.26 24.17 2.61
C ILE D 299 -28.57 22.88 1.84
N GLY D 300 -29.79 22.38 2.03
CA GLY D 300 -30.20 21.16 1.37
C GLY D 300 -30.12 19.98 2.31
N ASP D 301 -30.08 18.78 1.74
CA ASP D 301 -30.09 17.55 2.51
C ASP D 301 -28.87 17.39 3.39
N ILE D 302 -29.06 16.72 4.53
CA ILE D 302 -27.95 16.34 5.39
C ILE D 302 -27.26 15.13 4.80
N ARG D 303 -26.21 15.38 4.04
CA ARG D 303 -25.48 14.33 3.33
C ARG D 303 -24.25 13.89 4.12
N GLN D 304 -23.75 12.70 3.82
CA GLN D 304 -22.62 12.15 4.57
C GLN D 304 -21.36 12.02 3.70
N ALA D 305 -20.22 12.33 4.30
CA ALA D 305 -18.94 12.28 3.60
C ALA D 305 -18.51 10.84 3.32
N HIS D 306 -17.81 10.64 2.21
CA HIS D 306 -17.45 9.30 1.76
C HIS D 306 -16.40 9.27 0.65
N CYS D 307 -15.81 8.10 0.44
CA CYS D 307 -14.82 7.90 -0.62
C CYS D 307 -15.32 6.88 -1.64
N ASN D 308 -14.76 6.92 -2.84
CA ASN D 308 -15.13 5.98 -3.88
C ASN D 308 -13.97 5.39 -4.64
N ILE D 309 -13.90 4.07 -4.64
CA ILE D 309 -12.93 3.33 -5.42
C ILE D 309 -13.73 2.38 -6.30
N SER D 310 -13.21 2.04 -7.48
CA SER D 310 -13.86 1.04 -8.31
C SER D 310 -13.65 -0.32 -7.70
N LYS D 311 -14.73 -1.08 -7.55
CA LYS D 311 -14.64 -2.39 -6.92
C LYS D 311 -13.81 -3.33 -7.78
N THR D 312 -14.01 -3.26 -9.09
CA THR D 312 -13.27 -4.07 -10.04
C THR D 312 -11.80 -3.69 -10.02
N GLU D 313 -11.54 -2.39 -9.95
CA GLU D 313 -10.18 -1.87 -10.07
C GLU D 313 -9.42 -1.95 -8.74
N TRP D 314 -10.13 -1.91 -7.62
CA TRP D 314 -9.48 -2.10 -6.32
C TRP D 314 -9.19 -3.57 -6.07
N GLU D 315 -10.20 -4.41 -6.24
CA GLU D 315 -10.07 -5.83 -5.96
C GLU D 315 -8.95 -6.45 -6.80
N ASP D 316 -8.70 -5.85 -7.97
CA ASP D 316 -7.63 -6.28 -8.86
C ASP D 316 -6.26 -6.08 -8.23
N MET D 317 -5.97 -4.85 -7.81
CA MET D 317 -4.67 -4.58 -7.22
C MET D 317 -4.53 -5.31 -5.89
N LYS D 318 -5.66 -5.54 -5.22
CA LYS D 318 -5.67 -6.34 -4.01
C LYS D 318 -5.15 -7.73 -4.32
N ARG D 319 -5.55 -8.22 -5.48
CA ARG D 319 -5.08 -9.50 -5.99
C ARG D 319 -3.64 -9.42 -6.43
N ASN D 320 -3.33 -8.41 -7.24
CA ASN D 320 -1.98 -8.23 -7.75
C ASN D 320 -0.96 -8.06 -6.63
N VAL D 321 -1.33 -7.30 -5.60
CA VAL D 321 -0.49 -7.17 -4.42
C VAL D 321 -0.39 -8.52 -3.69
N SER D 322 -1.52 -9.21 -3.57
CA SER D 322 -1.57 -10.51 -2.91
C SER D 322 -0.61 -11.50 -3.56
N ASP D 323 -0.58 -11.51 -4.89
CA ASP D 323 0.27 -12.40 -5.64
C ASP D 323 1.74 -12.11 -5.40
N LYS D 324 2.08 -10.85 -5.23
CA LYS D 324 3.45 -10.45 -4.97
C LYS D 324 3.83 -10.76 -3.51
N LEU D 325 2.84 -10.73 -2.64
CA LEU D 325 3.04 -11.05 -1.22
C LEU D 325 3.19 -12.54 -1.03
N LYS D 326 2.35 -13.30 -1.73
CA LYS D 326 2.35 -14.75 -1.68
C LYS D 326 3.70 -15.31 -2.13
N ALA D 327 4.37 -14.56 -3.01
CA ALA D 327 5.68 -14.96 -3.52
C ALA D 327 6.76 -14.86 -2.44
N LEU D 328 6.55 -13.94 -1.50
CA LEU D 328 7.56 -13.63 -0.49
C LEU D 328 7.43 -14.50 0.75
N PHE D 329 6.20 -14.91 1.06
CA PHE D 329 5.94 -15.68 2.27
C PHE D 329 5.62 -17.15 1.97
N ASN D 330 6.38 -17.73 1.04
CA ASN D 330 6.36 -19.18 0.79
C ASN D 330 5.05 -19.72 0.21
N ASN D 331 4.46 -19.01 -0.75
CA ASN D 331 3.20 -19.40 -1.36
C ASN D 331 2.02 -19.54 -0.39
N LYS D 332 2.15 -18.97 0.81
CA LYS D 332 1.04 -18.98 1.76
C LYS D 332 -0.05 -18.06 1.26
N THR D 333 -1.31 -18.51 1.34
CA THR D 333 -2.43 -17.68 0.91
C THR D 333 -2.58 -16.50 1.88
N ILE D 334 -2.34 -15.29 1.39
CA ILE D 334 -2.36 -14.13 2.26
C ILE D 334 -3.76 -13.53 2.35
N ILE D 335 -4.06 -12.97 3.52
CA ILE D 335 -5.37 -12.38 3.77
C ILE D 335 -5.22 -11.00 4.41
N PHE D 336 -6.16 -10.11 4.12
CA PHE D 336 -6.12 -8.74 4.64
C PHE D 336 -7.23 -8.46 5.65
N LYS D 337 -6.99 -7.53 6.56
CA LYS D 337 -7.99 -7.09 7.51
C LYS D 337 -7.71 -5.67 8.02
N SER D 338 -8.66 -5.10 8.75
CA SER D 338 -8.57 -3.73 9.25
C SER D 338 -7.47 -3.54 10.30
N SER D 339 -7.29 -2.29 10.73
CA SER D 339 -6.25 -1.95 11.71
C SER D 339 -6.61 -2.41 13.12
N SER D 340 -5.61 -2.85 13.87
CA SER D 340 -5.82 -3.43 15.20
C SER D 340 -5.98 -2.38 16.31
N GLY D 341 -5.70 -1.12 16.01
CA GLY D 341 -5.88 -0.07 16.99
C GLY D 341 -5.02 1.15 16.76
N GLY D 342 -5.26 2.18 17.56
CA GLY D 342 -4.48 3.40 17.51
C GLY D 342 -5.34 4.64 17.37
N ASP D 343 -4.68 5.78 17.13
CA ASP D 343 -5.37 7.03 16.87
C ASP D 343 -6.21 6.87 15.61
N LEU D 344 -7.26 7.67 15.48
CA LEU D 344 -8.16 7.60 14.34
C LEU D 344 -7.39 7.67 13.02
N GLU D 345 -6.49 8.66 12.93
CA GLU D 345 -5.67 8.86 11.73
C GLU D 345 -4.90 7.61 11.30
N ILE D 346 -4.66 6.71 12.26
CA ILE D 346 -3.90 5.49 11.98
C ILE D 346 -4.84 4.33 11.64
N THR D 347 -6.01 4.31 12.29
CA THR D 347 -7.00 3.26 12.04
C THR D 347 -7.98 3.66 10.93
N THR D 348 -7.59 4.64 10.12
CA THR D 348 -8.42 5.09 9.03
C THR D 348 -7.58 5.64 7.90
N HIS D 349 -8.21 5.97 6.78
CA HIS D 349 -7.50 6.64 5.69
C HIS D 349 -7.66 8.13 5.81
N SER D 350 -6.57 8.82 6.10
CA SER D 350 -6.62 10.25 6.36
C SER D 350 -5.96 11.07 5.26
N PHE D 351 -6.47 12.28 5.05
CA PHE D 351 -6.01 13.17 3.99
C PHE D 351 -6.82 14.45 4.03
N ASN D 352 -6.55 15.37 3.12
CA ASN D 352 -7.38 16.55 3.00
C ASN D 352 -7.70 16.89 1.57
N CYS D 353 -8.96 17.27 1.35
CA CYS D 353 -9.42 17.76 0.07
C CYS D 353 -9.78 19.23 0.22
N ARG D 354 -9.13 20.08 -0.58
CA ARG D 354 -9.32 21.53 -0.54
C ARG D 354 -9.14 22.12 0.85
N GLY D 355 -8.55 21.34 1.76
CA GLY D 355 -8.26 21.84 3.10
C GLY D 355 -8.97 21.13 4.24
N GLU D 356 -10.11 20.52 3.95
CA GLU D 356 -10.85 19.80 4.99
C GLU D 356 -10.24 18.42 5.18
N PHE D 357 -10.08 18.01 6.43
CA PHE D 357 -9.33 16.79 6.71
C PHE D 357 -10.25 15.62 6.95
N PHE D 358 -9.98 14.54 6.22
CA PHE D 358 -10.88 13.39 6.15
C PHE D 358 -10.35 12.19 6.91
N TYR D 359 -11.26 11.31 7.28
CA TYR D 359 -10.93 10.08 8.00
C TYR D 359 -11.87 8.98 7.53
N CYS D 360 -11.50 8.34 6.41
CA CYS D 360 -12.38 7.38 5.76
C CYS D 360 -12.16 5.95 6.24
N ASN D 361 -13.27 5.28 6.54
CA ASN D 361 -13.25 3.91 7.04
C ASN D 361 -12.76 2.93 5.98
N THR D 362 -11.56 2.40 6.16
CA THR D 362 -10.97 1.49 5.18
C THR D 362 -11.38 0.04 5.41
N SER D 363 -12.37 -0.17 6.28
CA SER D 363 -12.87 -1.51 6.56
C SER D 363 -13.25 -2.21 5.28
N GLY D 364 -13.99 -1.51 4.43
CA GLY D 364 -14.45 -2.06 3.16
C GLY D 364 -13.33 -2.54 2.24
N LEU D 365 -12.21 -1.84 2.28
CA LEU D 365 -11.08 -2.17 1.40
C LEU D 365 -10.37 -3.43 1.85
N PHE D 366 -10.60 -3.83 3.09
CA PHE D 366 -9.89 -4.97 3.65
C PHE D 366 -10.77 -6.10 4.20
N ASN D 367 -11.95 -6.32 3.62
CA ASN D 367 -12.73 -7.48 4.06
C ASN D 367 -12.00 -8.75 3.66
N THR D 368 -11.58 -8.78 2.39
CA THR D 368 -10.63 -9.73 1.76
C THR D 368 -11.01 -9.97 0.30
N SER D 369 -11.97 -10.87 0.08
CA SER D 369 -12.43 -11.25 -1.27
C SER D 369 -11.30 -11.71 -2.18
N GLY D 370 -10.49 -12.65 -1.68
CA GLY D 370 -9.29 -13.09 -2.38
C GLY D 370 -9.48 -14.07 -3.53
N LEU D 371 -10.45 -14.97 -3.40
CA LEU D 371 -10.72 -15.96 -4.44
C LEU D 371 -11.48 -15.30 -5.58
N PHE D 372 -10.90 -15.33 -6.78
CA PHE D 372 -11.49 -14.62 -7.91
C PHE D 372 -12.39 -15.51 -8.79
N ASN D 373 -13.69 -15.22 -8.73
CA ASN D 373 -14.67 -15.89 -9.57
C ASN D 373 -15.35 -14.89 -10.51
N ASN D 374 -15.50 -13.66 -10.00
CA ASN D 374 -16.03 -12.50 -10.72
C ASN D 374 -17.56 -12.45 -10.73
N ASN D 375 -18.21 -13.58 -10.46
CA ASN D 375 -19.68 -13.61 -10.34
C ASN D 375 -20.38 -13.05 -11.57
N SER D 376 -20.01 -13.57 -12.74
CA SER D 376 -20.56 -13.11 -14.01
C SER D 376 -20.44 -11.60 -14.18
N ASN D 377 -19.32 -11.04 -13.69
CA ASN D 377 -19.07 -9.60 -13.71
C ASN D 377 -20.18 -8.79 -13.04
N ASP D 378 -20.80 -9.37 -12.01
CA ASP D 378 -21.87 -8.69 -11.29
C ASP D 378 -21.40 -8.32 -9.89
N SER D 379 -22.25 -7.59 -9.16
CA SER D 379 -21.91 -7.11 -7.82
C SER D 379 -20.57 -6.36 -7.83
N SER D 380 -20.45 -5.41 -8.75
CA SER D 380 -19.20 -4.68 -8.91
C SER D 380 -19.41 -3.30 -9.54
N GLY D 381 -19.58 -2.30 -8.69
CA GLY D 381 -19.64 -0.92 -9.11
C GLY D 381 -18.60 -0.15 -8.34
N ASN D 382 -19.05 0.80 -7.52
CA ASN D 382 -18.16 1.49 -6.60
C ASN D 382 -18.14 0.79 -5.24
N ILE D 383 -17.13 1.09 -4.45
CA ILE D 383 -17.09 0.65 -3.06
C ILE D 383 -16.94 1.89 -2.19
N THR D 384 -18.01 2.23 -1.48
CA THR D 384 -18.07 3.49 -0.76
C THR D 384 -17.69 3.34 0.72
N LEU D 385 -16.83 4.24 1.19
CA LEU D 385 -16.38 4.23 2.58
C LEU D 385 -16.95 5.41 3.34
N PRO D 386 -17.53 5.16 4.52
CA PRO D 386 -18.01 6.28 5.34
C PRO D 386 -16.84 7.13 5.81
N CYS D 387 -16.95 8.44 5.63
CA CYS D 387 -15.87 9.32 6.04
C CYS D 387 -16.32 10.23 7.18
N LYS D 388 -15.41 10.48 8.11
CA LYS D 388 -15.65 11.40 9.20
C LYS D 388 -14.76 12.61 9.01
N ILE D 389 -15.27 13.79 9.37
CA ILE D 389 -14.56 15.03 9.13
C ILE D 389 -14.37 15.81 10.42
N LYS D 390 -13.18 16.36 10.60
CA LYS D 390 -12.79 17.02 11.83
C LYS D 390 -11.97 18.28 11.53
N GLN D 391 -12.11 19.31 12.38
CA GLN D 391 -11.48 20.59 12.12
C GLN D 391 -10.29 20.88 13.04
N ILE D 392 -10.44 20.61 14.33
CA ILE D 392 -9.32 20.86 15.23
C ILE D 392 -8.43 19.61 15.17
N VAL D 393 -7.19 19.82 14.73
CA VAL D 393 -6.32 18.75 14.27
C VAL D 393 -4.88 19.00 14.68
N ARG D 394 -4.21 17.98 15.23
CA ARG D 394 -2.80 18.11 15.59
C ARG D 394 -1.94 17.02 14.98
N MET D 395 -1.12 17.42 14.02
CA MET D 395 -0.18 16.50 13.38
C MET D 395 1.15 16.51 14.12
N TRP D 396 2.00 15.54 13.79
CA TRP D 396 3.33 15.41 14.37
C TRP D 396 3.29 15.27 15.88
N GLN D 397 2.13 14.89 16.41
CA GLN D 397 1.92 14.78 17.85
C GLN D 397 2.31 16.04 18.60
N ARG D 398 3.30 15.93 19.48
CA ARG D 398 3.66 17.01 20.37
C ARG D 398 4.33 18.19 19.67
N VAL D 399 5.23 17.93 18.73
CA VAL D 399 5.90 19.01 18.03
C VAL D 399 4.88 19.70 17.11
N GLY D 400 4.74 21.00 17.27
CA GLY D 400 3.72 21.77 16.57
C GLY D 400 2.47 21.94 17.40
N GLN D 401 1.71 22.99 17.12
CA GLN D 401 0.48 23.27 17.86
C GLN D 401 -0.72 22.63 17.21
N ALA D 402 -1.87 22.72 17.89
CA ALA D 402 -3.13 22.24 17.33
C ALA D 402 -3.65 23.23 16.30
N MET D 403 -4.19 22.72 15.20
CA MET D 403 -4.71 23.59 14.14
C MET D 403 -6.21 23.44 14.00
N TYR D 404 -6.88 24.57 13.79
CA TYR D 404 -8.29 24.58 13.44
C TYR D 404 -8.43 24.83 11.95
N ALA D 405 -9.03 23.87 11.25
CA ALA D 405 -9.25 24.02 9.80
C ALA D 405 -10.57 24.72 9.55
N PRO D 406 -10.52 25.95 9.05
CA PRO D 406 -11.74 26.67 8.71
C PRO D 406 -12.50 25.95 7.61
N PRO D 407 -13.83 25.90 7.68
CA PRO D 407 -14.63 25.18 6.69
C PRO D 407 -14.62 25.86 5.34
N ILE D 408 -14.54 25.07 4.27
CA ILE D 408 -14.74 25.60 2.93
C ILE D 408 -16.24 25.63 2.66
N ALA D 409 -16.76 26.79 2.30
CA ALA D 409 -18.19 26.93 2.03
C ALA D 409 -18.56 26.17 0.76
N GLY D 410 -19.73 25.54 0.78
CA GLY D 410 -20.19 24.76 -0.35
C GLY D 410 -19.58 23.37 -0.38
N ASN D 411 -20.23 22.45 -1.10
CA ASN D 411 -19.76 21.07 -1.18
C ASN D 411 -18.42 20.95 -1.91
N ILE D 412 -17.60 20.00 -1.47
CA ILE D 412 -16.29 19.78 -2.09
C ILE D 412 -16.03 18.32 -2.43
N THR D 413 -15.20 18.09 -3.44
CA THR D 413 -14.82 16.75 -3.86
C THR D 413 -13.50 16.76 -4.61
N CYS D 414 -12.57 15.89 -4.22
CA CYS D 414 -11.27 15.80 -4.88
C CYS D 414 -10.97 14.37 -5.29
N ARG D 415 -10.23 14.21 -6.39
CA ARG D 415 -9.83 12.89 -6.84
C ARG D 415 -8.32 12.72 -6.78
N SER D 416 -7.88 11.73 -6.00
CA SER D 416 -6.47 11.38 -5.94
C SER D 416 -6.26 10.01 -6.60
N ARG D 417 -5.03 9.71 -6.98
CA ARG D 417 -4.73 8.39 -7.50
C ARG D 417 -3.92 7.61 -6.46
N ILE D 418 -4.41 6.43 -6.12
CA ILE D 418 -3.72 5.57 -5.16
C ILE D 418 -2.49 4.97 -5.82
N THR D 419 -1.32 5.29 -5.28
CA THR D 419 -0.06 4.87 -5.88
C THR D 419 0.72 3.91 -5.01
N GLY D 420 0.20 3.61 -3.82
CA GLY D 420 0.88 2.68 -2.93
C GLY D 420 0.15 2.46 -1.62
N LEU D 421 0.69 1.56 -0.79
CA LEU D 421 0.09 1.22 0.49
C LEU D 421 1.14 1.05 1.59
N LEU D 422 0.70 1.18 2.84
CA LEU D 422 1.53 0.92 4.01
C LEU D 422 0.89 -0.17 4.85
N LEU D 423 1.55 -1.34 4.90
CA LEU D 423 0.97 -2.51 5.56
C LEU D 423 1.84 -3.02 6.72
N VAL D 424 1.25 -3.84 7.58
CA VAL D 424 1.99 -4.46 8.68
C VAL D 424 1.44 -5.86 9.02
N ARG D 425 2.35 -6.82 9.13
CA ARG D 425 1.97 -8.24 9.29
C ARG D 425 1.76 -8.65 10.73
N ASP D 426 0.67 -9.39 10.96
CA ASP D 426 0.45 -10.06 12.24
C ASP D 426 1.38 -11.25 12.33
N GLY D 427 2.17 -11.32 13.40
CA GLY D 427 3.16 -12.36 13.53
C GLY D 427 3.18 -13.12 14.84
N CYS D 428 2.81 -14.39 14.76
CA CYS D 428 2.96 -15.34 15.87
C CYS D 428 2.98 -16.76 15.32
N LYS D 429 3.27 -17.72 16.18
CA LYS D 429 3.24 -19.12 15.79
C LYS D 429 1.82 -19.51 15.42
N SER D 430 1.67 -20.25 14.34
CA SER D 430 0.35 -20.66 13.88
C SER D 430 0.42 -22.07 13.25
N ASN D 431 -0.63 -22.42 12.50
CA ASN D 431 -0.67 -23.72 11.83
C ASN D 431 0.38 -23.79 10.73
N GLU D 432 1.34 -24.69 10.88
CA GLU D 432 2.46 -24.78 9.95
C GLU D 432 1.99 -25.20 8.55
N THR D 433 0.95 -26.02 8.48
CA THR D 433 0.42 -26.56 7.22
C THR D 433 -1.07 -26.89 7.34
N ASN D 434 -1.93 -26.24 6.55
CA ASN D 434 -1.56 -25.14 5.66
C ASN D 434 -2.03 -23.79 6.23
N GLY D 435 -1.25 -23.20 7.12
CA GLY D 435 -1.62 -21.93 7.73
C GLY D 435 -1.12 -20.75 6.93
N THR D 436 -1.41 -19.54 7.42
CA THR D 436 -1.05 -18.34 6.69
C THR D 436 -1.01 -17.09 7.54
N GLU D 437 -0.31 -16.07 7.03
CA GLU D 437 -0.13 -14.80 7.72
C GLU D 437 -1.11 -13.75 7.21
N THR D 438 -1.50 -12.83 8.09
CA THR D 438 -2.44 -11.78 7.73
C THR D 438 -1.82 -10.40 7.88
N PHE D 439 -2.21 -9.48 7.01
CA PHE D 439 -1.64 -8.14 6.98
C PHE D 439 -2.68 -7.07 7.26
N ARG D 440 -2.24 -5.98 7.89
CA ARG D 440 -3.12 -4.88 8.25
C ARG D 440 -2.47 -3.54 7.90
N PRO D 441 -3.26 -2.49 7.68
CA PRO D 441 -2.69 -1.18 7.32
C PRO D 441 -2.10 -0.42 8.52
N ALA D 442 -1.02 0.32 8.27
CA ALA D 442 -0.38 1.13 9.30
C ALA D 442 -0.06 2.52 8.76
N GLY D 443 -0.12 3.53 9.62
CA GLY D 443 0.14 4.89 9.20
C GLY D 443 0.74 5.76 10.29
N GLY D 444 1.40 5.12 11.26
CA GLY D 444 1.95 5.82 12.41
C GLY D 444 3.03 6.84 12.11
N ASP D 445 4.03 6.44 11.34
CA ASP D 445 5.19 7.29 11.10
C ASP D 445 5.18 7.84 9.68
N MET D 446 5.17 9.15 9.54
CA MET D 446 5.12 9.80 8.23
C MET D 446 6.38 9.57 7.41
N ARG D 447 7.46 9.18 8.09
CA ARG D 447 8.73 8.93 7.42
C ARG D 447 8.62 7.85 6.36
N ASP D 448 7.66 6.94 6.53
CA ASP D 448 7.45 5.89 5.55
C ASP D 448 6.86 6.48 4.27
N ASN D 449 6.09 7.55 4.40
CA ASN D 449 5.60 8.27 3.24
C ASN D 449 6.77 8.87 2.48
N TRP D 450 7.76 9.36 3.23
CA TRP D 450 8.92 9.98 2.62
C TRP D 450 9.88 8.94 2.04
N ARG D 451 10.01 7.82 2.74
CA ARG D 451 10.84 6.73 2.21
C ARG D 451 10.24 6.17 0.92
N SER D 452 8.93 6.33 0.77
CA SER D 452 8.22 5.77 -0.36
C SER D 452 8.59 6.47 -1.67
N GLU D 453 9.02 7.72 -1.56
CA GLU D 453 9.35 8.49 -2.75
C GLU D 453 10.86 8.64 -2.93
N LEU D 454 11.59 8.63 -1.83
CA LEU D 454 13.02 8.97 -1.85
C LEU D 454 13.93 7.77 -2.09
N TYR D 455 13.36 6.57 -2.06
CA TYR D 455 14.12 5.32 -2.08
C TYR D 455 15.18 5.27 -3.19
N LYS D 456 14.91 5.94 -4.30
CA LYS D 456 15.77 5.88 -5.47
C LYS D 456 16.86 6.95 -5.45
N TYR D 457 16.93 7.70 -4.36
CA TYR D 457 17.92 8.77 -4.24
C TYR D 457 18.91 8.53 -3.10
N LYS D 458 20.12 9.07 -3.27
CA LYS D 458 21.11 9.19 -2.19
C LYS D 458 22.00 10.38 -2.51
N VAL D 459 22.49 11.06 -1.49
CA VAL D 459 23.36 12.21 -1.69
C VAL D 459 24.81 11.86 -1.34
N VAL D 460 25.73 12.25 -2.20
CA VAL D 460 27.16 12.05 -1.97
C VAL D 460 27.90 13.37 -2.00
N LYS D 461 29.09 13.40 -1.42
CA LYS D 461 29.93 14.59 -1.51
C LYS D 461 31.04 14.29 -2.49
N ILE D 462 31.37 15.26 -3.33
CA ILE D 462 32.41 15.11 -4.33
C ILE D 462 33.78 15.39 -3.69
N LYS D 463 34.80 14.62 -4.09
CA LYS D 463 36.14 14.74 -3.53
C LYS D 463 37.18 15.00 -4.62
N PRO D 464 37.26 16.26 -5.09
CA PRO D 464 37.99 16.66 -6.29
C PRO D 464 39.50 16.45 -6.23
N LEU D 465 40.08 16.41 -5.04
CA LEU D 465 41.51 16.19 -4.90
C LEU D 465 41.85 14.72 -5.11
N GLY D 466 42.91 14.48 -5.88
CA GLY D 466 43.35 13.13 -6.19
C GLY D 466 44.85 13.07 -6.32
N VAL D 467 45.44 11.96 -5.90
CA VAL D 467 46.89 11.83 -5.85
C VAL D 467 47.36 10.48 -6.43
N ALA D 468 48.37 10.51 -7.28
CA ALA D 468 48.80 9.31 -7.99
C ALA D 468 50.24 9.39 -8.48
N PRO D 469 50.91 8.24 -8.58
CA PRO D 469 52.28 8.18 -9.08
C PRO D 469 52.40 8.55 -10.54
N THR D 470 53.54 9.12 -10.90
CA THR D 470 53.80 9.61 -12.24
C THR D 470 55.30 9.82 -12.38
N ARG D 471 55.82 9.69 -13.60
CA ARG D 471 57.25 9.90 -13.84
C ARG D 471 57.57 11.38 -14.04
N CYS D 472 56.81 12.24 -13.37
CA CYS D 472 57.03 13.67 -13.48
C CYS D 472 57.50 14.26 -12.15
N ARG D 473 58.73 14.79 -12.16
CA ARG D 473 59.30 15.44 -11.00
C ARG D 473 59.09 16.95 -11.13
N ARG D 474 59.46 17.72 -10.10
CA ARG D 474 59.29 19.16 -10.12
C ARG D 474 60.58 19.89 -10.47
N ARG D 475 60.66 21.17 -10.09
CA ARG D 475 61.80 22.05 -10.39
C ARG D 475 62.16 22.04 -11.88
N VAL D 476 63.37 21.58 -12.19
CA VAL D 476 63.91 21.69 -13.56
C VAL D 476 63.82 20.40 -14.37
N VAL D 477 62.86 19.54 -14.04
CA VAL D 477 62.79 18.24 -14.70
C VAL D 477 61.35 17.72 -14.81
N GLY D 478 61.06 17.11 -15.95
CA GLY D 478 59.83 16.35 -16.16
C GLY D 478 60.21 15.09 -16.90
N ARG D 479 61.27 14.46 -16.41
CA ARG D 479 62.00 13.37 -17.08
C ARG D 479 62.68 13.87 -18.36
N ARG D 480 63.88 14.42 -18.18
CA ARG D 480 64.78 14.78 -19.28
C ARG D 480 64.17 15.67 -20.36
N ARG D 481 64.32 16.98 -20.21
CA ARG D 481 63.87 17.94 -21.22
C ARG D 481 64.52 19.30 -21.03
N GLN E 1 -62.89 0.07 -12.98
CA GLN E 1 -63.67 0.99 -12.17
C GLN E 1 -63.65 0.59 -10.70
N VAL E 2 -62.47 0.66 -10.10
CA VAL E 2 -62.30 0.33 -8.69
C VAL E 2 -62.86 1.44 -7.80
N HIS E 3 -63.81 1.10 -6.93
CA HIS E 3 -64.46 2.09 -6.07
C HIS E 3 -64.72 1.55 -4.66
N LEU E 4 -64.91 2.46 -3.71
CA LEU E 4 -65.08 2.09 -2.31
C LEU E 4 -65.85 3.15 -1.51
N GLN E 5 -66.36 2.77 -0.34
CA GLN E 5 -67.03 3.70 0.56
C GLN E 5 -67.12 3.16 1.98
N GLU E 6 -67.36 4.05 2.93
CA GLU E 6 -67.34 3.69 4.35
C GLU E 6 -68.74 3.73 4.98
N SER E 7 -68.86 3.17 6.17
CA SER E 7 -70.13 3.07 6.85
C SER E 7 -70.00 3.26 8.36
N GLY E 8 -70.57 4.35 8.86
CA GLY E 8 -70.49 4.67 10.28
C GLY E 8 -71.84 4.87 10.96
N PRO E 9 -71.81 5.28 12.24
CA PRO E 9 -73.03 5.47 13.04
C PRO E 9 -73.69 6.83 12.87
N GLY E 10 -72.90 7.85 12.54
CA GLY E 10 -73.43 9.20 12.39
C GLY E 10 -73.24 10.03 13.64
N LEU E 11 -73.67 9.50 14.79
CA LEU E 11 -73.55 10.19 16.06
C LEU E 11 -72.91 9.33 17.14
N VAL E 12 -72.01 9.93 17.91
CA VAL E 12 -71.47 9.32 19.12
C VAL E 12 -71.37 10.37 20.22
N LYS E 13 -71.45 9.93 21.47
CA LYS E 13 -71.38 10.83 22.61
C LYS E 13 -69.98 10.75 23.22
N PRO E 14 -69.62 11.71 24.11
CA PRO E 14 -68.25 11.69 24.62
C PRO E 14 -67.95 10.44 25.45
N SER E 15 -66.66 10.17 25.65
CA SER E 15 -66.19 9.01 26.41
C SER E 15 -66.71 7.69 25.82
N GLU E 16 -66.83 7.66 24.50
CA GLU E 16 -67.25 6.45 23.80
C GLU E 16 -66.31 6.18 22.66
N THR E 17 -66.01 4.91 22.41
CA THR E 17 -65.11 4.55 21.32
C THR E 17 -65.85 4.55 20.00
N LEU E 18 -65.38 5.38 19.07
CA LEU E 18 -66.01 5.51 17.77
C LEU E 18 -65.50 4.45 16.80
N SER E 19 -66.36 3.48 16.48
CA SER E 19 -65.98 2.44 15.53
C SER E 19 -66.51 2.77 14.14
N LEU E 20 -65.69 2.51 13.13
CA LEU E 20 -66.05 2.80 11.74
C LEU E 20 -65.57 1.68 10.82
N THR E 21 -66.06 1.67 9.59
CA THR E 21 -65.71 0.61 8.64
C THR E 21 -65.68 1.11 7.20
N CYS E 22 -64.62 0.74 6.48
CA CYS E 22 -64.50 1.09 5.07
C CYS E 22 -64.62 -0.12 4.16
N ASN E 23 -65.85 -0.38 3.71
CA ASN E 23 -66.15 -1.46 2.77
C ASN E 23 -65.51 -1.19 1.40
N VAL E 24 -64.88 -2.21 0.81
CA VAL E 24 -64.15 -2.03 -0.45
C VAL E 24 -64.48 -3.06 -1.53
N SER E 25 -64.13 -2.71 -2.77
CA SER E 25 -64.33 -3.57 -3.93
C SER E 25 -63.36 -3.19 -5.04
N GLY E 26 -63.35 -3.96 -6.12
CA GLY E 26 -62.47 -3.68 -7.25
C GLY E 26 -61.18 -4.45 -7.17
N THR E 27 -60.51 -4.39 -6.02
CA THR E 27 -59.28 -5.15 -5.79
C THR E 27 -59.27 -5.78 -4.41
N LEU E 28 -58.24 -6.57 -4.13
CA LEU E 28 -58.13 -7.30 -2.87
C LEU E 28 -57.75 -6.37 -1.73
N VAL E 29 -57.89 -6.87 -0.49
CA VAL E 29 -57.55 -6.08 0.69
C VAL E 29 -56.10 -6.33 1.11
N ARG E 30 -55.54 -7.46 0.66
CA ARG E 30 -54.15 -7.80 0.93
C ARG E 30 -53.22 -7.01 0.01
N ASP E 31 -53.72 -6.73 -1.19
CA ASP E 31 -52.92 -6.11 -2.24
C ASP E 31 -52.85 -4.59 -2.14
N ASN E 32 -53.12 -4.03 -0.96
CA ASN E 32 -53.12 -2.59 -0.80
C ASN E 32 -52.64 -2.12 0.57
N TYR E 33 -52.06 -0.93 0.59
CA TYR E 33 -51.77 -0.22 1.84
C TYR E 33 -52.97 0.68 2.13
N TRP E 34 -53.42 0.72 3.37
CA TRP E 34 -54.70 1.35 3.70
C TRP E 34 -54.59 2.52 4.66
N SER E 35 -55.31 3.60 4.38
CA SER E 35 -55.28 4.81 5.21
C SER E 35 -56.65 5.24 5.76
N TRP E 36 -56.64 6.20 6.67
CA TRP E 36 -57.84 6.83 7.21
C TRP E 36 -57.62 8.33 7.35
N ILE E 37 -58.58 9.13 6.86
CA ILE E 37 -58.43 10.58 6.88
C ILE E 37 -59.70 11.26 7.35
N ARG E 38 -59.56 12.29 8.18
CA ARG E 38 -60.71 13.06 8.65
C ARG E 38 -60.52 14.55 8.39
N GLN E 39 -61.60 15.23 8.05
CA GLN E 39 -61.55 16.65 7.76
C GLN E 39 -62.76 17.36 8.34
N PRO E 40 -62.56 18.21 9.36
CA PRO E 40 -63.67 18.93 9.98
C PRO E 40 -64.32 19.94 9.04
N LEU E 41 -65.21 20.76 9.61
CA LEU E 41 -65.93 21.76 8.84
C LEU E 41 -65.05 22.99 8.62
N GLY E 42 -64.75 23.28 7.36
CA GLY E 42 -63.97 24.45 7.00
C GLY E 42 -62.52 24.37 7.45
N LYS E 43 -62.06 23.15 7.71
CA LYS E 43 -60.68 22.93 8.12
C LYS E 43 -59.99 21.98 7.15
N GLN E 44 -58.68 21.82 7.32
CA GLN E 44 -57.88 20.97 6.44
C GLN E 44 -57.96 19.51 6.89
N PRO E 45 -57.72 18.57 5.95
CA PRO E 45 -57.78 17.13 6.26
C PRO E 45 -56.64 16.66 7.16
N GLU E 46 -56.97 15.86 8.17
CA GLU E 46 -55.97 15.31 9.08
C GLU E 46 -55.77 13.82 8.86
N TRP E 47 -54.54 13.44 8.53
CA TRP E 47 -54.15 12.05 8.33
C TRP E 47 -54.15 11.29 9.64
N ILE E 48 -54.96 10.22 9.73
CA ILE E 48 -55.11 9.48 10.97
C ILE E 48 -54.04 8.41 11.16
N GLY E 49 -53.92 7.51 10.19
CA GLY E 49 -52.93 6.44 10.25
C GLY E 49 -53.01 5.51 9.05
N TYR E 50 -52.15 4.49 9.01
CA TYR E 50 -52.18 3.54 7.90
C TYR E 50 -51.79 2.12 8.32
N VAL E 51 -52.17 1.14 7.50
CA VAL E 51 -52.09 -0.26 7.90
C VAL E 51 -51.93 -1.24 6.72
N HIS E 52 -51.35 -2.40 7.01
CA HIS E 52 -51.06 -3.45 6.03
C HIS E 52 -50.95 -4.77 6.80
N ASP E 53 -51.19 -5.90 6.13
CA ASP E 53 -51.07 -7.18 6.82
C ASP E 53 -49.62 -7.48 7.17
N SER E 54 -49.39 -8.60 7.83
CA SER E 54 -48.06 -8.98 8.35
C SER E 54 -47.64 -8.06 9.51
N GLY E 55 -48.61 -7.57 10.27
CA GLY E 55 -48.33 -6.82 11.49
C GLY E 55 -47.66 -5.46 11.31
N ASP E 56 -48.19 -4.66 10.40
CA ASP E 56 -47.64 -3.34 10.12
C ASP E 56 -48.69 -2.24 10.34
N THR E 57 -48.36 -1.26 11.18
CA THR E 57 -49.28 -0.16 11.46
C THR E 57 -48.54 1.08 12.00
N ASN E 58 -49.08 2.27 11.72
CA ASN E 58 -48.51 3.52 12.20
C ASN E 58 -49.56 4.62 12.33
N TYR E 59 -49.54 5.35 13.46
CA TYR E 59 -50.56 6.37 13.74
C TYR E 59 -50.01 7.79 13.83
N ASN E 60 -50.92 8.76 13.71
CA ASN E 60 -50.61 10.15 13.99
C ASN E 60 -50.37 10.32 15.49
N PRO E 61 -49.23 10.90 15.87
CA PRO E 61 -48.86 11.12 17.28
C PRO E 61 -49.92 11.84 18.12
N SER E 62 -50.77 12.64 17.49
CA SER E 62 -51.83 13.35 18.22
C SER E 62 -52.80 12.37 18.88
N LEU E 63 -53.04 11.25 18.21
CA LEU E 63 -54.01 10.27 18.69
C LEU E 63 -53.49 8.85 18.53
N LYS E 64 -52.19 8.67 18.72
CA LYS E 64 -51.57 7.35 18.60
C LYS E 64 -52.05 6.44 19.72
N SER E 65 -52.54 7.05 20.79
CA SER E 65 -53.03 6.32 21.95
C SER E 65 -54.48 5.87 21.81
N ARG E 66 -55.30 6.71 21.20
CA ARG E 66 -56.75 6.48 21.18
C ARG E 66 -57.22 5.61 20.02
N VAL E 67 -56.56 5.72 18.87
CA VAL E 67 -57.02 4.98 17.70
C VAL E 67 -56.53 3.53 17.70
N HIS E 68 -57.40 2.62 17.28
CA HIS E 68 -57.07 1.20 17.16
C HIS E 68 -57.61 0.62 15.85
N LEU E 69 -56.79 0.67 14.81
CA LEU E 69 -57.22 0.19 13.49
C LEU E 69 -57.22 -1.32 13.40
N SER E 70 -57.98 -1.85 12.44
CA SER E 70 -58.08 -3.30 12.24
C SER E 70 -58.13 -3.64 10.75
N LEU E 71 -58.32 -4.91 10.43
CA LEU E 71 -58.37 -5.37 9.04
C LEU E 71 -59.00 -6.76 8.89
N ASP E 72 -60.10 -6.83 8.15
CA ASP E 72 -60.74 -8.11 7.85
C ASP E 72 -60.35 -8.58 6.46
N LYS E 73 -60.02 -9.86 6.33
CA LYS E 73 -59.57 -10.40 5.05
C LYS E 73 -60.73 -10.84 4.16
N SER E 74 -61.46 -11.86 4.60
CA SER E 74 -62.54 -12.45 3.82
C SER E 74 -63.59 -11.44 3.36
N LYS E 75 -64.01 -10.58 4.29
CA LYS E 75 -65.09 -9.63 4.02
C LYS E 75 -64.68 -8.54 3.04
N ASN E 76 -63.38 -8.34 2.87
CA ASN E 76 -62.83 -7.24 2.08
C ASN E 76 -63.34 -5.90 2.59
N LEU E 77 -62.83 -5.49 3.75
CA LEU E 77 -63.16 -4.20 4.35
C LEU E 77 -62.17 -3.84 5.44
N VAL E 78 -62.10 -2.55 5.78
CA VAL E 78 -61.20 -2.08 6.82
C VAL E 78 -61.99 -1.63 8.04
N SER E 79 -61.29 -1.31 9.13
CA SER E 79 -61.94 -0.95 10.38
C SER E 79 -61.25 0.22 11.10
N LEU E 80 -61.91 0.75 12.13
CA LEU E 80 -61.37 1.84 12.93
C LEU E 80 -62.02 1.85 14.30
N ARG E 81 -61.28 2.29 15.31
CA ARG E 81 -61.79 2.41 16.67
C ARG E 81 -61.10 3.55 17.41
N LEU E 82 -61.87 4.56 17.83
CA LEU E 82 -61.31 5.74 18.46
C LEU E 82 -61.93 5.99 19.83
N THR E 83 -61.16 5.76 20.89
CA THR E 83 -61.66 5.86 22.26
C THR E 83 -61.69 7.30 22.77
N GLY E 84 -62.48 7.51 23.81
CA GLY E 84 -62.52 8.78 24.52
C GLY E 84 -62.78 10.00 23.66
N VAL E 85 -63.81 9.93 22.84
CA VAL E 85 -64.08 10.99 21.87
C VAL E 85 -64.60 12.27 22.52
N THR E 86 -64.37 13.38 21.82
CA THR E 86 -64.87 14.70 22.21
C THR E 86 -65.37 15.42 20.97
N ALA E 87 -65.82 16.65 21.14
CA ALA E 87 -66.31 17.44 20.02
C ALA E 87 -65.20 17.73 19.02
N ALA E 88 -63.95 17.58 19.45
CA ALA E 88 -62.81 17.78 18.58
C ALA E 88 -62.74 16.71 17.50
N ASP E 89 -63.13 15.50 17.86
CA ASP E 89 -63.00 14.35 16.96
C ASP E 89 -64.04 14.40 15.83
N SER E 90 -65.15 15.08 16.07
CA SER E 90 -66.22 15.19 15.08
C SER E 90 -65.74 15.83 13.78
N ALA E 91 -65.72 15.03 12.71
CA ALA E 91 -65.30 15.48 11.39
C ALA E 91 -65.81 14.47 10.38
N ILE E 92 -65.69 14.78 9.08
CA ILE E 92 -66.09 13.81 8.08
C ILE E 92 -64.87 12.94 7.73
N TYR E 93 -65.05 11.63 7.82
CA TYR E 93 -63.96 10.69 7.70
C TYR E 93 -63.86 10.11 6.29
N TYR E 94 -62.71 9.52 5.98
CA TYR E 94 -62.48 8.89 4.68
C TYR E 94 -61.53 7.70 4.80
N CYS E 95 -61.43 6.91 3.73
CA CYS E 95 -60.49 5.81 3.66
C CYS E 95 -59.99 5.65 2.22
N ALA E 96 -58.70 5.35 2.05
CA ALA E 96 -58.09 5.36 0.72
C ALA E 96 -56.89 4.42 0.57
N THR E 97 -56.71 3.89 -0.65
CA THR E 97 -55.53 3.09 -0.97
C THR E 97 -54.29 3.96 -0.94
N THR E 98 -53.37 3.67 -0.03
CA THR E 98 -52.16 4.45 0.12
C THR E 98 -51.02 3.93 -0.73
N LYS E 99 -50.83 4.52 -1.90
CA LYS E 99 -49.73 4.15 -2.77
C LYS E 99 -48.45 4.81 -2.29
N HIS E 100 -47.44 4.00 -1.97
CA HIS E 100 -46.20 4.51 -1.39
C HIS E 100 -45.04 4.49 -2.39
N GLY E 101 -43.88 4.99 -1.95
CA GLY E 101 -42.69 5.03 -2.77
C GLY E 101 -41.44 5.36 -1.97
N ARG E 102 -40.37 5.72 -2.67
CA ARG E 102 -39.10 6.06 -2.02
C ARG E 102 -38.42 7.24 -2.72
N ARG E 103 -38.01 8.22 -1.93
CA ARG E 103 -37.34 9.41 -2.45
C ARG E 103 -35.85 9.38 -2.14
N ILE E 104 -35.04 9.15 -3.16
CA ILE E 104 -33.59 9.06 -2.99
C ILE E 104 -32.88 10.32 -3.46
N TYR E 105 -31.98 10.85 -2.64
CA TYR E 105 -31.28 12.09 -2.94
C TYR E 105 -29.76 11.95 -2.78
N GLY E 106 -29.33 10.87 -2.13
CA GLY E 106 -27.92 10.63 -1.91
C GLY E 106 -27.58 9.16 -1.93
N VAL E 107 -26.54 8.79 -1.19
CA VAL E 107 -26.07 7.41 -1.16
C VAL E 107 -27.07 6.49 -0.47
N VAL E 108 -27.64 5.56 -1.23
CA VAL E 108 -28.60 4.61 -0.68
C VAL E 108 -27.98 3.79 0.43
N ALA E 109 -26.70 3.47 0.26
CA ALA E 109 -25.96 2.67 1.23
C ALA E 109 -26.05 3.23 2.65
N PHE E 110 -26.01 4.55 2.75
CA PHE E 110 -26.01 5.23 4.04
C PHE E 110 -27.40 5.58 4.53
N LYS E 111 -28.42 5.07 3.83
CA LYS E 111 -29.82 5.44 4.08
C LYS E 111 -30.03 6.93 3.88
N GLU E 112 -29.51 7.47 2.77
CA GLU E 112 -29.75 8.86 2.42
C GLU E 112 -30.99 8.94 1.53
N TRP E 113 -32.11 8.47 2.06
CA TRP E 113 -33.38 8.47 1.35
C TRP E 113 -34.54 8.47 2.36
N PHE E 114 -35.75 8.75 1.87
CA PHE E 114 -36.95 8.60 2.69
C PHE E 114 -38.14 8.05 1.91
N THR E 115 -39.07 7.42 2.62
CA THR E 115 -40.25 6.83 2.00
C THR E 115 -41.49 7.71 2.20
N TYR E 116 -42.24 7.94 1.13
CA TYR E 116 -43.40 8.84 1.17
C TYR E 116 -44.68 8.13 0.73
N PHE E 117 -45.83 8.73 1.01
CA PHE E 117 -47.13 8.09 0.78
C PHE E 117 -48.15 9.01 0.11
N TYR E 118 -48.72 8.56 -1.01
CA TYR E 118 -49.84 9.27 -1.62
C TYR E 118 -51.07 8.36 -1.75
N MET E 119 -52.24 8.96 -1.89
CA MET E 119 -53.51 8.22 -1.89
C MET E 119 -54.36 8.56 -3.12
N ASP E 120 -54.41 7.63 -4.08
CA ASP E 120 -54.92 7.94 -5.41
C ASP E 120 -56.44 7.87 -5.58
N VAL E 121 -57.13 7.18 -4.67
CA VAL E 121 -58.59 7.05 -4.77
C VAL E 121 -59.28 7.13 -3.42
N TRP E 122 -60.30 7.97 -3.32
CA TRP E 122 -60.98 8.25 -2.05
C TRP E 122 -62.40 7.71 -1.99
N GLY E 123 -62.89 7.52 -0.76
CA GLY E 123 -64.27 7.13 -0.55
C GLY E 123 -65.19 8.33 -0.62
N LYS E 124 -66.46 8.12 -0.27
CA LYS E 124 -67.43 9.21 -0.31
C LYS E 124 -67.28 10.13 0.90
N GLY E 125 -67.23 9.54 2.09
CA GLY E 125 -67.07 10.30 3.31
C GLY E 125 -68.17 10.07 4.32
N THR E 126 -67.80 9.57 5.49
CA THR E 126 -68.77 9.36 6.56
C THR E 126 -68.78 10.54 7.53
N SER E 127 -69.90 11.23 7.57
CA SER E 127 -70.07 12.37 8.46
C SER E 127 -70.27 11.88 9.89
N VAL E 128 -69.39 12.31 10.78
CA VAL E 128 -69.44 11.88 12.18
C VAL E 128 -69.54 13.07 13.14
N THR E 129 -70.63 13.10 13.91
CA THR E 129 -70.85 14.18 14.87
C THR E 129 -70.69 13.68 16.30
N VAL E 130 -70.05 14.49 17.15
CA VAL E 130 -69.86 14.13 18.55
C VAL E 130 -70.51 15.13 19.49
N SER E 131 -71.65 14.75 20.05
CA SER E 131 -72.38 15.60 20.97
C SER E 131 -73.18 14.76 21.96
N SER E 132 -73.41 15.31 23.15
CA SER E 132 -74.15 14.62 24.20
C SER E 132 -75.66 14.77 24.02
N ALA E 133 -76.07 15.39 22.91
CA ALA E 133 -77.48 15.59 22.62
C ALA E 133 -78.04 14.45 21.78
N SER E 134 -79.26 14.02 22.10
CA SER E 134 -79.87 12.85 21.46
C SER E 134 -80.27 13.11 20.01
N THR E 135 -80.54 12.04 19.28
CA THR E 135 -80.99 12.13 17.90
C THR E 135 -82.40 12.71 17.83
N LYS E 136 -82.89 12.92 16.62
CA LYS E 136 -84.24 13.43 16.43
C LYS E 136 -84.77 13.06 15.05
N GLY E 137 -85.95 12.47 15.03
CA GLY E 137 -86.60 12.09 13.79
C GLY E 137 -87.17 13.29 13.07
N PRO E 138 -86.63 13.59 11.88
CA PRO E 138 -87.04 14.73 11.06
C PRO E 138 -88.53 14.71 10.71
N SER E 139 -89.22 15.82 11.03
CA SER E 139 -90.60 16.00 10.62
C SER E 139 -90.62 16.50 9.17
N VAL E 140 -91.41 15.85 8.31
CA VAL E 140 -91.40 16.15 6.88
C VAL E 140 -92.77 16.58 6.37
N PHE E 141 -92.78 17.61 5.52
CA PHE E 141 -94.02 18.21 5.02
C PHE E 141 -93.88 18.59 3.53
N PRO E 142 -95.02 18.77 2.83
CA PRO E 142 -94.97 19.12 1.40
C PRO E 142 -95.08 20.62 1.12
N LEU E 143 -94.43 21.08 0.06
CA LEU E 143 -94.46 22.50 -0.33
C LEU E 143 -95.26 22.71 -1.62
N ALA E 144 -96.35 23.45 -1.52
CA ALA E 144 -97.26 23.67 -2.64
C ALA E 144 -96.66 24.59 -3.69
N PRO E 145 -96.53 24.09 -4.93
CA PRO E 145 -95.95 24.83 -6.06
C PRO E 145 -96.87 25.92 -6.59
N SER E 146 -98.17 25.75 -6.40
CA SER E 146 -99.17 26.67 -6.92
C SER E 146 -99.00 28.09 -6.39
N SER E 147 -98.77 29.02 -7.32
CA SER E 147 -98.66 30.47 -7.08
C SER E 147 -98.16 30.84 -5.68
N GLY E 152 -93.00 32.12 -18.76
CA GLY E 152 -93.53 30.83 -19.16
C GLY E 152 -94.20 30.08 -18.04
N GLY E 153 -94.93 29.02 -18.38
CA GLY E 153 -95.63 28.24 -17.39
C GLY E 153 -94.71 27.34 -16.58
N THR E 154 -94.21 27.86 -15.47
CA THR E 154 -93.31 27.10 -14.61
C THR E 154 -93.55 27.43 -13.14
N ALA E 155 -93.55 26.41 -12.29
CA ALA E 155 -93.78 26.59 -10.86
C ALA E 155 -93.14 25.46 -10.05
N ALA E 156 -92.11 25.79 -9.28
CA ALA E 156 -91.32 24.80 -8.55
C ALA E 156 -92.04 24.25 -7.32
N LEU E 157 -91.84 22.96 -7.05
CA LEU E 157 -92.39 22.30 -5.87
C LEU E 157 -91.27 21.66 -5.05
N GLY E 158 -91.54 21.31 -3.80
CA GLY E 158 -90.53 20.71 -2.96
C GLY E 158 -90.96 20.06 -1.66
N CYS E 159 -89.97 19.72 -0.83
CA CYS E 159 -90.17 19.09 0.47
C CYS E 159 -89.34 19.80 1.55
N LEU E 160 -89.93 19.99 2.73
CA LEU E 160 -89.24 20.65 3.83
C LEU E 160 -88.96 19.69 4.99
N VAL E 161 -87.68 19.48 5.27
CA VAL E 161 -87.25 18.64 6.38
C VAL E 161 -86.89 19.51 7.56
N LYS E 162 -87.49 19.24 8.72
CA LYS E 162 -87.24 20.06 9.90
C LYS E 162 -87.10 19.23 11.18
N ASP E 163 -86.56 19.87 12.21
CA ASP E 163 -86.41 19.28 13.53
C ASP E 163 -85.77 17.91 13.50
N TYR E 164 -84.47 17.87 13.22
CA TYR E 164 -83.74 16.61 13.25
C TYR E 164 -82.32 16.84 13.75
N PHE E 165 -81.65 15.73 14.07
CA PHE E 165 -80.27 15.78 14.53
C PHE E 165 -79.71 14.36 14.53
N PRO E 166 -78.47 14.20 14.04
CA PRO E 166 -77.61 15.26 13.49
C PRO E 166 -77.64 15.34 11.97
N GLU E 167 -76.88 16.30 11.43
CA GLU E 167 -76.60 16.40 10.01
C GLU E 167 -75.72 15.20 9.65
N PRO E 168 -75.86 14.64 8.43
CA PRO E 168 -76.71 15.03 7.31
C PRO E 168 -77.93 14.15 7.06
N VAL E 169 -78.88 14.68 6.30
CA VAL E 169 -80.04 13.92 5.88
C VAL E 169 -80.07 13.78 4.37
N THR E 170 -79.95 12.53 3.90
CA THR E 170 -79.98 12.26 2.47
C THR E 170 -81.42 12.30 1.96
N VAL E 171 -81.61 12.85 0.76
CA VAL E 171 -82.95 13.05 0.19
C VAL E 171 -83.02 12.77 -1.31
N SER E 172 -83.78 11.75 -1.70
CA SER E 172 -84.00 11.44 -3.11
C SER E 172 -85.40 11.86 -3.54
N TRP E 173 -85.74 11.61 -4.81
CA TRP E 173 -87.03 12.03 -5.35
C TRP E 173 -87.64 10.99 -6.29
N ASN E 174 -88.68 10.32 -5.80
CA ASN E 174 -89.40 9.30 -6.56
C ASN E 174 -88.46 8.25 -7.14
N SER E 175 -87.88 7.43 -6.27
CA SER E 175 -86.96 6.37 -6.65
C SER E 175 -85.75 6.90 -7.43
N GLY E 176 -85.44 8.17 -7.24
CA GLY E 176 -84.27 8.80 -7.84
C GLY E 176 -84.29 8.84 -9.36
N ALA E 177 -85.48 8.79 -9.95
CA ALA E 177 -85.61 8.81 -11.40
C ALA E 177 -85.34 10.20 -11.97
N LEU E 178 -85.96 11.22 -11.35
CA LEU E 178 -85.81 12.59 -11.81
C LEU E 178 -84.70 13.30 -11.04
N THR E 179 -83.76 13.91 -11.76
CA THR E 179 -82.62 14.56 -11.15
C THR E 179 -82.58 16.05 -11.51
N SER E 180 -83.23 16.39 -12.61
CA SER E 180 -83.24 17.77 -13.10
C SER E 180 -84.02 18.68 -12.15
N GLY E 181 -83.48 19.86 -11.92
CA GLY E 181 -84.14 20.86 -11.09
C GLY E 181 -84.00 20.59 -9.61
N VAL E 182 -83.44 19.45 -9.25
CA VAL E 182 -83.29 19.08 -7.85
C VAL E 182 -82.19 19.88 -7.17
N HIS E 183 -82.59 20.97 -6.52
CA HIS E 183 -81.66 21.77 -5.74
C HIS E 183 -81.88 21.50 -4.26
N THR E 184 -81.13 20.54 -3.71
CA THR E 184 -81.21 20.23 -2.30
C THR E 184 -80.33 21.20 -1.51
N PHE E 185 -80.97 22.20 -0.91
CA PHE E 185 -80.25 23.27 -0.22
C PHE E 185 -79.56 22.76 1.04
N PRO E 186 -78.43 23.37 1.40
CA PRO E 186 -77.73 23.03 2.64
C PRO E 186 -78.60 23.34 3.85
N ALA E 187 -78.50 22.52 4.90
CA ALA E 187 -79.34 22.66 6.07
C ALA E 187 -79.07 23.94 6.84
N VAL E 188 -79.96 24.28 7.77
CA VAL E 188 -79.81 25.47 8.59
C VAL E 188 -79.74 25.09 10.07
N LEU E 189 -78.86 25.75 10.82
CA LEU E 189 -78.80 25.57 12.26
C LEU E 189 -79.84 26.46 12.93
N GLN E 190 -80.44 25.95 14.00
CA GLN E 190 -81.40 26.72 14.77
C GLN E 190 -81.01 26.70 16.25
N SER E 191 -81.44 27.72 16.99
CA SER E 191 -81.23 27.74 18.43
C SER E 191 -82.04 26.62 19.10
N SER E 192 -82.87 25.96 18.29
CA SER E 192 -83.62 24.78 18.70
C SER E 192 -82.68 23.63 19.05
N GLY E 193 -81.43 23.74 18.61
CA GLY E 193 -80.44 22.68 18.81
C GLY E 193 -80.57 21.64 17.71
N LEU E 194 -81.33 21.98 16.67
CA LEU E 194 -81.61 21.05 15.58
C LEU E 194 -81.24 21.65 14.23
N TYR E 195 -81.54 20.91 13.16
CA TYR E 195 -81.32 21.39 11.80
C TYR E 195 -82.60 21.32 10.98
N SER E 196 -82.56 21.95 9.81
CA SER E 196 -83.66 21.88 8.85
C SER E 196 -83.15 22.11 7.45
N LEU E 197 -83.62 21.33 6.48
CA LEU E 197 -83.23 21.51 5.09
C LEU E 197 -84.44 21.38 4.17
N SER E 198 -84.33 21.95 2.97
CA SER E 198 -85.43 21.93 2.02
C SER E 198 -84.94 21.57 0.62
N SER E 199 -85.52 20.52 0.03
CA SER E 199 -85.20 20.12 -1.33
C SER E 199 -86.31 20.52 -2.28
N VAL E 200 -85.96 21.20 -3.36
CA VAL E 200 -86.95 21.73 -4.29
C VAL E 200 -86.70 21.27 -5.72
N VAL E 201 -87.77 21.15 -6.51
CA VAL E 201 -87.66 20.78 -7.92
C VAL E 201 -88.47 21.71 -8.79
N THR E 202 -87.87 22.19 -9.87
CA THR E 202 -88.56 23.08 -10.81
C THR E 202 -89.30 22.27 -11.88
N VAL E 203 -90.58 22.56 -12.05
CA VAL E 203 -91.47 21.77 -12.90
C VAL E 203 -92.41 22.70 -13.68
N PRO E 204 -92.69 22.39 -14.97
CA PRO E 204 -93.60 23.23 -15.76
C PRO E 204 -95.04 23.22 -15.26
N SER E 205 -95.84 24.16 -15.74
CA SER E 205 -97.25 24.24 -15.37
C SER E 205 -98.02 23.03 -15.87
N SER E 206 -97.63 22.53 -17.04
CA SER E 206 -98.28 21.36 -17.62
C SER E 206 -97.78 20.09 -16.95
N SER E 207 -98.32 19.80 -15.77
CA SER E 207 -97.91 18.63 -15.00
C SER E 207 -98.95 18.23 -13.96
N LEU E 208 -100.06 17.64 -14.43
CA LEU E 208 -101.10 17.16 -13.53
C LEU E 208 -100.78 15.75 -13.07
N GLY E 209 -100.67 14.83 -14.02
CA GLY E 209 -100.26 13.47 -13.75
C GLY E 209 -101.34 12.40 -13.91
N THR E 210 -101.79 11.81 -12.81
CA THR E 210 -101.34 12.17 -11.46
C THR E 210 -99.99 11.54 -11.10
N GLN E 211 -98.98 12.39 -11.01
CA GLN E 211 -97.62 11.95 -10.73
C GLN E 211 -97.35 11.96 -9.23
N THR E 212 -96.82 10.84 -8.73
CA THR E 212 -96.49 10.73 -7.31
C THR E 212 -95.17 11.42 -7.01
N TYR E 213 -95.18 12.75 -7.02
CA TYR E 213 -94.00 13.54 -6.71
C TYR E 213 -93.62 13.38 -5.24
N ILE E 214 -92.96 12.26 -4.93
CA ILE E 214 -92.57 11.95 -3.57
C ILE E 214 -91.09 12.28 -3.35
N CYS E 215 -90.76 12.72 -2.14
CA CYS E 215 -89.37 12.94 -1.76
C CYS E 215 -88.90 11.80 -0.85
N ASN E 216 -87.86 11.09 -1.29
CA ASN E 216 -87.35 9.95 -0.55
C ASN E 216 -86.31 10.37 0.51
N VAL E 217 -86.80 10.64 1.71
CA VAL E 217 -85.96 11.15 2.80
C VAL E 217 -85.42 10.01 3.66
N ASN E 218 -84.18 10.17 4.13
CA ASN E 218 -83.55 9.16 4.96
C ASN E 218 -82.65 9.77 6.03
N HIS E 219 -82.94 9.48 7.29
CA HIS E 219 -82.13 9.97 8.40
C HIS E 219 -81.69 8.82 9.29
N LYS E 220 -80.61 8.16 8.88
CA LYS E 220 -80.11 6.95 9.52
C LYS E 220 -79.85 7.03 11.04
N PRO E 221 -79.26 8.14 11.54
CA PRO E 221 -78.97 8.20 12.98
C PRO E 221 -80.18 7.90 13.88
N SER E 222 -81.33 8.47 13.55
CA SER E 222 -82.54 8.22 14.32
C SER E 222 -83.21 6.92 13.89
N ASN E 223 -82.67 6.31 12.84
CA ASN E 223 -83.25 5.13 12.21
C ASN E 223 -84.69 5.40 11.79
N THR E 224 -84.86 6.45 10.99
CA THR E 224 -86.18 6.89 10.57
C THR E 224 -86.26 7.01 9.05
N LYS E 225 -87.35 6.49 8.48
CA LYS E 225 -87.58 6.59 7.05
C LYS E 225 -88.93 7.25 6.78
N VAL E 226 -88.90 8.53 6.48
CA VAL E 226 -90.12 9.28 6.21
C VAL E 226 -90.33 9.45 4.71
N ASP E 227 -91.59 9.43 4.28
CA ASP E 227 -91.93 9.58 2.87
C ASP E 227 -93.21 10.40 2.70
N LYS E 228 -93.10 11.55 2.04
CA LYS E 228 -94.24 12.46 1.90
C LYS E 228 -94.54 12.81 0.45
N ARG E 229 -95.83 12.87 0.12
CA ARG E 229 -96.30 13.18 -1.22
C ARG E 229 -96.58 14.68 -1.36
N VAL E 230 -96.09 15.30 -2.43
CA VAL E 230 -96.27 16.73 -2.63
C VAL E 230 -97.47 17.03 -3.53
N GLU E 231 -98.34 17.92 -3.06
CA GLU E 231 -99.58 18.26 -3.75
C GLU E 231 -99.81 19.77 -3.75
N PRO E 232 -100.71 20.27 -4.61
CA PRO E 232 -100.97 21.72 -4.64
C PRO E 232 -101.68 22.23 -3.39
N ALA F 1 -55.32 32.93 7.59
CA ALA F 1 -54.20 32.90 6.67
C ALA F 1 -54.65 33.27 5.25
N PRO F 2 -53.75 33.82 4.43
CA PRO F 2 -54.10 34.20 3.05
C PRO F 2 -54.17 33.00 2.12
N THR F 3 -55.35 32.76 1.54
CA THR F 3 -55.53 31.65 0.61
C THR F 3 -56.47 32.02 -0.55
N PHE F 4 -56.05 32.99 -1.35
CA PHE F 4 -56.82 33.41 -2.52
C PHE F 4 -55.93 33.98 -3.62
N VAL F 5 -56.35 33.80 -4.87
CA VAL F 5 -55.63 34.36 -6.01
C VAL F 5 -56.56 34.49 -7.22
N SER F 6 -56.53 35.65 -7.86
CA SER F 6 -57.43 35.95 -8.98
C SER F 6 -56.72 35.86 -10.32
N VAL F 7 -57.24 35.02 -11.22
CA VAL F 7 -56.65 34.81 -12.55
C VAL F 7 -57.72 34.70 -13.63
N ALA F 8 -57.54 35.41 -14.73
CA ALA F 8 -58.49 35.43 -15.84
C ALA F 8 -58.57 34.08 -16.56
N PRO F 9 -59.75 33.75 -17.12
CA PRO F 9 -59.91 32.47 -17.82
C PRO F 9 -59.10 32.41 -19.11
N GLY F 10 -57.97 31.72 -19.06
CA GLY F 10 -57.08 31.65 -20.20
C GLY F 10 -55.65 31.93 -19.77
N GLN F 11 -55.50 32.63 -18.65
CA GLN F 11 -54.19 32.91 -18.09
C GLN F 11 -53.76 31.78 -17.15
N THR F 12 -52.57 31.91 -16.58
CA THR F 12 -51.98 30.85 -15.77
C THR F 12 -51.97 31.22 -14.29
N ALA F 13 -52.22 30.23 -13.43
CA ALA F 13 -52.24 30.45 -11.99
C ALA F 13 -51.18 29.62 -11.27
N ARG F 14 -50.49 30.24 -10.33
CA ARG F 14 -49.49 29.57 -9.51
C ARG F 14 -49.87 29.65 -8.04
N ILE F 15 -50.14 28.51 -7.40
CA ILE F 15 -50.56 28.50 -6.01
C ILE F 15 -49.54 27.81 -5.12
N THR F 16 -49.37 28.34 -3.91
CA THR F 16 -48.31 27.91 -3.02
C THR F 16 -48.81 27.35 -1.69
N CYS F 17 -48.10 26.36 -1.16
CA CYS F 17 -48.45 25.73 0.10
C CYS F 17 -47.22 25.43 0.95
N GLY F 18 -47.42 25.31 2.26
CA GLY F 18 -46.38 24.90 3.19
C GLY F 18 -45.23 25.87 3.37
N GLU F 19 -44.35 25.55 4.32
CA GLU F 19 -43.17 26.37 4.58
C GLU F 19 -42.11 26.11 3.51
N GLU F 20 -41.07 26.95 3.49
CA GLU F 20 -39.97 26.77 2.56
C GLU F 20 -39.22 25.49 2.84
N SER F 21 -38.71 24.86 1.78
CA SER F 21 -38.05 23.57 1.90
C SER F 21 -36.71 23.69 2.59
N LEU F 22 -36.30 22.61 3.25
CA LEU F 22 -34.95 22.52 3.78
C LEU F 22 -34.14 21.53 2.95
N GLY F 23 -34.69 20.34 2.77
CA GLY F 23 -34.05 19.32 1.96
C GLY F 23 -34.87 19.01 0.73
N SER F 24 -34.55 17.91 0.07
CA SER F 24 -35.34 17.43 -1.07
C SER F 24 -36.69 16.96 -0.56
N ARG F 25 -37.76 17.42 -1.20
CA ARG F 25 -39.07 17.00 -0.78
C ARG F 25 -39.81 16.20 -1.84
N SER F 26 -40.81 15.45 -1.41
CA SER F 26 -41.73 14.75 -2.30
C SER F 26 -43.11 15.32 -2.09
N VAL F 27 -43.38 16.44 -2.74
CA VAL F 27 -44.61 17.19 -2.50
C VAL F 27 -45.79 16.60 -3.26
N ILE F 28 -46.84 16.24 -2.52
CA ILE F 28 -48.04 15.68 -3.10
C ILE F 28 -49.16 16.70 -3.05
N TRP F 29 -49.83 16.90 -4.18
CA TRP F 29 -50.91 17.87 -4.27
C TRP F 29 -52.27 17.21 -4.42
N TYR F 30 -53.26 17.75 -3.70
CA TYR F 30 -54.63 17.26 -3.79
C TYR F 30 -55.59 18.39 -4.17
N GLN F 31 -56.80 18.01 -4.58
CA GLN F 31 -57.84 18.97 -4.90
C GLN F 31 -59.19 18.50 -4.38
N GLN F 32 -59.88 19.35 -3.64
CA GLN F 32 -61.19 18.99 -3.10
C GLN F 32 -62.25 19.95 -3.56
N ARG F 33 -63.46 19.42 -3.74
CA ARG F 33 -64.62 20.20 -4.12
C ARG F 33 -65.70 19.99 -3.07
N PRO F 34 -66.71 20.87 -3.02
CA PRO F 34 -67.80 20.69 -2.06
C PRO F 34 -68.45 19.31 -2.13
N GLY F 35 -68.71 18.72 -0.97
CA GLY F 35 -69.28 17.38 -0.91
C GLY F 35 -68.23 16.30 -1.11
N GLN F 36 -67.62 16.30 -2.29
CA GLN F 36 -66.63 15.30 -2.66
C GLN F 36 -65.41 15.30 -1.74
N ALA F 37 -64.75 14.16 -1.66
CA ALA F 37 -63.51 14.01 -0.93
C ALA F 37 -62.36 14.60 -1.75
N PRO F 38 -61.24 14.94 -1.10
CA PRO F 38 -60.09 15.44 -1.85
C PRO F 38 -59.54 14.40 -2.83
N SER F 39 -59.18 14.83 -4.04
CA SER F 39 -58.67 13.93 -5.07
C SER F 39 -57.20 14.22 -5.34
N LEU F 40 -56.46 13.19 -5.77
CA LEU F 40 -55.05 13.35 -6.08
C LEU F 40 -54.85 14.03 -7.43
N ILE F 41 -53.93 14.98 -7.48
CA ILE F 41 -53.61 15.66 -8.72
C ILE F 41 -52.17 15.39 -9.14
N ILE F 42 -51.24 15.55 -8.20
CA ILE F 42 -49.84 15.32 -8.47
C ILE F 42 -49.14 14.63 -7.29
N TYR F 43 -48.18 13.77 -7.61
CA TYR F 43 -47.37 13.11 -6.61
C TYR F 43 -45.91 13.21 -7.03
N ASN F 44 -44.99 13.09 -6.07
CA ASN F 44 -43.57 13.24 -6.33
C ASN F 44 -43.27 14.55 -7.07
N ASN F 45 -43.88 15.62 -6.56
CA ASN F 45 -43.71 16.98 -7.09
C ASN F 45 -44.34 17.25 -8.46
N ASN F 46 -44.11 16.38 -9.44
CA ASN F 46 -44.63 16.64 -10.78
C ASN F 46 -45.15 15.42 -11.53
N ASP F 47 -45.34 14.31 -10.82
CA ASP F 47 -45.90 13.11 -11.42
C ASP F 47 -47.39 13.05 -11.14
N ARG F 48 -48.20 12.67 -12.14
CA ARG F 48 -49.65 12.70 -12.01
C ARG F 48 -50.31 11.38 -12.37
N PRO F 49 -51.38 11.01 -11.64
CA PRO F 49 -52.15 9.79 -11.88
C PRO F 49 -52.96 9.81 -13.18
N SER F 50 -53.87 8.85 -13.31
CA SER F 50 -54.64 8.69 -14.54
C SER F 50 -55.87 9.60 -14.57
N GLY F 51 -55.84 10.57 -15.47
CA GLY F 51 -56.98 11.44 -15.70
C GLY F 51 -56.69 12.92 -15.55
N ILE F 52 -55.45 13.26 -15.25
CA ILE F 52 -55.05 14.64 -15.01
C ILE F 52 -54.15 15.14 -16.14
N PRO F 53 -54.47 16.30 -16.72
CA PRO F 53 -53.75 16.81 -17.89
C PRO F 53 -52.36 17.35 -17.58
N ASP F 54 -51.67 17.80 -18.64
CA ASP F 54 -50.28 18.25 -18.54
C ASP F 54 -50.18 19.68 -18.03
N ARG F 55 -51.30 20.37 -17.96
CA ARG F 55 -51.32 21.77 -17.51
C ARG F 55 -50.89 21.91 -16.06
N PHE F 56 -51.01 20.83 -15.31
CA PHE F 56 -50.72 20.84 -13.88
C PHE F 56 -49.23 20.64 -13.60
N SER F 57 -48.53 21.75 -13.42
CA SER F 57 -47.09 21.73 -13.17
C SER F 57 -46.82 21.91 -11.69
N GLY F 58 -45.64 21.49 -11.24
CA GLY F 58 -45.29 21.59 -9.83
C GLY F 58 -43.83 21.87 -9.61
N SER F 59 -43.53 22.54 -8.49
CA SER F 59 -42.15 22.82 -8.09
C SER F 59 -41.35 21.55 -7.96
N PRO F 60 -40.09 21.55 -8.44
CA PRO F 60 -39.23 20.39 -8.30
C PRO F 60 -38.78 20.22 -6.85
N GLY F 61 -38.66 18.97 -6.39
CA GLY F 61 -38.25 18.72 -5.02
C GLY F 61 -36.81 19.14 -4.77
N SER F 62 -36.10 19.44 -5.86
CA SER F 62 -34.66 19.69 -5.83
C SER F 62 -34.25 21.02 -5.21
N THR F 63 -35.18 21.95 -5.08
CA THR F 63 -34.83 23.30 -4.61
C THR F 63 -34.91 23.45 -3.08
N PHE F 64 -34.12 24.38 -2.55
CA PHE F 64 -34.01 24.58 -1.11
C PHE F 64 -34.26 26.02 -0.69
N GLY F 65 -35.01 26.20 0.40
CA GLY F 65 -35.43 27.52 0.83
C GLY F 65 -36.41 28.06 -0.19
N THR F 66 -37.38 27.23 -0.55
CA THR F 66 -38.30 27.52 -1.64
C THR F 66 -39.69 27.00 -1.34
N THR F 67 -40.70 27.82 -1.65
CA THR F 67 -42.09 27.41 -1.45
C THR F 67 -42.61 26.58 -2.61
N ALA F 68 -43.46 25.61 -2.29
CA ALA F 68 -43.99 24.69 -3.29
C ALA F 68 -45.11 25.33 -4.10
N THR F 69 -44.82 25.64 -5.35
CA THR F 69 -45.79 26.32 -6.19
C THR F 69 -46.43 25.37 -7.21
N LEU F 70 -47.73 25.15 -7.07
CA LEU F 70 -48.49 24.40 -8.08
C LEU F 70 -48.96 25.36 -9.15
N THR F 71 -48.50 25.12 -10.38
CA THR F 71 -48.83 26.01 -11.50
C THR F 71 -49.77 25.31 -12.46
N ILE F 72 -50.93 25.92 -12.69
CA ILE F 72 -51.91 25.38 -13.62
C ILE F 72 -52.13 26.34 -14.79
N THR F 73 -51.60 25.97 -15.94
CA THR F 73 -51.68 26.80 -17.13
C THR F 73 -53.09 26.80 -17.70
N SER F 74 -53.44 27.91 -18.35
CA SER F 74 -54.74 28.07 -19.02
C SER F 74 -55.87 27.63 -18.11
N VAL F 75 -56.11 28.39 -17.05
CA VAL F 75 -57.03 27.99 -16.00
C VAL F 75 -58.45 27.78 -16.52
N GLU F 76 -59.02 26.64 -16.16
CA GLU F 76 -60.37 26.25 -16.54
C GLU F 76 -61.36 26.66 -15.45
N ALA F 77 -62.60 26.97 -15.84
CA ALA F 77 -63.64 27.34 -14.89
C ALA F 77 -63.86 26.27 -13.82
N GLY F 78 -64.02 25.03 -14.27
CA GLY F 78 -64.28 23.92 -13.37
C GLY F 78 -63.10 23.50 -12.51
N ASP F 79 -62.06 24.33 -12.49
CA ASP F 79 -60.86 24.04 -11.70
C ASP F 79 -60.84 24.88 -10.41
N GLU F 80 -61.85 25.71 -10.21
CA GLU F 80 -61.99 26.48 -8.98
C GLU F 80 -62.24 25.56 -7.79
N ALA F 81 -61.23 25.39 -6.94
CA ALA F 81 -61.36 24.45 -5.83
C ALA F 81 -60.36 24.69 -4.71
N ASP F 82 -60.50 23.90 -3.64
CA ASP F 82 -59.56 23.90 -2.54
C ASP F 82 -58.39 22.98 -2.86
N TYR F 83 -57.17 23.46 -2.62
CA TYR F 83 -55.97 22.70 -2.95
C TYR F 83 -55.06 22.43 -1.76
N TYR F 84 -55.49 21.54 -0.87
CA TYR F 84 -54.68 21.16 0.29
C TYR F 84 -53.54 20.22 -0.15
N CYS F 85 -52.31 20.53 0.24
CA CYS F 85 -51.16 19.75 -0.18
C CYS F 85 -50.46 19.05 0.99
N HIS F 86 -49.69 18.02 0.67
CA HIS F 86 -49.04 17.17 1.68
C HIS F 86 -47.54 17.06 1.40
N ILE F 87 -46.73 17.73 2.22
CA ILE F 87 -45.29 17.82 1.99
C ILE F 87 -44.49 16.73 2.69
N TRP F 88 -43.58 16.10 1.95
CA TRP F 88 -42.66 15.11 2.52
C TRP F 88 -41.23 15.60 2.39
N ASP F 89 -40.67 16.17 3.46
CA ASP F 89 -39.32 16.73 3.41
C ASP F 89 -38.27 15.81 3.99
N SER F 90 -37.02 15.97 3.53
CA SER F 90 -35.91 15.16 4.01
C SER F 90 -35.48 15.59 5.41
N ARG F 91 -35.67 16.86 5.71
CA ARG F 91 -35.11 17.44 6.93
C ARG F 91 -36.15 17.82 7.98
N ARG F 92 -37.38 17.38 7.80
CA ARG F 92 -38.43 17.60 8.79
C ARG F 92 -39.26 16.34 8.96
N PRO F 93 -39.67 16.04 10.21
CA PRO F 93 -40.42 14.82 10.51
C PRO F 93 -41.76 14.77 9.78
N THR F 94 -42.24 13.54 9.56
CA THR F 94 -43.47 13.28 8.82
C THR F 94 -44.66 14.12 9.28
N ASN F 95 -45.24 14.87 8.35
CA ASN F 95 -46.43 15.70 8.63
C ASN F 95 -47.71 14.86 8.58
N TRP F 96 -48.56 15.01 9.57
CA TRP F 96 -49.78 14.19 9.65
C TRP F 96 -51.07 14.95 9.37
N VAL F 97 -50.94 16.21 8.92
CA VAL F 97 -52.08 16.95 8.38
C VAL F 97 -51.63 17.65 7.10
N PHE F 98 -52.56 18.14 6.30
CA PHE F 98 -52.20 18.78 5.04
C PHE F 98 -51.96 20.28 5.21
N GLY F 99 -51.50 20.92 4.14
CA GLY F 99 -51.18 22.34 4.17
C GLY F 99 -52.35 23.22 3.76
N GLU F 100 -52.21 24.53 3.96
CA GLU F 100 -53.28 25.45 3.59
C GLU F 100 -53.27 25.66 2.08
N GLY F 101 -54.44 25.52 1.47
CA GLY F 101 -54.55 25.58 0.03
C GLY F 101 -55.04 26.93 -0.44
N THR F 102 -54.27 27.55 -1.32
CA THR F 102 -54.70 28.78 -1.96
C THR F 102 -55.93 28.48 -2.79
N THR F 103 -57.10 28.90 -2.30
CA THR F 103 -58.34 28.67 -3.03
C THR F 103 -58.30 29.41 -4.36
N LEU F 104 -58.82 28.78 -5.39
CA LEU F 104 -58.72 29.31 -6.75
C LEU F 104 -60.02 29.95 -7.21
N ILE F 105 -59.91 31.08 -7.91
CA ILE F 105 -61.08 31.74 -8.49
C ILE F 105 -60.81 32.27 -9.89
N VAL F 106 -61.87 32.70 -10.56
CA VAL F 106 -61.80 33.25 -11.92
C VAL F 106 -62.46 34.64 -11.96
N LEU F 107 -61.93 35.54 -12.78
CA LEU F 107 -62.44 36.90 -12.89
C LEU F 107 -63.91 36.97 -13.33
N SER F 108 -64.18 36.54 -14.56
CA SER F 108 -65.52 36.67 -15.13
C SER F 108 -66.44 35.50 -14.78
N GLN F 109 -67.42 35.81 -13.94
CA GLN F 109 -68.47 34.85 -13.59
C GLN F 109 -69.30 34.38 -14.80
N PRO F 110 -69.74 35.32 -15.67
CA PRO F 110 -69.64 36.79 -15.72
C PRO F 110 -70.50 37.47 -14.66
N LYS F 111 -71.79 37.14 -14.64
CA LYS F 111 -72.72 37.62 -13.61
C LYS F 111 -73.84 36.59 -13.43
N ALA F 112 -74.59 36.71 -12.34
CA ALA F 112 -75.69 35.78 -12.08
C ALA F 112 -76.70 36.34 -11.08
N ALA F 113 -77.95 36.48 -11.52
CA ALA F 113 -79.03 36.91 -10.66
C ALA F 113 -79.54 35.73 -9.83
N PRO F 114 -80.09 36.00 -8.63
CA PRO F 114 -80.58 34.92 -7.77
C PRO F 114 -81.91 34.34 -8.23
N SER F 115 -82.17 33.10 -7.82
CA SER F 115 -83.45 32.43 -8.11
C SER F 115 -84.32 32.41 -6.86
N VAL F 116 -84.95 33.55 -6.58
CA VAL F 116 -85.78 33.71 -5.39
C VAL F 116 -87.04 32.84 -5.42
N THR F 117 -87.24 32.05 -4.38
CA THR F 117 -88.39 31.15 -4.29
C THR F 117 -88.98 31.14 -2.89
N LEU F 118 -90.23 31.58 -2.76
CA LEU F 118 -90.83 31.77 -1.45
C LEU F 118 -92.11 30.94 -1.26
N PHE F 119 -92.12 30.07 -0.25
CA PHE F 119 -93.24 29.17 0.00
C PHE F 119 -93.95 29.45 1.33
N PRO F 120 -95.29 29.32 1.34
CA PRO F 120 -96.13 29.51 2.52
C PRO F 120 -96.14 28.26 3.40
N PRO F 121 -96.68 28.36 4.63
CA PRO F 121 -96.73 27.17 5.47
C PRO F 121 -97.64 26.11 4.90
N SER F 122 -97.20 24.85 4.92
CA SER F 122 -98.00 23.76 4.37
C SER F 122 -99.29 23.56 5.16
N SER F 123 -100.30 23.03 4.51
CA SER F 123 -101.59 22.79 5.14
C SER F 123 -101.47 21.80 6.30
N GLU F 124 -100.49 20.91 6.20
CA GLU F 124 -100.28 19.89 7.23
C GLU F 124 -99.64 20.47 8.48
N GLU F 125 -98.66 21.34 8.30
CA GLU F 125 -97.93 21.92 9.43
C GLU F 125 -98.83 22.80 10.28
N LEU F 126 -99.81 23.43 9.64
CA LEU F 126 -100.72 24.34 10.32
C LEU F 126 -101.66 23.59 11.27
N GLN F 127 -101.75 22.28 11.10
CA GLN F 127 -102.58 21.46 11.98
C GLN F 127 -101.92 21.30 13.34
N ALA F 128 -100.59 21.34 13.36
CA ALA F 128 -99.84 21.28 14.60
C ALA F 128 -99.58 22.68 15.14
N ASN F 129 -100.51 23.59 14.85
CA ASN F 129 -100.43 25.02 15.13
C ASN F 129 -98.99 25.56 15.13
N LYS F 130 -98.29 25.29 14.05
CA LYS F 130 -96.94 25.79 13.83
C LYS F 130 -96.80 26.17 12.37
N ALA F 131 -95.94 27.14 12.06
CA ALA F 131 -95.79 27.61 10.69
C ALA F 131 -94.35 28.07 10.39
N THR F 132 -93.89 27.78 9.18
CA THR F 132 -92.54 28.17 8.78
C THR F 132 -92.46 28.45 7.29
N LEU F 133 -92.11 29.70 6.95
CA LEU F 133 -91.91 30.09 5.56
C LEU F 133 -90.52 29.64 5.09
N VAL F 134 -90.36 29.48 3.78
CA VAL F 134 -89.08 29.06 3.22
C VAL F 134 -88.67 29.88 2.01
N CYS F 135 -87.63 30.69 2.17
CA CYS F 135 -87.10 31.50 1.09
C CYS F 135 -85.88 30.83 0.45
N LEU F 136 -86.12 30.07 -0.61
CA LEU F 136 -85.06 29.32 -1.28
C LEU F 136 -84.41 30.16 -2.36
N ILE F 137 -83.24 30.71 -2.06
CA ILE F 137 -82.54 31.60 -2.99
C ILE F 137 -81.19 30.98 -3.37
N SER F 138 -80.83 31.05 -4.65
CA SER F 138 -79.62 30.38 -5.11
C SER F 138 -79.12 30.83 -6.47
N ASP F 139 -77.94 30.32 -6.83
CA ASP F 139 -77.28 30.60 -8.11
C ASP F 139 -76.96 32.08 -8.27
N PHE F 140 -76.15 32.59 -7.35
CA PHE F 140 -75.75 33.99 -7.36
C PHE F 140 -74.24 34.13 -7.18
N TYR F 141 -73.71 35.28 -7.56
CA TYR F 141 -72.28 35.54 -7.42
C TYR F 141 -72.01 37.05 -7.41
N PRO F 142 -71.19 37.52 -6.46
CA PRO F 142 -70.49 36.74 -5.43
C PRO F 142 -71.43 36.18 -4.36
N GLY F 143 -71.00 35.11 -3.69
CA GLY F 143 -71.79 34.46 -2.65
C GLY F 143 -71.97 35.27 -1.40
N ALA F 144 -72.66 36.40 -1.54
CA ALA F 144 -72.99 37.26 -0.41
C ALA F 144 -74.29 37.97 -0.72
N VAL F 145 -75.27 37.82 0.18
CA VAL F 145 -76.59 38.40 -0.05
C VAL F 145 -77.31 38.70 1.25
N THR F 146 -77.64 39.97 1.45
CA THR F 146 -78.39 40.38 2.61
C THR F 146 -79.85 39.98 2.45
N VAL F 147 -80.48 39.60 3.57
CA VAL F 147 -81.86 39.14 3.55
C VAL F 147 -82.71 39.95 4.52
N ALA F 148 -83.93 40.30 4.11
CA ALA F 148 -84.82 41.10 4.94
C ALA F 148 -86.30 40.79 4.69
N TRP F 149 -86.95 40.20 5.69
CA TRP F 149 -88.38 39.89 5.61
C TRP F 149 -89.22 41.12 6.01
N LYS F 150 -90.49 41.12 5.61
CA LYS F 150 -91.42 42.18 5.98
C LYS F 150 -92.82 41.63 6.26
N ALA F 151 -93.33 41.89 7.45
CA ALA F 151 -94.62 41.38 7.88
C ALA F 151 -95.75 42.01 7.06
N ASP F 152 -95.64 43.32 6.86
CA ASP F 152 -96.54 44.13 6.04
C ASP F 152 -95.92 45.52 5.99
N SER F 153 -94.91 45.67 5.14
CA SER F 153 -93.99 46.82 5.16
C SER F 153 -93.17 46.79 6.46
N SER F 154 -93.86 46.65 7.59
CA SER F 154 -93.22 46.49 8.90
C SER F 154 -92.22 45.33 8.91
N PRO F 155 -90.94 45.62 9.22
CA PRO F 155 -89.90 44.59 9.30
C PRO F 155 -90.16 43.59 10.43
N VAL F 156 -89.73 42.35 10.22
CA VAL F 156 -89.95 41.28 11.20
C VAL F 156 -88.70 41.09 12.04
N LYS F 157 -88.84 41.23 13.36
CA LYS F 157 -87.66 41.24 14.23
C LYS F 157 -87.02 39.86 14.43
N ALA F 158 -87.80 38.87 14.86
CA ALA F 158 -87.22 37.58 15.23
C ALA F 158 -87.94 36.40 14.58
N GLY F 159 -87.24 35.27 14.52
CA GLY F 159 -87.79 34.06 13.95
C GLY F 159 -87.25 33.81 12.55
N VAL F 160 -86.09 34.40 12.24
CA VAL F 160 -85.52 34.30 10.91
C VAL F 160 -84.13 33.64 10.92
N GLU F 161 -84.10 32.32 11.12
CA GLU F 161 -82.86 31.57 11.09
C GLU F 161 -82.43 31.31 9.64
N THR F 162 -81.33 31.97 9.23
CA THR F 162 -80.86 31.86 7.86
C THR F 162 -79.50 31.17 7.76
N THR F 163 -78.96 31.08 6.55
CA THR F 163 -77.68 30.42 6.31
C THR F 163 -76.67 31.29 5.57
N THR F 164 -75.39 31.04 5.83
CA THR F 164 -74.32 31.64 5.03
C THR F 164 -74.17 30.84 3.73
N PRO F 165 -73.83 31.53 2.63
CA PRO F 165 -73.75 30.90 1.31
C PRO F 165 -72.80 29.70 1.25
N SER F 166 -73.11 28.75 0.38
CA SER F 166 -72.33 27.53 0.24
C SER F 166 -72.06 27.24 -1.23
N LYS F 167 -70.85 26.79 -1.54
CA LYS F 167 -70.44 26.55 -2.92
C LYS F 167 -71.10 25.30 -3.49
N GLN F 168 -71.42 25.34 -4.79
CA GLN F 168 -71.98 24.18 -5.48
C GLN F 168 -71.02 23.65 -6.53
N SER F 169 -71.55 22.88 -7.47
CA SER F 169 -70.76 22.40 -8.61
C SER F 169 -70.49 23.57 -9.54
N ASN F 170 -71.55 24.24 -9.97
CA ASN F 170 -71.39 25.51 -10.66
C ASN F 170 -70.82 26.50 -9.66
N ASN F 171 -70.03 27.44 -10.14
CA ASN F 171 -69.28 28.33 -9.26
C ASN F 171 -70.18 29.21 -8.39
N LYS F 172 -71.45 29.32 -8.77
CA LYS F 172 -72.42 30.10 -8.02
C LYS F 172 -72.66 29.51 -6.64
N TYR F 173 -73.25 30.30 -5.76
CA TYR F 173 -73.47 29.87 -4.39
C TYR F 173 -74.95 29.74 -4.09
N ALA F 174 -75.26 29.17 -2.93
CA ALA F 174 -76.63 28.96 -2.51
C ALA F 174 -76.78 29.13 -1.00
N ALA F 175 -77.88 29.79 -0.62
CA ALA F 175 -78.21 29.96 0.79
C ALA F 175 -79.73 29.80 0.98
N SER F 176 -80.20 30.01 2.20
CA SER F 176 -81.63 29.87 2.48
C SER F 176 -82.02 30.52 3.80
N SER F 177 -83.20 31.14 3.82
CA SER F 177 -83.71 31.78 5.04
C SER F 177 -85.05 31.14 5.43
N TYR F 178 -85.28 31.06 6.74
CA TYR F 178 -86.48 30.42 7.27
C TYR F 178 -87.19 31.32 8.28
N LEU F 179 -88.37 31.83 7.93
CA LEU F 179 -89.16 32.61 8.89
C LEU F 179 -90.21 31.73 9.56
N SER F 180 -90.06 31.56 10.88
CA SER F 180 -90.96 30.70 11.65
C SER F 180 -92.07 31.51 12.33
N LEU F 181 -93.30 31.05 12.17
CA LEU F 181 -94.46 31.73 12.74
C LEU F 181 -95.45 30.75 13.34
N THR F 182 -96.65 31.25 13.64
CA THR F 182 -97.78 30.42 14.05
C THR F 182 -98.99 30.89 13.25
N PRO F 183 -99.90 29.96 12.91
CA PRO F 183 -101.10 30.21 12.12
C PRO F 183 -101.77 31.57 12.35
N GLU F 184 -102.03 31.92 13.60
CA GLU F 184 -102.72 33.16 13.92
C GLU F 184 -101.88 34.40 13.62
N GLN F 185 -100.56 34.23 13.63
CA GLN F 185 -99.67 35.29 13.17
C GLN F 185 -99.71 35.35 11.66
N TRP F 186 -99.65 34.18 11.04
CA TRP F 186 -99.61 34.03 9.60
C TRP F 186 -100.87 34.54 8.90
N LYS F 187 -102.03 34.04 9.33
CA LYS F 187 -103.29 34.37 8.69
C LYS F 187 -103.78 35.78 9.00
N SER F 188 -103.21 36.39 10.04
CA SER F 188 -103.59 37.75 10.42
C SER F 188 -103.13 38.76 9.39
N HIS F 189 -101.80 38.81 9.18
CA HIS F 189 -101.23 39.70 8.18
C HIS F 189 -101.70 39.30 6.79
N LYS F 190 -101.92 40.29 5.93
CA LYS F 190 -102.45 40.02 4.60
C LYS F 190 -101.39 39.43 3.69
N SER F 191 -100.15 39.88 3.85
CA SER F 191 -99.05 39.41 3.01
C SER F 191 -97.76 39.27 3.81
N TYR F 192 -96.83 38.49 3.29
CA TYR F 192 -95.48 38.40 3.84
C TYR F 192 -94.50 38.43 2.65
N SER F 193 -93.30 38.94 2.87
CA SER F 193 -92.36 39.10 1.76
C SER F 193 -90.90 38.85 2.14
N CYS F 194 -90.16 38.25 1.22
CA CYS F 194 -88.73 37.99 1.38
C CYS F 194 -87.93 38.82 0.39
N GLN F 195 -87.08 39.69 0.90
CA GLN F 195 -86.28 40.58 0.06
C GLN F 195 -84.80 40.20 0.05
N VAL F 196 -84.34 39.69 -1.09
CA VAL F 196 -82.94 39.33 -1.25
C VAL F 196 -82.18 40.49 -1.90
N THR F 197 -81.04 40.85 -1.31
CA THR F 197 -80.25 41.97 -1.79
C THR F 197 -78.88 41.52 -2.26
N HIS F 198 -78.59 41.77 -3.53
CA HIS F 198 -77.37 41.26 -4.16
C HIS F 198 -76.71 42.34 -5.01
N GLU F 199 -75.55 42.82 -4.56
CA GLU F 199 -74.77 43.86 -5.26
C GLU F 199 -75.50 45.19 -5.35
N GLY F 200 -76.09 45.60 -4.23
CA GLY F 200 -76.90 46.81 -4.21
C GLY F 200 -78.09 46.72 -5.13
N SER F 201 -78.72 45.55 -5.15
CA SER F 201 -79.81 45.28 -6.09
C SER F 201 -80.83 44.33 -5.47
N THR F 202 -81.89 44.90 -4.91
CA THR F 202 -82.89 44.14 -4.19
C THR F 202 -83.88 43.42 -5.10
N VAL F 203 -84.08 42.14 -4.82
CA VAL F 203 -85.12 41.34 -5.45
C VAL F 203 -86.04 40.80 -4.36
N GLU F 204 -87.34 40.67 -4.64
CA GLU F 204 -88.26 40.16 -3.65
C GLU F 204 -89.42 39.37 -4.26
N LYS F 205 -89.90 38.39 -3.50
CA LYS F 205 -91.09 37.62 -3.86
C LYS F 205 -92.09 37.75 -2.72
N THR F 206 -93.36 37.51 -3.01
CA THR F 206 -94.42 37.73 -2.03
C THR F 206 -95.39 36.56 -1.94
N VAL F 207 -95.79 36.23 -0.71
CA VAL F 207 -96.75 35.16 -0.46
C VAL F 207 -97.75 35.63 0.59
N ALA F 208 -98.92 34.99 0.65
CA ALA F 208 -100.01 35.48 1.49
C ALA F 208 -100.98 34.38 1.91
N PRO F 209 -101.65 34.57 3.05
CA PRO F 209 -102.71 33.62 3.45
C PRO F 209 -103.97 33.80 2.61
N THR F 210 -104.68 32.70 2.37
CA THR F 210 -105.87 32.74 1.53
C THR F 210 -107.04 33.41 2.26
N GLN G 116 20.14 6.53 32.31
CA GLN G 116 19.51 5.29 31.89
C GLN G 116 18.00 5.44 31.86
N VAL G 117 17.34 4.59 31.06
CA VAL G 117 15.88 4.56 31.04
C VAL G 117 15.37 3.56 32.07
N GLN G 118 14.11 3.71 32.45
CA GLN G 118 13.47 2.76 33.37
C GLN G 118 11.96 2.77 33.18
N LEU G 119 11.35 1.61 33.40
CA LEU G 119 9.92 1.44 33.21
C LEU G 119 9.22 1.00 34.49
N VAL G 120 8.83 1.95 35.33
CA VAL G 120 8.15 1.64 36.58
C VAL G 120 6.73 1.17 36.26
N GLN G 121 6.22 0.21 37.04
CA GLN G 121 4.94 -0.42 36.72
C GLN G 121 3.94 -0.45 37.88
N SER G 122 2.73 -0.92 37.56
CA SER G 122 1.62 -0.98 38.51
C SER G 122 1.75 -2.15 39.47
N GLY G 123 0.92 -2.16 40.51
CA GLY G 123 0.85 -3.27 41.43
C GLY G 123 0.00 -4.39 40.84
N GLY G 124 0.38 -5.63 41.12
CA GLY G 124 -0.31 -6.78 40.58
C GLY G 124 -1.60 -7.10 41.32
N GLN G 125 -2.72 -6.94 40.63
CA GLN G 125 -4.02 -7.14 41.24
C GLN G 125 -4.39 -8.63 41.32
N MET G 126 -5.40 -8.93 42.14
CA MET G 126 -5.90 -10.29 42.30
C MET G 126 -7.23 -10.42 41.58
N LYS G 127 -7.33 -11.38 40.65
CA LYS G 127 -8.51 -11.49 39.81
C LYS G 127 -9.11 -12.90 39.75
N LYS G 128 -10.28 -12.99 39.12
CA LYS G 128 -11.02 -14.24 38.98
C LYS G 128 -11.32 -14.45 37.50
N PRO G 129 -11.38 -15.72 37.04
CA PRO G 129 -11.73 -15.99 35.63
C PRO G 129 -13.05 -15.36 35.19
N GLY G 130 -13.14 -15.06 33.90
CA GLY G 130 -14.32 -14.44 33.33
C GLY G 130 -14.40 -12.95 33.66
N GLU G 131 -13.23 -12.33 33.83
CA GLU G 131 -13.14 -10.93 34.19
C GLU G 131 -12.07 -10.22 33.37
N SER G 132 -11.68 -9.02 33.82
CA SER G 132 -10.70 -8.23 33.09
C SER G 132 -9.65 -7.65 34.03
N MET G 133 -8.54 -7.20 33.45
CA MET G 133 -7.45 -6.60 34.20
C MET G 133 -6.79 -5.50 33.38
N ARG G 134 -6.22 -4.52 34.08
CA ARG G 134 -5.54 -3.41 33.43
C ARG G 134 -4.28 -3.05 34.21
N ILE G 135 -3.14 -3.15 33.55
CA ILE G 135 -1.86 -2.88 34.22
C ILE G 135 -1.04 -1.83 33.48
N SER G 136 -0.71 -0.76 34.19
CA SER G 136 -0.01 0.37 33.59
C SER G 136 1.51 0.20 33.61
N CYS G 137 2.20 1.11 32.94
CA CYS G 137 3.66 1.09 32.85
C CYS G 137 4.18 2.45 32.40
N ARG G 138 4.77 3.20 33.34
CA ARG G 138 5.27 4.54 33.05
C ARG G 138 6.74 4.49 32.66
N ALA G 139 7.08 5.19 31.57
CA ALA G 139 8.44 5.19 31.04
C ALA G 139 9.17 6.50 31.33
N SER G 140 10.50 6.46 31.31
CA SER G 140 11.31 7.65 31.53
C SER G 140 12.68 7.50 30.91
N GLY G 141 13.37 8.64 30.77
CA GLY G 141 14.74 8.65 30.28
C GLY G 141 14.88 8.67 28.78
N TYR G 142 13.77 8.53 28.07
CA TYR G 142 13.78 8.56 26.62
C TYR G 142 12.49 9.15 26.08
N GLU G 143 12.49 9.56 24.82
CA GLU G 143 11.30 10.11 24.21
C GLU G 143 10.30 8.99 23.98
N PHE G 144 9.23 9.01 24.76
CA PHE G 144 8.21 7.97 24.79
C PHE G 144 7.69 7.56 23.41
N ILE G 145 7.68 8.49 22.46
CA ILE G 145 7.13 8.26 21.13
C ILE G 145 8.11 7.55 20.21
N ASP G 146 9.38 7.96 20.28
CA ASP G 146 10.39 7.51 19.33
C ASP G 146 10.65 6.01 19.33
N CYS G 147 10.33 5.32 20.42
CA CYS G 147 10.67 3.90 20.52
C CYS G 147 9.46 3.00 20.81
N THR G 148 9.56 1.75 20.35
CA THR G 148 8.47 0.78 20.44
C THR G 148 8.52 -0.02 21.75
N LEU G 149 7.35 -0.16 22.38
CA LEU G 149 7.23 -0.89 23.64
C LEU G 149 6.45 -2.20 23.48
N ASN G 150 6.89 -3.23 24.20
CA ASN G 150 6.27 -4.55 24.12
C ASN G 150 5.68 -5.00 25.46
N TRP G 151 4.91 -6.08 25.43
CA TRP G 151 4.39 -6.69 26.64
C TRP G 151 4.69 -8.19 26.67
N ILE G 152 5.69 -8.59 27.45
CA ILE G 152 6.09 -9.99 27.54
C ILE G 152 5.82 -10.55 28.94
N ARG G 153 4.79 -11.39 29.05
CA ARG G 153 4.42 -12.00 30.32
C ARG G 153 5.12 -13.35 30.48
N LEU G 154 5.30 -13.78 31.72
CA LEU G 154 5.95 -15.05 31.98
C LEU G 154 5.14 -15.91 32.94
N ALA G 155 4.69 -17.06 32.43
CA ALA G 155 3.90 -18.02 33.18
C ALA G 155 4.80 -19.16 33.69
N PRO G 156 4.29 -20.03 34.58
CA PRO G 156 5.15 -21.12 35.07
C PRO G 156 5.63 -22.09 33.98
N GLY G 157 6.94 -22.07 33.72
CA GLY G 157 7.57 -23.09 32.90
C GLY G 157 7.53 -22.89 31.38
N LYS G 158 6.58 -22.10 30.90
CA LYS G 158 6.43 -21.90 29.47
C LYS G 158 7.40 -20.84 28.96
N ARG G 159 7.66 -20.85 27.66
CA ARG G 159 8.52 -19.85 27.03
C ARG G 159 7.92 -18.46 27.23
N PRO G 160 8.78 -17.45 27.45
CA PRO G 160 8.34 -16.07 27.65
C PRO G 160 7.43 -15.60 26.52
N GLU G 161 6.17 -15.32 26.86
CA GLU G 161 5.15 -15.05 25.84
C GLU G 161 5.04 -13.56 25.49
N TRP G 162 5.34 -13.23 24.25
CA TRP G 162 5.15 -11.88 23.74
C TRP G 162 3.73 -11.70 23.24
N MET G 163 3.10 -10.60 23.60
CA MET G 163 1.69 -10.41 23.31
C MET G 163 1.41 -9.38 22.22
N GLY G 164 2.29 -8.39 22.10
CA GLY G 164 2.14 -7.38 21.08
C GLY G 164 3.00 -6.15 21.29
N TRP G 165 3.45 -5.53 20.19
CA TRP G 165 4.19 -4.28 20.34
C TRP G 165 3.26 -3.08 20.17
N LEU G 166 3.69 -1.96 20.73
CA LEU G 166 2.94 -0.73 20.68
C LEU G 166 3.85 0.41 20.26
N LYS G 167 3.52 1.04 19.13
CA LYS G 167 4.25 2.22 18.69
C LYS G 167 3.47 3.45 19.11
N PRO G 168 3.96 4.17 20.13
CA PRO G 168 3.25 5.28 20.77
C PRO G 168 3.14 6.53 19.92
N ARG G 169 3.44 6.44 18.63
CA ARG G 169 3.26 7.58 17.74
C ARG G 169 1.78 7.81 17.50
N GLY G 170 1.13 6.84 16.88
CA GLY G 170 -0.29 6.91 16.61
C GLY G 170 -1.03 5.69 17.13
N GLY G 171 -0.51 5.10 18.20
CA GLY G 171 -1.12 3.95 18.83
C GLY G 171 -1.11 2.71 17.97
N ALA G 172 -0.25 2.67 16.96
CA ALA G 172 -0.13 1.52 16.08
C ALA G 172 0.26 0.29 16.88
N VAL G 173 -0.40 -0.83 16.60
CA VAL G 173 -0.22 -2.04 17.39
C VAL G 173 -0.13 -3.30 16.53
N ASN G 174 0.35 -4.38 17.14
CA ASN G 174 0.47 -5.68 16.48
C ASN G 174 0.40 -6.82 17.47
N TYR G 175 -0.79 -7.38 17.64
CA TYR G 175 -1.04 -8.39 18.67
C TYR G 175 -0.70 -9.82 18.20
N CYS G 176 -0.33 -10.67 19.16
CA CYS G 176 -0.02 -12.07 18.91
C CYS G 176 -1.33 -12.84 18.64
N ARG G 177 -1.28 -13.82 17.74
CA ARG G 177 -2.49 -14.50 17.26
C ARG G 177 -3.41 -15.08 18.37
N PRO G 178 -2.86 -15.85 19.33
CA PRO G 178 -3.75 -16.40 20.36
C PRO G 178 -4.46 -15.35 21.22
N LEU G 179 -3.89 -14.14 21.28
CA LEU G 179 -4.46 -13.09 22.11
C LEU G 179 -5.33 -12.12 21.33
N GLN G 180 -5.49 -12.38 20.04
CA GLN G 180 -6.33 -11.55 19.19
C GLN G 180 -7.79 -11.61 19.61
N GLY G 181 -8.25 -10.58 20.32
CA GLY G 181 -9.62 -10.50 20.79
C GLY G 181 -9.72 -10.08 22.26
N ARG G 182 -8.77 -10.55 23.06
CA ARG G 182 -8.75 -10.25 24.49
C ARG G 182 -7.84 -9.06 24.81
N VAL G 183 -6.70 -9.01 24.13
CA VAL G 183 -5.68 -8.01 24.41
C VAL G 183 -6.06 -6.64 23.86
N THR G 184 -5.62 -5.59 24.54
CA THR G 184 -5.84 -4.21 24.08
C THR G 184 -4.79 -3.27 24.65
N MET G 185 -3.76 -2.99 23.87
CA MET G 185 -2.65 -2.15 24.30
C MET G 185 -2.85 -0.70 23.88
N THR G 186 -2.94 0.19 24.86
CA THR G 186 -3.09 1.61 24.60
C THR G 186 -1.97 2.38 25.30
N ARG G 187 -2.04 3.71 25.21
CA ARG G 187 -1.06 4.56 25.89
C ARG G 187 -1.56 5.99 26.04
N ASP G 188 -1.22 6.61 27.17
CA ASP G 188 -1.40 8.04 27.32
C ASP G 188 -0.07 8.69 27.01
N VAL G 189 0.03 9.29 25.83
CA VAL G 189 1.26 9.89 25.36
C VAL G 189 1.62 11.13 26.18
N TYR G 190 0.66 11.61 26.97
CA TYR G 190 0.85 12.81 27.78
C TYR G 190 1.47 12.47 29.13
N SER G 191 1.00 11.40 29.75
CA SER G 191 1.55 10.96 31.01
C SER G 191 2.64 9.92 30.77
N ASP G 192 2.94 9.68 29.50
CA ASP G 192 3.96 8.71 29.08
C ASP G 192 3.71 7.32 29.65
N THR G 193 2.43 6.96 29.79
CA THR G 193 2.05 5.69 30.40
C THR G 193 1.57 4.69 29.35
N ALA G 194 2.01 3.44 29.51
CA ALA G 194 1.59 2.36 28.61
C ALA G 194 0.54 1.48 29.29
N PHE G 195 -0.59 1.29 28.61
CA PHE G 195 -1.70 0.55 29.19
C PHE G 195 -2.01 -0.74 28.44
N LEU G 196 -2.42 -1.75 29.19
CA LEU G 196 -2.85 -3.01 28.60
C LEU G 196 -4.05 -3.59 29.35
N GLU G 197 -5.12 -3.85 28.60
CA GLU G 197 -6.31 -4.50 29.13
C GLU G 197 -6.38 -5.94 28.64
N LEU G 198 -6.83 -6.84 29.50
CA LEU G 198 -6.94 -8.26 29.15
C LEU G 198 -8.22 -8.87 29.74
N ARG G 199 -9.25 -8.96 28.92
CA ARG G 199 -10.54 -9.48 29.35
C ARG G 199 -10.66 -11.00 29.17
N SER G 200 -11.78 -11.56 29.62
CA SER G 200 -12.07 -12.99 29.51
C SER G 200 -10.95 -13.82 30.16
N LEU G 201 -10.72 -13.55 31.43
CA LEU G 201 -9.57 -14.11 32.14
C LEU G 201 -9.62 -15.62 32.33
N THR G 202 -8.44 -16.19 32.55
CA THR G 202 -8.26 -17.62 32.72
C THR G 202 -7.21 -17.84 33.81
N VAL G 203 -7.17 -19.04 34.39
CA VAL G 203 -6.14 -19.35 35.36
C VAL G 203 -4.84 -19.68 34.63
N ASP G 204 -4.94 -19.92 33.32
CA ASP G 204 -3.79 -20.27 32.51
C ASP G 204 -3.08 -19.03 31.96
N ASP G 205 -3.83 -17.98 31.68
CA ASP G 205 -3.21 -16.76 31.18
C ASP G 205 -2.60 -15.96 32.33
N THR G 206 -2.68 -16.51 33.54
CA THR G 206 -2.07 -15.90 34.71
C THR G 206 -0.56 -15.90 34.56
N ALA G 207 0.07 -14.77 34.89
CA ALA G 207 1.52 -14.62 34.74
C ALA G 207 2.01 -13.32 35.37
N VAL G 208 3.32 -13.13 35.36
CA VAL G 208 3.92 -11.85 35.73
C VAL G 208 4.14 -11.07 34.45
N TYR G 209 3.80 -9.79 34.46
CA TYR G 209 3.84 -8.99 33.23
C TYR G 209 4.96 -7.96 33.22
N PHE G 210 5.61 -7.83 32.06
CA PHE G 210 6.79 -6.98 31.90
C PHE G 210 6.69 -6.10 30.64
N CYS G 211 6.56 -4.79 30.81
CA CYS G 211 6.66 -3.89 29.67
C CYS G 211 8.12 -3.80 29.25
N THR G 212 8.39 -3.87 27.95
CA THR G 212 9.76 -4.01 27.47
C THR G 212 10.04 -3.24 26.18
N ARG G 213 11.05 -2.38 26.22
CA ARG G 213 11.51 -1.72 25.00
C ARG G 213 12.91 -2.21 24.64
N GLY G 214 13.23 -2.17 23.36
CA GLY G 214 14.47 -2.74 22.86
C GLY G 214 15.74 -1.99 23.23
N LYS G 215 16.84 -2.35 22.59
CA LYS G 215 18.11 -1.66 22.76
C LYS G 215 18.02 -0.26 22.17
N ASN G 216 17.57 -0.20 20.93
CA ASN G 216 17.42 1.05 20.21
C ASN G 216 16.11 1.10 19.44
N CYS G 217 15.84 2.22 18.79
CA CYS G 217 14.59 2.40 18.05
C CYS G 217 14.72 1.84 16.64
N ASP G 218 15.91 1.36 16.29
CA ASP G 218 16.12 0.76 14.98
C ASP G 218 15.84 -0.73 15.00
N TYR G 219 15.64 -1.27 16.21
CA TYR G 219 15.37 -2.70 16.36
C TYR G 219 14.72 -3.00 17.71
N ASN G 220 13.50 -3.54 17.64
CA ASN G 220 12.66 -3.71 18.82
C ASN G 220 13.02 -4.93 19.64
N TRP G 221 13.68 -5.90 19.00
CA TRP G 221 13.75 -7.26 19.55
C TRP G 221 14.94 -7.56 20.47
N ASP G 222 15.81 -6.59 20.69
CA ASP G 222 16.89 -6.76 21.66
C ASP G 222 16.48 -6.06 22.95
N PHE G 223 15.78 -6.79 23.81
CA PHE G 223 15.18 -6.22 25.00
C PHE G 223 16.17 -5.99 26.13
N GLU G 224 17.00 -4.95 26.02
CA GLU G 224 17.93 -4.64 27.09
C GLU G 224 17.20 -4.04 28.28
N HIS G 225 16.14 -3.31 28.00
CA HIS G 225 15.40 -2.61 29.05
C HIS G 225 14.08 -3.30 29.37
N TRP G 226 14.01 -3.92 30.54
CA TRP G 226 12.78 -4.52 31.05
C TRP G 226 12.27 -3.71 32.24
N GLY G 227 10.96 -3.74 32.46
CA GLY G 227 10.39 -3.14 33.64
C GLY G 227 10.35 -4.14 34.76
N ARG G 228 10.22 -3.66 36.00
CA ARG G 228 10.12 -4.55 37.15
C ARG G 228 8.80 -5.30 37.10
N GLY G 229 8.85 -6.60 37.36
CA GLY G 229 7.69 -7.47 37.21
C GLY G 229 6.44 -7.10 38.01
N THR G 230 5.29 -7.18 37.34
CA THR G 230 4.00 -6.97 37.99
C THR G 230 3.26 -8.30 38.07
N PRO G 231 2.97 -8.76 39.30
CA PRO G 231 2.42 -10.09 39.53
C PRO G 231 0.90 -10.15 39.69
N VAL G 232 0.20 -10.65 38.66
CA VAL G 232 -1.24 -10.79 38.77
C VAL G 232 -1.59 -12.23 39.14
N ILE G 233 -2.58 -12.38 40.01
CA ILE G 233 -2.94 -13.67 40.56
C ILE G 233 -4.37 -14.06 40.20
N VAL G 234 -4.51 -15.18 39.50
CA VAL G 234 -5.84 -15.69 39.13
C VAL G 234 -5.92 -17.20 39.40
N VAL H 3 9.83 -23.24 16.19
CA VAL H 3 10.78 -22.52 15.33
C VAL H 3 12.19 -22.59 15.90
N LEU H 4 12.29 -22.50 17.23
CA LEU H 4 13.58 -22.58 17.91
C LEU H 4 13.65 -23.78 18.83
N THR H 5 14.47 -24.77 18.46
CA THR H 5 14.66 -25.94 19.29
C THR H 5 15.89 -25.74 20.19
N GLN H 6 15.67 -25.07 21.32
CA GLN H 6 16.77 -24.73 22.22
C GLN H 6 17.33 -25.96 22.92
N SER H 7 18.36 -26.56 22.32
CA SER H 7 19.02 -27.73 22.89
C SER H 7 20.17 -27.29 23.80
N PRO H 8 20.38 -27.99 24.93
CA PRO H 8 19.66 -29.18 25.38
C PRO H 8 18.40 -28.85 26.17
N GLY H 9 17.77 -29.89 26.73
CA GLY H 9 16.57 -29.71 27.53
C GLY H 9 16.83 -28.98 28.83
N THR H 10 17.53 -29.63 29.75
CA THR H 10 17.90 -29.03 31.02
C THR H 10 19.23 -29.60 31.50
N LEU H 11 20.09 -28.75 32.06
CA LEU H 11 21.42 -29.19 32.48
C LEU H 11 22.06 -28.29 33.52
N SER H 12 22.13 -28.78 34.76
CA SER H 12 22.76 -28.03 35.86
C SER H 12 24.10 -28.65 36.22
N LEU H 13 25.08 -27.82 36.56
CA LEU H 13 26.40 -28.31 36.91
C LEU H 13 27.17 -27.38 37.84
N SER H 14 28.37 -27.83 38.23
CA SER H 14 29.20 -27.18 39.24
C SER H 14 29.70 -25.80 38.81
N PRO H 15 30.13 -24.96 39.78
CA PRO H 15 30.68 -23.63 39.48
C PRO H 15 31.99 -23.66 38.67
N GLY H 16 32.69 -24.79 38.69
CA GLY H 16 33.96 -24.90 38.01
C GLY H 16 33.86 -25.17 36.52
N GLU H 17 33.05 -26.16 36.15
CA GLU H 17 32.92 -26.56 34.75
C GLU H 17 32.25 -25.49 33.91
N THR H 18 32.82 -25.25 32.72
CA THR H 18 32.31 -24.23 31.81
C THR H 18 31.11 -24.76 31.04
N ALA H 19 30.00 -24.03 31.11
CA ALA H 19 28.74 -24.47 30.51
C ALA H 19 28.58 -24.03 29.05
N ILE H 20 27.80 -24.79 28.29
CA ILE H 20 27.55 -24.53 26.87
C ILE H 20 26.07 -24.74 26.51
N ILE H 21 25.41 -23.72 25.97
CA ILE H 21 24.02 -23.85 25.53
C ILE H 21 23.87 -23.46 24.05
N SER H 22 23.24 -24.32 23.28
CA SER H 22 23.06 -24.07 21.85
C SER H 22 21.61 -23.74 21.49
N CYS H 23 21.36 -23.45 20.22
CA CYS H 23 20.01 -23.11 19.75
C CYS H 23 19.90 -23.28 18.24
N ARG H 24 19.00 -24.15 17.80
CA ARG H 24 18.78 -24.41 16.38
C ARG H 24 17.99 -23.26 15.76
N THR H 25 18.06 -23.13 14.43
CA THR H 25 17.43 -22.01 13.74
C THR H 25 16.69 -22.46 12.47
N SER H 26 15.46 -21.96 12.31
CA SER H 26 14.67 -22.23 11.12
C SER H 26 15.06 -21.29 9.99
N GLN H 27 14.81 -20.00 10.18
CA GLN H 27 15.15 -18.98 9.19
C GLN H 27 16.07 -17.93 9.82
N TYR H 28 16.81 -17.21 8.98
CA TYR H 28 17.79 -16.22 9.45
C TYR H 28 17.19 -15.17 10.38
N GLY H 29 17.98 -14.68 11.32
CA GLY H 29 17.53 -13.67 12.25
C GLY H 29 18.42 -13.53 13.47
N SER H 30 18.51 -12.32 14.00
CA SER H 30 19.35 -12.03 15.18
C SER H 30 18.95 -12.88 16.38
N LEU H 31 19.92 -13.55 16.99
CA LEU H 31 19.65 -14.45 18.09
C LEU H 31 20.27 -13.96 19.40
N ALA H 32 19.42 -13.79 20.42
CA ALA H 32 19.85 -13.25 21.71
C ALA H 32 19.55 -14.23 22.86
N TRP H 33 19.99 -13.87 24.07
CA TRP H 33 19.80 -14.72 25.25
C TRP H 33 19.49 -13.87 26.50
N TYR H 34 18.76 -14.44 27.45
CA TYR H 34 18.38 -13.74 28.69
C TYR H 34 18.42 -14.68 29.90
N GLN H 35 18.85 -14.18 31.06
CA GLN H 35 18.85 -14.98 32.29
C GLN H 35 17.84 -14.47 33.32
N GLN H 36 16.90 -15.33 33.68
CA GLN H 36 15.87 -14.99 34.66
C GLN H 36 16.32 -15.34 36.08
N ARG H 37 16.92 -14.37 36.76
CA ARG H 37 17.39 -14.54 38.13
C ARG H 37 16.25 -14.41 39.13
N PRO H 38 16.45 -14.86 40.38
CA PRO H 38 15.38 -14.76 41.37
C PRO H 38 14.92 -13.32 41.62
N GLY H 39 13.63 -13.08 41.40
CA GLY H 39 13.04 -11.78 41.62
C GLY H 39 13.25 -10.81 40.47
N GLN H 40 14.36 -10.98 39.75
CA GLN H 40 14.71 -10.06 38.68
C GLN H 40 13.98 -10.39 37.38
N ALA H 41 14.17 -9.53 36.38
CA ALA H 41 13.62 -9.73 35.06
C ALA H 41 14.68 -10.38 34.18
N PRO H 42 14.27 -11.00 33.05
CA PRO H 42 15.26 -11.58 32.13
C PRO H 42 16.24 -10.53 31.61
N ARG H 43 17.45 -10.51 32.18
CA ARG H 43 18.46 -9.55 31.80
C ARG H 43 19.16 -9.95 30.50
N LEU H 44 19.32 -8.99 29.59
CA LEU H 44 20.02 -9.22 28.33
C LEU H 44 21.50 -9.43 28.58
N VAL H 45 22.05 -10.52 28.04
CA VAL H 45 23.44 -10.86 28.27
C VAL H 45 24.25 -10.89 26.96
N ILE H 46 23.65 -11.45 25.92
CA ILE H 46 24.26 -11.57 24.58
C ILE H 46 23.16 -11.36 23.54
N TYR H 47 23.31 -10.40 22.64
CA TYR H 47 22.18 -10.09 21.77
C TYR H 47 22.36 -10.33 20.26
N SER H 48 23.40 -9.78 19.65
CA SER H 48 23.55 -9.96 18.20
C SER H 48 24.04 -11.36 17.90
N GLY H 49 24.79 -11.93 18.84
CA GLY H 49 25.37 -13.24 18.68
C GLY H 49 26.67 -13.31 19.45
N SER H 50 27.58 -12.39 19.12
CA SER H 50 28.87 -12.31 19.80
C SER H 50 28.94 -11.02 20.61
N THR H 51 27.87 -10.25 20.57
CA THR H 51 27.87 -8.92 21.20
C THR H 51 27.29 -8.96 22.62
N ARG H 52 28.01 -8.37 23.57
CA ARG H 52 27.60 -8.34 24.97
C ARG H 52 26.77 -7.11 25.31
N ALA H 53 25.93 -7.23 26.34
CA ALA H 53 25.09 -6.12 26.78
C ALA H 53 25.80 -5.27 27.81
N ALA H 54 25.08 -4.32 28.38
CA ALA H 54 25.65 -3.39 29.35
C ALA H 54 25.99 -4.08 30.67
N GLY H 55 27.28 -4.16 30.98
CA GLY H 55 27.74 -4.68 32.25
C GLY H 55 27.98 -6.19 32.24
N ILE H 56 27.99 -6.78 31.04
CA ILE H 56 28.22 -8.21 30.92
C ILE H 56 29.71 -8.51 30.75
N PRO H 57 30.26 -9.34 31.64
CA PRO H 57 31.70 -9.65 31.66
C PRO H 57 32.13 -10.60 30.55
N ASP H 58 33.44 -10.80 30.43
CA ASP H 58 34.01 -11.63 29.36
C ASP H 58 33.66 -13.10 29.50
N ARG H 59 33.22 -13.50 30.69
CA ARG H 59 32.83 -14.88 30.95
C ARG H 59 31.86 -15.37 29.88
N PHE H 60 30.80 -14.60 29.67
CA PHE H 60 29.79 -14.90 28.66
C PHE H 60 30.35 -14.69 27.27
N SER H 61 30.17 -15.66 26.39
CA SER H 61 30.67 -15.57 25.02
C SER H 61 29.82 -16.38 24.04
N GLY H 62 29.31 -15.71 23.01
CA GLY H 62 28.50 -16.36 22.00
C GLY H 62 29.28 -16.68 20.73
N SER H 63 28.87 -17.74 20.03
CA SER H 63 29.62 -18.21 18.87
C SER H 63 28.79 -19.02 17.86
N ARG H 64 29.46 -19.43 16.78
CA ARG H 64 28.96 -20.33 15.72
C ARG H 64 28.27 -19.61 14.55
N TRP H 65 28.37 -20.24 13.38
CA TRP H 65 27.85 -19.75 12.11
C TRP H 65 26.78 -20.74 11.65
N GLY H 66 25.85 -20.29 10.84
CA GLY H 66 24.82 -21.17 10.33
C GLY H 66 23.66 -21.38 11.29
N PRO H 67 22.90 -22.47 11.09
CA PRO H 67 21.68 -22.74 11.88
C PRO H 67 21.88 -22.77 13.39
N ASP H 68 23.02 -23.27 13.87
CA ASP H 68 23.22 -23.33 15.31
C ASP H 68 23.95 -22.10 15.83
N TYR H 69 23.75 -21.82 17.12
CA TYR H 69 24.39 -20.69 17.80
C TYR H 69 24.61 -21.00 19.27
N ASN H 70 25.83 -20.77 19.75
CA ASN H 70 26.22 -21.17 21.10
C ASN H 70 26.30 -20.02 22.12
N LEU H 71 26.36 -20.38 23.40
CA LEU H 71 26.52 -19.41 24.49
C LEU H 71 27.37 -20.01 25.60
N THR H 72 28.54 -19.41 25.85
CA THR H 72 29.53 -20.00 26.74
C THR H 72 29.96 -19.09 27.90
N ILE H 73 29.90 -19.62 29.12
CA ILE H 73 30.37 -18.90 30.30
C ILE H 73 31.17 -19.80 31.24
N SER H 74 32.34 -19.31 31.62
CA SER H 74 33.14 -19.98 32.65
C SER H 74 33.09 -19.13 33.90
N ASN H 75 33.66 -19.65 35.00
CA ASN H 75 33.64 -18.96 36.29
C ASN H 75 32.20 -18.68 36.72
N LEU H 76 31.47 -19.75 37.00
CA LEU H 76 30.05 -19.64 37.37
C LEU H 76 29.90 -19.33 38.85
N GLU H 77 28.77 -18.72 39.21
CA GLU H 77 28.54 -18.31 40.59
C GLU H 77 27.10 -18.55 41.01
N SER H 78 26.83 -18.36 42.30
CA SER H 78 25.46 -18.41 42.83
C SER H 78 24.67 -17.21 42.33
N GLY H 79 25.40 -16.17 41.92
CA GLY H 79 24.79 -14.98 41.35
C GLY H 79 24.60 -15.15 39.86
N ASP H 80 25.00 -16.32 39.34
CA ASP H 80 24.78 -16.66 37.95
C ASP H 80 23.76 -17.78 37.84
N PHE H 81 22.91 -17.90 38.86
CA PHE H 81 21.86 -18.89 38.86
C PHE H 81 20.58 -18.30 38.31
N GLY H 82 19.74 -19.15 37.73
CA GLY H 82 18.52 -18.72 37.07
C GLY H 82 18.39 -19.46 35.75
N VAL H 83 17.27 -19.26 35.06
CA VAL H 83 17.02 -19.96 33.81
C VAL H 83 17.21 -19.06 32.59
N TYR H 84 17.96 -19.55 31.61
CA TYR H 84 18.25 -18.81 30.38
C TYR H 84 17.18 -19.03 29.32
N TYR H 85 17.20 -18.20 28.28
CA TYR H 85 16.25 -18.32 27.17
C TYR H 85 16.89 -17.94 25.85
N CYS H 86 16.38 -18.51 24.76
CA CYS H 86 16.90 -18.26 23.41
C CYS H 86 15.88 -17.54 22.54
N GLN H 87 16.15 -16.27 22.23
CA GLN H 87 15.20 -15.45 21.49
C GLN H 87 15.59 -15.23 20.03
N GLN H 88 14.60 -15.30 19.15
CA GLN H 88 14.75 -14.90 17.76
C GLN H 88 13.46 -14.22 17.32
N TYR H 89 13.55 -12.94 16.97
CA TYR H 89 12.38 -12.10 16.69
C TYR H 89 11.42 -12.12 17.89
N GLU H 90 10.19 -12.56 17.66
CA GLU H 90 9.23 -12.70 18.75
C GLU H 90 9.17 -14.13 19.26
N PHE H 91 10.02 -14.99 18.70
CA PHE H 91 10.04 -16.40 19.05
C PHE H 91 11.11 -16.71 20.08
N PHE H 92 10.70 -17.35 21.17
CA PHE H 92 11.61 -17.75 22.24
C PHE H 92 11.91 -19.25 22.19
N GLY H 93 12.92 -19.66 22.96
CA GLY H 93 13.29 -21.07 23.05
C GLY H 93 12.85 -21.66 24.37
N GLN H 94 12.91 -22.98 24.48
CA GLN H 94 12.46 -23.70 25.68
C GLN H 94 13.07 -23.15 26.96
N GLY H 95 14.40 -23.16 27.04
CA GLY H 95 15.10 -22.64 28.20
C GLY H 95 15.92 -23.68 28.94
N THR H 96 17.08 -23.27 29.43
CA THR H 96 17.98 -24.17 30.16
C THR H 96 18.49 -23.47 31.42
N LYS H 97 18.70 -24.24 32.49
CA LYS H 97 18.95 -23.66 33.81
C LYS H 97 20.19 -24.22 34.52
N VAL H 98 20.80 -23.39 35.38
CA VAL H 98 21.85 -23.83 36.29
C VAL H 98 21.46 -23.49 37.73
N GLN H 99 21.49 -24.47 38.61
CA GLN H 99 21.02 -24.29 39.98
C GLN H 99 21.83 -25.09 40.99
N VAL H 100 21.30 -25.17 42.20
CA VAL H 100 21.91 -25.96 43.27
C VAL H 100 21.61 -27.44 43.08
#